data_5QH7
# 
_entry.id   5QH7 
# 
_audit_conform.dict_name       mmcif_pdbx.dic 
_audit_conform.dict_version    5.381 
_audit_conform.dict_location   http://mmcif.pdb.org/dictionaries/ascii/mmcif_pdbx.dic 
# 
loop_
_database_2.database_id 
_database_2.database_code 
_database_2.pdbx_database_accession 
_database_2.pdbx_DOI 
PDB   5QH7         pdb_00005qh7 10.2210/pdb5qh7/pdb 
WWPDB D_1001401944 ?            ?                   
# 
_pdbx_database_status.entry_id                        5QH7 
_pdbx_database_status.status_code                     REL 
_pdbx_database_status.status_code_sf                  REL 
_pdbx_database_status.status_code_mr                  ? 
_pdbx_database_status.status_code_cs                  ? 
_pdbx_database_status.recvd_initial_deposition_date   2018-05-15 
_pdbx_database_status.deposit_site                    RCSB 
_pdbx_database_status.process_site                    RCSB 
_pdbx_database_status.SG_entry                        ? 
_pdbx_database_status.pdb_format_compatible           Y 
_pdbx_database_status.methods_development_category    ? 
_pdbx_database_status.status_code_nmr_data            ? 
# 
loop_
_audit_author.name 
_audit_author.pdbx_ordinal 
_audit_author.identifier_ORCID 
'Krojer, T.'         1  ? 
'Talon, R.'          2  ? 
'Fairhead, M.'       3  ? 
'Diaz Saez, L.'      4  ? 
'Bradley, A.R.'      5  ? 
'Aimon, A.'          6  ? 
'Collins, P.'        7  ? 
'Brandao-Neto, J.'   8  ? 
'Douangamath, A.'    9  ? 
'Ruda, G.F.'         10 ? 
'Szommer, T.'        11 ? 
'Srikannathasan, V.' 12 ? 
'Elkins, J.'         13 ? 
'Spencer, J.'        14 ? 
'London, N.'         15 ? 
'Nelson, A.'         16 ? 
'Brennan, P.E.'      17 ? 
'Huber, K.'          18 ? 
'Bountra, C.'        19 ? 
'Arrowsmith, C.H.'   20 ? 
'Edwards, A.'        21 ? 
'von Delft, F.'      22 ? 
# 
_citation.id                        primary 
_citation.title                     'PanDDA analysis group deposition of models with modelled events (e.g. bound ligands)' 
_citation.journal_abbrev            'To Be Published' 
_citation.journal_volume            ? 
_citation.page_first                ? 
_citation.page_last                 ? 
_citation.year                      ? 
_citation.journal_id_ASTM           ? 
_citation.country                   ? 
_citation.journal_id_ISSN           ? 
_citation.journal_id_CSD            0353 
_citation.book_publisher            ? 
_citation.pdbx_database_id_PubMed   ? 
_citation.pdbx_database_id_DOI      ? 
# 
loop_
_citation_author.citation_id 
_citation_author.name 
_citation_author.identifier_ORCID 
_citation_author.ordinal 
primary 'Krojer, T.'         ? 1  
primary 'Talon, R.'          ? 2  
primary 'Fairhead, M.'       ? 3  
primary 'Diaz Saez, L.'      ? 4  
primary 'Bradley, A.R.'      ? 5  
primary 'Aimon, A.'          ? 6  
primary 'Collins, P.'        ? 7  
primary 'Brandao-Neto, J.'   ? 8  
primary 'Douangamath, A.'    ? 9  
primary 'Ruda, G.F.'         ? 10 
primary 'Szommer, T.'        ? 11 
primary 'Srikannathasan, V.' ? 12 
primary 'Elkins, J.'         ? 13 
primary 'Spencer, J.'        ? 14 
primary 'London, N.'         ? 15 
primary 'Nelson, A.'         ? 16 
primary 'Brennan, P.E.'      ? 17 
primary 'Huber, K.'          ? 18 
primary 'Bountra, C.'        ? 19 
primary 'Arrowsmith, C.H.'   ? 20 
primary 'Edwards, A.'        ? 21 
primary 'von Delft, F.'      ? 22 
# 
_cell.entry_id           5QH7 
_cell.length_a           124.232 
_cell.length_b           124.232 
_cell.length_c           41.026 
_cell.angle_alpha        90.000 
_cell.angle_beta         90.000 
_cell.angle_gamma        120.000 
_cell.Z_PDB              6 
_cell.pdbx_unique_axis   ? 
# 
_symmetry.entry_id                         5QH7 
_symmetry.Int_Tables_number                150 
_symmetry.space_group_name_H-M             'P 3 2 1' 
_symmetry.pdbx_full_space_group_name_H-M   ? 
_symmetry.cell_setting                     ? 
# 
loop_
_entity.id 
_entity.type 
_entity.src_method 
_entity.pdbx_description 
_entity.formula_weight 
_entity.pdbx_number_of_molecules 
_entity.pdbx_ec 
_entity.pdbx_mutation 
_entity.pdbx_fragment 
_entity.details 
1 polymer     man 'Peroxisomal coenzyme A diphosphatase NUDT7'      22197.600 1   3.6.1.- ? ? ? 
2 non-polymer syn 'ACETATE ION'                                     59.044    2   ?       ? ? ? 
3 non-polymer syn 'DIMETHYL SULFOXIDE'                              78.133    2   ?       ? ? ? 
4 non-polymer syn '2-(3-methylphenyl)-N-(1,2-oxazol-3-yl)acetamide' 216.236   1   ?       ? ? ? 
5 water       nat water                                             18.015    154 ?       ? ? ? 
# 
_entity_name_com.entity_id   1 
_entity_name_com.name        'Nucleoside diphosphate-linked moiety X motif 7,Nudix motif 7' 
# 
_entity_poly.entity_id                      1 
_entity_poly.type                           'polypeptide(L)' 
_entity_poly.nstd_linkage                   no 
_entity_poly.nstd_monomer                   yes 
_entity_poly.pdbx_seq_one_letter_code       
;SMLDDAKARLRKYDIGGKYSHLPYNKYSVLLPLVAKEGKLHLLFTVRSEKLRRAPGEVCFPGGKRDPTDMDDAATALREA
QEEVGLR(HYP)HQVEVV(CSO)CLVPCLIDTDTLITPFVGLIDHNFQAQPNPAEVKDVFLVPLAYFLHPQVHDQHYVTR
LGHRFINHIFEYTNPEDGVTYQIKGMTANLAVLVAFIILEKKPT
;
_entity_poly.pdbx_seq_one_letter_code_can   
;SMLDDAKARLRKYDIGGKYSHLPYNKYSVLLPLVAKEGKLHLLFTVRSEKLRRAPGEVCFPGGKRDPTDMDDAATALREA
QEEVGLRPHQVEVVCCLVPCLIDTDTLITPFVGLIDHNFQAQPNPAEVKDVFLVPLAYFLHPQVHDQHYVTRLGHRFINH
IFEYTNPEDGVTYQIKGMTANLAVLVAFIILEKKPT
;
_entity_poly.pdbx_strand_id                 A 
_entity_poly.pdbx_target_identifier         ? 
# 
loop_
_entity_poly_seq.entity_id 
_entity_poly_seq.num 
_entity_poly_seq.mon_id 
_entity_poly_seq.hetero 
1 1   SER n 
1 2   MET n 
1 3   LEU n 
1 4   ASP n 
1 5   ASP n 
1 6   ALA n 
1 7   LYS n 
1 8   ALA n 
1 9   ARG n 
1 10  LEU n 
1 11  ARG n 
1 12  LYS n 
1 13  TYR n 
1 14  ASP n 
1 15  ILE n 
1 16  GLY n 
1 17  GLY n 
1 18  LYS n 
1 19  TYR n 
1 20  SER n 
1 21  HIS n 
1 22  LEU n 
1 23  PRO n 
1 24  TYR n 
1 25  ASN n 
1 26  LYS n 
1 27  TYR n 
1 28  SER n 
1 29  VAL n 
1 30  LEU n 
1 31  LEU n 
1 32  PRO n 
1 33  LEU n 
1 34  VAL n 
1 35  ALA n 
1 36  LYS n 
1 37  GLU n 
1 38  GLY n 
1 39  LYS n 
1 40  LEU n 
1 41  HIS n 
1 42  LEU n 
1 43  LEU n 
1 44  PHE n 
1 45  THR n 
1 46  VAL n 
1 47  ARG n 
1 48  SER n 
1 49  GLU n 
1 50  LYS n 
1 51  LEU n 
1 52  ARG n 
1 53  ARG n 
1 54  ALA n 
1 55  PRO n 
1 56  GLY n 
1 57  GLU n 
1 58  VAL n 
1 59  CYS n 
1 60  PHE n 
1 61  PRO n 
1 62  GLY n 
1 63  GLY n 
1 64  LYS n 
1 65  ARG n 
1 66  ASP n 
1 67  PRO n 
1 68  THR n 
1 69  ASP n 
1 70  MET n 
1 71  ASP n 
1 72  ASP n 
1 73  ALA n 
1 74  ALA n 
1 75  THR n 
1 76  ALA n 
1 77  LEU n 
1 78  ARG n 
1 79  GLU n 
1 80  ALA n 
1 81  GLN n 
1 82  GLU n 
1 83  GLU n 
1 84  VAL n 
1 85  GLY n 
1 86  LEU n 
1 87  ARG n 
1 88  HYP n 
1 89  HIS n 
1 90  GLN n 
1 91  VAL n 
1 92  GLU n 
1 93  VAL n 
1 94  VAL n 
1 95  CSO n 
1 96  CYS n 
1 97  LEU n 
1 98  VAL n 
1 99  PRO n 
1 100 CYS n 
1 101 LEU n 
1 102 ILE n 
1 103 ASP n 
1 104 THR n 
1 105 ASP n 
1 106 THR n 
1 107 LEU n 
1 108 ILE n 
1 109 THR n 
1 110 PRO n 
1 111 PHE n 
1 112 VAL n 
1 113 GLY n 
1 114 LEU n 
1 115 ILE n 
1 116 ASP n 
1 117 HIS n 
1 118 ASN n 
1 119 PHE n 
1 120 GLN n 
1 121 ALA n 
1 122 GLN n 
1 123 PRO n 
1 124 ASN n 
1 125 PRO n 
1 126 ALA n 
1 127 GLU n 
1 128 VAL n 
1 129 LYS n 
1 130 ASP n 
1 131 VAL n 
1 132 PHE n 
1 133 LEU n 
1 134 VAL n 
1 135 PRO n 
1 136 LEU n 
1 137 ALA n 
1 138 TYR n 
1 139 PHE n 
1 140 LEU n 
1 141 HIS n 
1 142 PRO n 
1 143 GLN n 
1 144 VAL n 
1 145 HIS n 
1 146 ASP n 
1 147 GLN n 
1 148 HIS n 
1 149 TYR n 
1 150 VAL n 
1 151 THR n 
1 152 ARG n 
1 153 LEU n 
1 154 GLY n 
1 155 HIS n 
1 156 ARG n 
1 157 PHE n 
1 158 ILE n 
1 159 ASN n 
1 160 HIS n 
1 161 ILE n 
1 162 PHE n 
1 163 GLU n 
1 164 TYR n 
1 165 THR n 
1 166 ASN n 
1 167 PRO n 
1 168 GLU n 
1 169 ASP n 
1 170 GLY n 
1 171 VAL n 
1 172 THR n 
1 173 TYR n 
1 174 GLN n 
1 175 ILE n 
1 176 LYS n 
1 177 GLY n 
1 178 MET n 
1 179 THR n 
1 180 ALA n 
1 181 ASN n 
1 182 LEU n 
1 183 ALA n 
1 184 VAL n 
1 185 LEU n 
1 186 VAL n 
1 187 ALA n 
1 188 PHE n 
1 189 ILE n 
1 190 ILE n 
1 191 LEU n 
1 192 GLU n 
1 193 LYS n 
1 194 LYS n 
1 195 PRO n 
1 196 THR n 
# 
_entity_src_gen.entity_id                          1 
_entity_src_gen.pdbx_src_id                        1 
_entity_src_gen.pdbx_alt_source_flag               sample 
_entity_src_gen.pdbx_seq_type                      'Biological sequence' 
_entity_src_gen.pdbx_beg_seq_num                   1 
_entity_src_gen.pdbx_end_seq_num                   196 
_entity_src_gen.gene_src_common_name               Human 
_entity_src_gen.gene_src_genus                     ? 
_entity_src_gen.pdbx_gene_src_gene                 NUDT7 
_entity_src_gen.gene_src_species                   ? 
_entity_src_gen.gene_src_strain                    ? 
_entity_src_gen.gene_src_tissue                    ? 
_entity_src_gen.gene_src_tissue_fraction           ? 
_entity_src_gen.gene_src_details                   ? 
_entity_src_gen.pdbx_gene_src_fragment             ? 
_entity_src_gen.pdbx_gene_src_scientific_name      'Homo sapiens' 
_entity_src_gen.pdbx_gene_src_ncbi_taxonomy_id     9606 
_entity_src_gen.pdbx_gene_src_variant              ? 
_entity_src_gen.pdbx_gene_src_cell_line            ? 
_entity_src_gen.pdbx_gene_src_atcc                 ? 
_entity_src_gen.pdbx_gene_src_organ                ? 
_entity_src_gen.pdbx_gene_src_organelle            ? 
_entity_src_gen.pdbx_gene_src_cell                 ? 
_entity_src_gen.pdbx_gene_src_cellular_location    ? 
_entity_src_gen.host_org_common_name               ? 
_entity_src_gen.pdbx_host_org_scientific_name      'Escherichia coli' 
_entity_src_gen.pdbx_host_org_ncbi_taxonomy_id     562 
_entity_src_gen.host_org_genus                     ? 
_entity_src_gen.pdbx_host_org_gene                 ? 
_entity_src_gen.pdbx_host_org_organ                ? 
_entity_src_gen.host_org_species                   ? 
_entity_src_gen.pdbx_host_org_tissue               ? 
_entity_src_gen.pdbx_host_org_tissue_fraction      ? 
_entity_src_gen.pdbx_host_org_strain               ? 
_entity_src_gen.pdbx_host_org_variant              ? 
_entity_src_gen.pdbx_host_org_cell_line            ? 
_entity_src_gen.pdbx_host_org_atcc                 ? 
_entity_src_gen.pdbx_host_org_culture_collection   ? 
_entity_src_gen.pdbx_host_org_cell                 ? 
_entity_src_gen.pdbx_host_org_organelle            ? 
_entity_src_gen.pdbx_host_org_cellular_location    ? 
_entity_src_gen.pdbx_host_org_vector_type          ? 
_entity_src_gen.pdbx_host_org_vector               ? 
_entity_src_gen.host_org_details                   ? 
_entity_src_gen.expression_system_id               ? 
_entity_src_gen.plasmid_name                       ? 
_entity_src_gen.plasmid_details                    ? 
_entity_src_gen.pdbx_description                   ? 
# 
_struct_ref.id                         1 
_struct_ref.db_name                    UNP 
_struct_ref.db_code                    NUDT7_HUMAN 
_struct_ref.pdbx_db_accession          P0C024 
_struct_ref.pdbx_db_isoform            ? 
_struct_ref.entity_id                  1 
_struct_ref.pdbx_seq_one_letter_code   
;SLLDDAKARLRKYDIGGKYSHLPYNKYSVLLPLVAKEGKLHLLFTVRSEKLRRAPGEVCFPGGKRDPTDMDDAATALREA
QEEVGLRPHQVEVVCCLVPCLIDTDTLITPFVGLIDHNFQAQPNPAEVKDVFLVPLAYFLHPQVHDQHYVTRLGHRFINH
IFEYTNPEDGVTYQIKGMTANLAVLVAFIILEKKPT
;
_struct_ref.pdbx_align_begin           14 
# 
_struct_ref_seq.align_id                      1 
_struct_ref_seq.ref_id                        1 
_struct_ref_seq.pdbx_PDB_id_code              5QH7 
_struct_ref_seq.pdbx_strand_id                A 
_struct_ref_seq.seq_align_beg                 1 
_struct_ref_seq.pdbx_seq_align_beg_ins_code   ? 
_struct_ref_seq.seq_align_end                 196 
_struct_ref_seq.pdbx_seq_align_end_ins_code   ? 
_struct_ref_seq.pdbx_db_accession             P0C024 
_struct_ref_seq.db_align_beg                  14 
_struct_ref_seq.pdbx_db_align_beg_ins_code    ? 
_struct_ref_seq.db_align_end                  209 
_struct_ref_seq.pdbx_db_align_end_ins_code    ? 
_struct_ref_seq.pdbx_auth_seq_align_beg       15 
_struct_ref_seq.pdbx_auth_seq_align_end       210 
# 
_struct_ref_seq_dif.align_id                     1 
_struct_ref_seq_dif.pdbx_pdb_id_code             5QH7 
_struct_ref_seq_dif.mon_id                       MET 
_struct_ref_seq_dif.pdbx_pdb_strand_id           A 
_struct_ref_seq_dif.seq_num                      2 
_struct_ref_seq_dif.pdbx_pdb_ins_code            ? 
_struct_ref_seq_dif.pdbx_seq_db_name             UNP 
_struct_ref_seq_dif.pdbx_seq_db_accession_code   P0C024 
_struct_ref_seq_dif.db_mon_id                    LEU 
_struct_ref_seq_dif.pdbx_seq_db_seq_num          15 
_struct_ref_seq_dif.details                      conflict 
_struct_ref_seq_dif.pdbx_auth_seq_num            16 
_struct_ref_seq_dif.pdbx_ordinal                 1 
# 
loop_
_chem_comp.id 
_chem_comp.type 
_chem_comp.mon_nstd_flag 
_chem_comp.name 
_chem_comp.pdbx_synonyms 
_chem_comp.formula 
_chem_comp.formula_weight 
ACT non-polymer         . 'ACETATE ION'                                     ?              'C2 H3 O2 -1'    59.044  
ALA 'L-peptide linking' y ALANINE                                           ?              'C3 H7 N O2'     89.093  
ARG 'L-peptide linking' y ARGININE                                          ?              'C6 H15 N4 O2 1' 175.209 
ASN 'L-peptide linking' y ASPARAGINE                                        ?              'C4 H8 N2 O3'    132.118 
ASP 'L-peptide linking' y 'ASPARTIC ACID'                                   ?              'C4 H7 N O4'     133.103 
CSO 'L-peptide linking' n S-HYDROXYCYSTEINE                                 ?              'C3 H7 N O3 S'   137.158 
CYS 'L-peptide linking' y CYSTEINE                                          ?              'C3 H7 N O2 S'   121.158 
DMS non-polymer         . 'DIMETHYL SULFOXIDE'                              ?              'C2 H6 O S'      78.133  
GLN 'L-peptide linking' y GLUTAMINE                                         ?              'C5 H10 N2 O3'   146.144 
GLU 'L-peptide linking' y 'GLUTAMIC ACID'                                   ?              'C5 H9 N O4'     147.129 
GLY 'peptide linking'   y GLYCINE                                           ?              'C2 H5 N O2'     75.067  
H0G non-polymer         . '2-(3-methylphenyl)-N-(1,2-oxazol-3-yl)acetamide' ?              'C12 H12 N2 O2'  216.236 
HIS 'L-peptide linking' y HISTIDINE                                         ?              'C6 H10 N3 O2 1' 156.162 
HOH non-polymer         . WATER                                             ?              'H2 O'           18.015  
HYP 'L-peptide linking' n 4-HYDROXYPROLINE                                  HYDROXYPROLINE 'C5 H9 N O3'     131.130 
ILE 'L-peptide linking' y ISOLEUCINE                                        ?              'C6 H13 N O2'    131.173 
LEU 'L-peptide linking' y LEUCINE                                           ?              'C6 H13 N O2'    131.173 
LYS 'L-peptide linking' y LYSINE                                            ?              'C6 H15 N2 O2 1' 147.195 
MET 'L-peptide linking' y METHIONINE                                        ?              'C5 H11 N O2 S'  149.211 
PHE 'L-peptide linking' y PHENYLALANINE                                     ?              'C9 H11 N O2'    165.189 
PRO 'L-peptide linking' y PROLINE                                           ?              'C5 H9 N O2'     115.130 
SER 'L-peptide linking' y SERINE                                            ?              'C3 H7 N O3'     105.093 
THR 'L-peptide linking' y THREONINE                                         ?              'C4 H9 N O3'     119.119 
TYR 'L-peptide linking' y TYROSINE                                          ?              'C9 H11 N O3'    181.189 
VAL 'L-peptide linking' y VALINE                                            ?              'C5 H11 N O2'    117.146 
# 
_exptl.crystals_number   1 
_exptl.entry_id          5QH7 
_exptl.method            'X-RAY DIFFRACTION' 
# 
_exptl_crystal.id                    1 
_exptl_crystal.pdbx_mosaicity        0.050 
_exptl_crystal.pdbx_mosaicity_esd    ? 
_exptl_crystal.density_Matthews      4.12 
_exptl_crystal.density_diffrn        ? 
_exptl_crystal.density_meas          ? 
_exptl_crystal.density_meas_temp     ? 
_exptl_crystal.density_percent_sol   70.13 
_exptl_crystal.size_max              ? 
_exptl_crystal.size_mid              ? 
_exptl_crystal.size_min              ? 
_exptl_crystal.size_rad              ? 
_exptl_crystal.description           ? 
_exptl_crystal.preparation           ? 
# 
_exptl_crystal_grow.crystal_id      1 
_exptl_crystal_grow.method          'VAPOR DIFFUSION, SITTING DROP' 
_exptl_crystal_grow.pH              5.5 
_exptl_crystal_grow.temp            293 
_exptl_crystal_grow.pdbx_details    '0.1M bis-tris pH 5.5 -- 0.1M ammonium acetate -- 5%(w/v) PEG10K' 
_exptl_crystal_grow.temp_details    ? 
_exptl_crystal_grow.pdbx_pH_range   ? 
# 
_diffrn.id                     1 
_diffrn.ambient_temp           100 
_diffrn.crystal_id             1 
_diffrn.ambient_temp_details   ? 
# 
_diffrn_detector.detector               PIXEL 
_diffrn_detector.type                   'DECTRIS PILATUS 6M' 
_diffrn_detector.pdbx_collection_date   2017-09-07 
_diffrn_detector.diffrn_id              1 
_diffrn_detector.details                ? 
# 
_diffrn_radiation.diffrn_id                        1 
_diffrn_radiation.wavelength_id                    1 
_diffrn_radiation.pdbx_diffrn_protocol             'SINGLE WAVELENGTH' 
_diffrn_radiation.pdbx_monochromatic_or_laue_m_l   ? 
_diffrn_radiation.monochromator                    ? 
_diffrn_radiation.pdbx_scattering_type             x-ray 
# 
_diffrn_radiation_wavelength.id           1 
_diffrn_radiation_wavelength.wavelength   0.91587 
_diffrn_radiation_wavelength.wt           1.0 
# 
_diffrn_source.diffrn_id                   1 
_diffrn_source.source                      SYNCHROTRON 
_diffrn_source.type                        'DIAMOND BEAMLINE I04-1' 
_diffrn_source.pdbx_wavelength_list        0.91587 
_diffrn_source.pdbx_synchrotron_site       Diamond 
_diffrn_source.pdbx_synchrotron_beamline   I04-1 
_diffrn_source.pdbx_wavelength             ? 
# 
_reflns.entry_id                     5QH7 
_reflns.pdbx_diffrn_id               1 
_reflns.pdbx_ordinal                 1 
_reflns.observed_criterion_sigma_I   ? 
_reflns.observed_criterion_sigma_F   ? 
_reflns.d_resolution_low             29.840 
_reflns.d_resolution_high            1.740 
_reflns.number_obs                   37612 
_reflns.number_all                   ? 
_reflns.percent_possible_obs         99.900 
_reflns.pdbx_Rmerge_I_obs            0.075 
_reflns.pdbx_Rsym_value              ? 
_reflns.pdbx_netI_over_sigmaI        17.700 
_reflns.B_iso_Wilson_estimate        ? 
_reflns.pdbx_redundancy              10.200 
_reflns.pdbx_Rrim_I_all              0.079 
_reflns.pdbx_Rpim_I_all              0.025 
_reflns.pdbx_CC_half                 0.998 
_reflns.pdbx_netI_over_av_sigmaI     ? 
_reflns.pdbx_number_measured_all     383239 
_reflns.pdbx_scaling_rejects         0 
_reflns.pdbx_chi_squared             ? 
_reflns.Rmerge_F_all                 ? 
_reflns.Rmerge_F_obs                 ? 
_reflns.observed_criterion_F_max     ? 
_reflns.observed_criterion_F_min     ? 
_reflns.observed_criterion_I_max     ? 
_reflns.observed_criterion_I_min     ? 
_reflns.pdbx_d_res_high_opt          ? 
_reflns.pdbx_d_res_low_opt           ? 
_reflns.details                      ? 
# 
loop_
_reflns_shell.pdbx_diffrn_id 
_reflns_shell.pdbx_ordinal 
_reflns_shell.d_res_high 
_reflns_shell.d_res_low 
_reflns_shell.number_measured_obs 
_reflns_shell.number_measured_all 
_reflns_shell.number_unique_obs 
_reflns_shell.pdbx_rejects 
_reflns_shell.Rmerge_I_obs 
_reflns_shell.meanI_over_sigI_obs 
_reflns_shell.pdbx_Rsym_value 
_reflns_shell.pdbx_chi_squared 
_reflns_shell.pdbx_redundancy 
_reflns_shell.percent_possible_obs 
_reflns_shell.pdbx_netI_over_sigmaI_obs 
_reflns_shell.number_possible 
_reflns_shell.number_unique_all 
_reflns_shell.Rmerge_F_all 
_reflns_shell.Rmerge_F_obs 
_reflns_shell.Rmerge_I_all 
_reflns_shell.meanI_over_sigI_all 
_reflns_shell.percent_possible_all 
_reflns_shell.pdbx_Rrim_I_all 
_reflns_shell.pdbx_Rpim_I_all 
_reflns_shell.pdbx_CC_half 
1 1 1.740 1.780  ? 27992 ? ? 0.805 ? ? ? 10.200 ? 2.800  ? 2753 ? ? ? ? 99.400 0.848 0.263 0.889 
1 2 7.770 29.840 ? 4491  ? ? 0.067 ? ? ? 9.800  ? 37.600 ? 458  ? ? ? ? 98.200 0.071 0.022 0.996 
# 
_refine.entry_id                                 5QH7 
_refine.pdbx_refine_id                           'X-RAY DIFFRACTION' 
_refine.ls_d_res_high                            1.7400 
_refine.ls_d_res_low                             107.5900 
_refine.pdbx_ls_sigma_F                          0.000 
_refine.pdbx_data_cutoff_high_absF               ? 
_refine.pdbx_data_cutoff_low_absF                ? 
_refine.ls_percent_reflns_obs                    99.9100 
_refine.ls_number_reflns_obs                     35773 
_refine.ls_number_reflns_all                     ? 
_refine.pdbx_ls_cross_valid_method               THROUGHOUT 
_refine.ls_matrix_type                           ? 
_refine.pdbx_R_Free_selection_details            RANDOM 
_refine.details                                  
'HYDROGENS HAVE BEEN ADDED IN THE RIDING POSITIONS U VALUES      : REFINED INDIVIDUALLY' 
_refine.ls_R_factor_all                          ? 
_refine.ls_R_factor_obs                          0.2002 
_refine.ls_R_factor_R_work                       0.1992 
_refine.ls_wR_factor_R_work                      ? 
_refine.ls_R_factor_R_free                       0.2188 
_refine.ls_wR_factor_R_free                      ? 
_refine.ls_percent_reflns_R_free                 4.9000 
_refine.ls_number_reflns_R_free                  1838 
_refine.ls_number_reflns_R_work                  ? 
_refine.ls_R_factor_R_free_error                 ? 
_refine.B_iso_mean                               35.5130 
_refine.solvent_model_param_bsol                 ? 
_refine.solvent_model_param_ksol                 ? 
_refine.pdbx_isotropic_thermal_model             ? 
_refine.aniso_B[1][1]                            0.0100 
_refine.aniso_B[2][2]                            0.0100 
_refine.aniso_B[3][3]                            -0.0300 
_refine.aniso_B[1][2]                            0.0000 
_refine.aniso_B[1][3]                            0.0000 
_refine.aniso_B[2][3]                            -0.0000 
_refine.correlation_coeff_Fo_to_Fc               0.9600 
_refine.correlation_coeff_Fo_to_Fc_free          0.9500 
_refine.overall_SU_R_Cruickshank_DPI             ? 
_refine.pdbx_overall_SU_R_free_Cruickshank_DPI   ? 
_refine.pdbx_overall_SU_R_Blow_DPI               ? 
_refine.pdbx_overall_SU_R_free_Blow_DPI          ? 
_refine.overall_SU_R_free                        ? 
_refine.pdbx_overall_ESU_R                       0.0840 
_refine.pdbx_overall_ESU_R_Free                  0.0840 
_refine.overall_SU_ML                            0.0610 
_refine.overall_SU_B                             1.9450 
_refine.solvent_model_details                    MASK 
_refine.pdbx_solvent_vdw_probe_radii             1.2000 
_refine.pdbx_solvent_ion_probe_radii             0.8000 
_refine.pdbx_solvent_shrinkage_radii             0.8000 
_refine.ls_number_parameters                     ? 
_refine.ls_number_restraints                     ? 
_refine.pdbx_starting_model                      5T3P 
_refine.pdbx_method_to_determine_struct          'FOURIER SYNTHESIS' 
_refine.pdbx_stereochemistry_target_values       'MAXIMUM LIKELIHOOD' 
_refine.pdbx_stereochem_target_val_spec_case     ? 
_refine.overall_FOM_work_R_set                   ? 
_refine.B_iso_max                                108.840 
_refine.B_iso_min                                19.070 
_refine.pdbx_overall_phase_error                 ? 
_refine.occupancy_max                            ? 
_refine.occupancy_min                            ? 
_refine.pdbx_diffrn_id                           1 
_refine.pdbx_TLS_residual_ADP_flag               ? 
_refine.pdbx_ls_sigma_I                          ? 
_refine.pdbx_data_cutoff_high_rms_absF           ? 
_refine.ls_R_factor_R_free_error_details         ? 
# 
_refine_hist.cycle_id                         final 
_refine_hist.pdbx_refine_id                   'X-RAY DIFFRACTION' 
_refine_hist.d_res_high                       1.7400 
_refine_hist.d_res_low                        107.5900 
_refine_hist.pdbx_number_atoms_ligand         32 
_refine_hist.number_atoms_solvent             154 
_refine_hist.number_atoms_total               1653 
_refine_hist.pdbx_number_residues_total       186 
_refine_hist.pdbx_B_iso_mean_ligand           52.07 
_refine_hist.pdbx_B_iso_mean_solvent          46.23 
_refine_hist.pdbx_number_atoms_protein        1467 
_refine_hist.pdbx_number_atoms_nucleic_acid   0 
# 
loop_
_refine_ls_restr.pdbx_refine_id 
_refine_ls_restr.type 
_refine_ls_restr.number 
_refine_ls_restr.dev_ideal 
_refine_ls_restr.dev_ideal_target 
_refine_ls_restr.weight 
_refine_ls_restr.pdbx_restraint_function 
'X-RAY DIFFRACTION' r_bond_refined_d       1549 0.010  0.019  ? ? 
'X-RAY DIFFRACTION' r_bond_other_d         1463 0.002  0.020  ? ? 
'X-RAY DIFFRACTION' r_angle_refined_deg    2104 1.441  1.991  ? ? 
'X-RAY DIFFRACTION' r_angle_other_deg      3393 0.908  2.990  ? ? 
'X-RAY DIFFRACTION' r_dihedral_angle_1_deg 188  5.948  5.000  ? ? 
'X-RAY DIFFRACTION' r_dihedral_angle_2_deg 67   32.582 24.179 ? ? 
'X-RAY DIFFRACTION' r_dihedral_angle_3_deg 254  14.215 15.000 ? ? 
'X-RAY DIFFRACTION' r_dihedral_angle_4_deg 8    15.329 15.000 ? ? 
'X-RAY DIFFRACTION' r_chiral_restr         239  0.088  0.200  ? ? 
'X-RAY DIFFRACTION' r_gen_planes_refined   1703 0.006  0.021  ? ? 
'X-RAY DIFFRACTION' r_gen_planes_other     297  0.001  0.020  ? ? 
'X-RAY DIFFRACTION' r_mcbond_it            754  2.155  3.211  ? ? 
'X-RAY DIFFRACTION' r_mcbond_other         751  2.132  3.199  ? ? 
'X-RAY DIFFRACTION' r_mcangle_it           940  3.348  4.774  ? ? 
# 
_refine_ls_shell.d_res_high                       1.7380 
_refine_ls_shell.d_res_low                        1.7830 
_refine_ls_shell.pdbx_total_number_of_bins_used   20 
_refine_ls_shell.percent_reflns_obs               99.3500 
_refine_ls_shell.number_reflns_R_work             2629 
_refine_ls_shell.R_factor_all                     ? 
_refine_ls_shell.R_factor_R_work                  0.3230 
_refine_ls_shell.R_factor_R_free                  0.3640 
_refine_ls_shell.percent_reflns_R_free            ? 
_refine_ls_shell.number_reflns_R_free             123 
_refine_ls_shell.R_factor_R_free_error            ? 
_refine_ls_shell.number_reflns_all                2752 
_refine_ls_shell.number_reflns_obs                ? 
_refine_ls_shell.pdbx_refine_id                   'X-RAY DIFFRACTION' 
# 
_struct.entry_id                  5QH7 
_struct.title                     
;PanDDA analysis group deposition of models with modelled events (e.g. bound ligands) -- Crystal Structure of NUDT7 in complex with NUOOA000194a
;
_struct.pdbx_model_details        ? 
_struct.pdbx_CASP_flag            ? 
_struct.pdbx_model_type_details   ? 
# 
_struct_keywords.entry_id        5QH7 
_struct_keywords.text            'PanDDA, SGC - Diamond I04-1 fragment screening, NUDIX domain, XChemExplorer, HYDROLASE' 
_struct_keywords.pdbx_keywords   HYDROLASE 
# 
loop_
_struct_asym.id 
_struct_asym.pdbx_blank_PDB_chainid_flag 
_struct_asym.pdbx_modified 
_struct_asym.entity_id 
_struct_asym.details 
A N N 1 ? 
B N N 2 ? 
C N N 2 ? 
D N N 3 ? 
E N N 3 ? 
F N N 4 ? 
G N N 5 ? 
# 
loop_
_struct_conf.conf_type_id 
_struct_conf.id 
_struct_conf.pdbx_PDB_helix_id 
_struct_conf.beg_label_comp_id 
_struct_conf.beg_label_asym_id 
_struct_conf.beg_label_seq_id 
_struct_conf.pdbx_beg_PDB_ins_code 
_struct_conf.end_label_comp_id 
_struct_conf.end_label_asym_id 
_struct_conf.end_label_seq_id 
_struct_conf.pdbx_end_PDB_ins_code 
_struct_conf.beg_auth_comp_id 
_struct_conf.beg_auth_asym_id 
_struct_conf.beg_auth_seq_id 
_struct_conf.end_auth_comp_id 
_struct_conf.end_auth_asym_id 
_struct_conf.end_auth_seq_id 
_struct_conf.pdbx_PDB_helix_class 
_struct_conf.details 
_struct_conf.pdbx_PDB_helix_length 
HELX_P HELX_P1 AA1 SER A 1   ? LYS A 12  ? SER A 15  LYS A 26  1 ? 12 
HELX_P HELX_P2 AA2 ASP A 71  ? GLY A 85  ? ASP A 85  GLY A 99  1 ? 15 
HELX_P HELX_P3 AA3 ARG A 87  ? HIS A 89  ? ARG A 101 HIS A 103 5 ? 3  
HELX_P HELX_P4 AA4 ALA A 137 ? HIS A 141 ? ALA A 151 HIS A 155 5 ? 5  
HELX_P HELX_P5 AA5 LYS A 176 ? GLU A 192 ? LYS A 190 GLU A 206 1 ? 17 
# 
_struct_conf_type.id          HELX_P 
_struct_conf_type.criteria    ? 
_struct_conf_type.reference   ? 
# 
loop_
_struct_conn.id 
_struct_conn.conn_type_id 
_struct_conn.pdbx_leaving_atom_flag 
_struct_conn.pdbx_PDB_id 
_struct_conn.ptnr1_label_asym_id 
_struct_conn.ptnr1_label_comp_id 
_struct_conn.ptnr1_label_seq_id 
_struct_conn.ptnr1_label_atom_id 
_struct_conn.pdbx_ptnr1_label_alt_id 
_struct_conn.pdbx_ptnr1_PDB_ins_code 
_struct_conn.pdbx_ptnr1_standard_comp_id 
_struct_conn.ptnr1_symmetry 
_struct_conn.ptnr2_label_asym_id 
_struct_conn.ptnr2_label_comp_id 
_struct_conn.ptnr2_label_seq_id 
_struct_conn.ptnr2_label_atom_id 
_struct_conn.pdbx_ptnr2_label_alt_id 
_struct_conn.pdbx_ptnr2_PDB_ins_code 
_struct_conn.ptnr1_auth_asym_id 
_struct_conn.ptnr1_auth_comp_id 
_struct_conn.ptnr1_auth_seq_id 
_struct_conn.ptnr2_auth_asym_id 
_struct_conn.ptnr2_auth_comp_id 
_struct_conn.ptnr2_auth_seq_id 
_struct_conn.ptnr2_symmetry 
_struct_conn.pdbx_ptnr3_label_atom_id 
_struct_conn.pdbx_ptnr3_label_seq_id 
_struct_conn.pdbx_ptnr3_label_comp_id 
_struct_conn.pdbx_ptnr3_label_asym_id 
_struct_conn.pdbx_ptnr3_label_alt_id 
_struct_conn.pdbx_ptnr3_PDB_ins_code 
_struct_conn.details 
_struct_conn.pdbx_dist_value 
_struct_conn.pdbx_value_order 
_struct_conn.pdbx_role 
covale1 covale both ? A ARG 87 C ? ? ? 1_555 A HYP 88 N ? ? A ARG 101 A HYP 102 1_555 ? ? ? ? ? ? ? 1.347 ? ? 
covale2 covale both ? A HYP 88 C ? ? ? 1_555 A HIS 89 N ? ? A HYP 102 A HIS 103 1_555 ? ? ? ? ? ? ? 1.336 ? ? 
covale3 covale both ? A VAL 94 C ? ? ? 1_555 A CSO 95 N ? ? A VAL 108 A CSO 109 1_555 ? ? ? ? ? ? ? 1.324 ? ? 
covale4 covale both ? A CSO 95 C ? ? ? 1_555 A CYS 96 N ? ? A CSO 109 A CYS 110 1_555 ? ? ? ? ? ? ? 1.326 ? ? 
# 
_struct_conn_type.id          covale 
_struct_conn_type.criteria    ? 
_struct_conn_type.reference   ? 
# 
loop_
_struct_sheet.id 
_struct_sheet.type 
_struct_sheet.number_strands 
_struct_sheet.details 
AA1 ? 4 ? 
AA2 ? 4 ? 
AA3 ? 3 ? 
AA4 ? 3 ? 
# 
loop_
_struct_sheet_order.sheet_id 
_struct_sheet_order.range_id_1 
_struct_sheet_order.range_id_2 
_struct_sheet_order.offset 
_struct_sheet_order.sense 
AA1 1 2 ? anti-parallel 
AA1 2 3 ? parallel      
AA1 3 4 ? anti-parallel 
AA2 1 2 ? anti-parallel 
AA2 2 3 ? parallel      
AA2 3 4 ? anti-parallel 
AA3 1 2 ? anti-parallel 
AA3 2 3 ? anti-parallel 
AA4 1 2 ? anti-parallel 
AA4 2 3 ? anti-parallel 
# 
loop_
_struct_sheet_range.sheet_id 
_struct_sheet_range.id 
_struct_sheet_range.beg_label_comp_id 
_struct_sheet_range.beg_label_asym_id 
_struct_sheet_range.beg_label_seq_id 
_struct_sheet_range.pdbx_beg_PDB_ins_code 
_struct_sheet_range.end_label_comp_id 
_struct_sheet_range.end_label_asym_id 
_struct_sheet_range.end_label_seq_id 
_struct_sheet_range.pdbx_end_PDB_ins_code 
_struct_sheet_range.beg_auth_comp_id 
_struct_sheet_range.beg_auth_asym_id 
_struct_sheet_range.beg_auth_seq_id 
_struct_sheet_range.end_auth_comp_id 
_struct_sheet_range.end_auth_asym_id 
_struct_sheet_range.end_auth_seq_id 
AA1 1 VAL A 91  ? CYS A 96  ? VAL A 105 CYS A 110 
AA1 2 THR A 106 ? ILE A 115 ? THR A 120 ILE A 129 
AA1 3 ASN A 25  ? LYS A 36  ? ASN A 39  LYS A 50  
AA1 4 LYS A 39  ? ARG A 47  ? LYS A 53  ARG A 61  
AA2 1 CYS A 100 ? ILE A 102 ? CYS A 114 ILE A 116 
AA2 2 THR A 106 ? ILE A 115 ? THR A 120 ILE A 129 
AA2 3 ASN A 25  ? LYS A 36  ? ASN A 39  LYS A 50  
AA2 4 GLY A 62  ? LYS A 64  ? GLY A 76  LYS A 78  
AA3 1 VAL A 128 ? PRO A 135 ? VAL A 142 PRO A 149 
AA3 2 LYS A 39  ? ARG A 47  ? LYS A 53  ARG A 61  
AA3 3 VAL A 58  ? CYS A 59  ? VAL A 72  CYS A 73  
AA4 1 VAL A 144 ? ASP A 146 ? VAL A 158 ASP A 160 
AA4 2 HIS A 160 ? THR A 165 ? HIS A 174 THR A 179 
AA4 3 THR A 172 ? ILE A 175 ? THR A 186 ILE A 189 
# 
loop_
_pdbx_struct_sheet_hbond.sheet_id 
_pdbx_struct_sheet_hbond.range_id_1 
_pdbx_struct_sheet_hbond.range_id_2 
_pdbx_struct_sheet_hbond.range_1_label_atom_id 
_pdbx_struct_sheet_hbond.range_1_label_comp_id 
_pdbx_struct_sheet_hbond.range_1_label_asym_id 
_pdbx_struct_sheet_hbond.range_1_label_seq_id 
_pdbx_struct_sheet_hbond.range_1_PDB_ins_code 
_pdbx_struct_sheet_hbond.range_1_auth_atom_id 
_pdbx_struct_sheet_hbond.range_1_auth_comp_id 
_pdbx_struct_sheet_hbond.range_1_auth_asym_id 
_pdbx_struct_sheet_hbond.range_1_auth_seq_id 
_pdbx_struct_sheet_hbond.range_2_label_atom_id 
_pdbx_struct_sheet_hbond.range_2_label_comp_id 
_pdbx_struct_sheet_hbond.range_2_label_asym_id 
_pdbx_struct_sheet_hbond.range_2_label_seq_id 
_pdbx_struct_sheet_hbond.range_2_PDB_ins_code 
_pdbx_struct_sheet_hbond.range_2_auth_atom_id 
_pdbx_struct_sheet_hbond.range_2_auth_comp_id 
_pdbx_struct_sheet_hbond.range_2_auth_asym_id 
_pdbx_struct_sheet_hbond.range_2_auth_seq_id 
AA1 1 2 N GLU A 92  ? N GLU A 106 O LEU A 114 ? O LEU A 128 
AA1 2 3 O PHE A 111 ? O PHE A 125 N LEU A 31  ? N LEU A 45  
AA1 3 4 N VAL A 34  ? N VAL A 48  O HIS A 41  ? O HIS A 55  
AA2 1 2 N CYS A 100 ? N CYS A 114 O ILE A 108 ? O ILE A 122 
AA2 2 3 O PHE A 111 ? O PHE A 125 N LEU A 31  ? N LEU A 45  
AA2 3 4 N SER A 28  ? N SER A 42  O GLY A 63  ? O GLY A 77  
AA3 1 2 O PHE A 132 ? O PHE A 146 N PHE A 44  ? N PHE A 58  
AA3 2 3 N THR A 45  ? N THR A 59  O CYS A 59  ? O CYS A 73  
AA4 1 2 N HIS A 145 ? N HIS A 159 O ILE A 161 ? O ILE A 175 
AA4 2 3 N TYR A 164 ? N TYR A 178 O TYR A 173 ? O TYR A 187 
# 
loop_
_struct_site.id 
_struct_site.pdbx_evidence_code 
_struct_site.pdbx_auth_asym_id 
_struct_site.pdbx_auth_comp_id 
_struct_site.pdbx_auth_seq_id 
_struct_site.pdbx_auth_ins_code 
_struct_site.pdbx_num_residues 
_struct_site.details 
AC1 Software A ACT 301 ? 4  'binding site for residue ACT A 301' 
AC2 Software A ACT 302 ? 2  'binding site for residue ACT A 302' 
AC3 Software A DMS 303 ? 5  'binding site for residue DMS A 303' 
AC4 Software A DMS 304 ? 5  'binding site for residue DMS A 304' 
AC5 Software A H0G 305 ? 13 'binding site for residue H0G A 305' 
# 
loop_
_struct_site_gen.id 
_struct_site_gen.site_id 
_struct_site_gen.pdbx_num_res 
_struct_site_gen.label_comp_id 
_struct_site_gen.label_asym_id 
_struct_site_gen.label_seq_id 
_struct_site_gen.pdbx_auth_ins_code 
_struct_site_gen.auth_comp_id 
_struct_site_gen.auth_asym_id 
_struct_site_gen.auth_seq_id 
_struct_site_gen.label_atom_id 
_struct_site_gen.label_alt_id 
_struct_site_gen.symmetry 
_struct_site_gen.details 
1  AC1 4  GLY A 56  ? GLY A 70  . ? 1_555 ? 
2  AC1 4  TYR A 173 ? TYR A 187 . ? 1_555 ? 
3  AC1 4  GLN A 174 ? GLN A 188 . ? 1_555 ? 
4  AC1 4  HOH G .   ? HOH A 454 . ? 1_555 ? 
5  AC2 2  HYP A 88  ? HYP A 102 . ? 1_555 ? 
6  AC2 2  VAL A 91  ? VAL A 105 . ? 1_555 ? 
7  AC3 5  GLY A 85  ? GLY A 99  . ? 1_555 ? 
8  AC3 5  GLN A 90  ? GLN A 104 . ? 1_555 ? 
9  AC3 5  PHE A 119 ? PHE A 133 . ? 1_555 ? 
10 AC3 5  GLN A 120 ? GLN A 134 . ? 1_555 ? 
11 AC3 5  GLN A 122 ? GLN A 136 . ? 1_555 ? 
12 AC4 5  ASP A 116 ? ASP A 130 . ? 1_555 ? 
13 AC4 5  HIS A 117 ? HIS A 131 . ? 1_555 ? 
14 AC4 5  ASP A 130 ? ASP A 144 . ? 2_545 ? 
15 AC4 5  TYR A 173 ? TYR A 187 . ? 2_545 ? 
16 AC4 5  HOH G .   ? HOH A 441 . ? 2_545 ? 
17 AC5 13 VAL A 29  ? VAL A 43  . ? 1_555 ? 
18 AC5 13 THR A 45  ? THR A 59  . ? 1_555 ? 
19 AC5 13 ARG A 47  ? ARG A 61  . ? 1_555 ? 
20 AC5 13 CYS A 59  ? CYS A 73  . ? 1_555 ? 
21 AC5 13 PHE A 60  ? PHE A 74  . ? 1_555 ? 
22 AC5 13 GLY A 62  ? GLY A 76  . ? 1_555 ? 
23 AC5 13 GLY A 63  ? GLY A 77  . ? 1_555 ? 
24 AC5 13 GLU A 83  ? GLU A 97  . ? 1_555 ? 
25 AC5 13 GLU A 127 ? GLU A 141 . ? 1_555 ? 
26 AC5 13 VAL A 128 ? VAL A 142 . ? 1_555 ? 
27 AC5 13 MET A 178 ? MET A 192 . ? 1_555 ? 
28 AC5 13 THR A 179 ? THR A 193 . ? 1_555 ? 
29 AC5 13 HOH G .   ? HOH A 429 . ? 1_555 ? 
# 
_atom_sites.entry_id                    5QH7 
_atom_sites.fract_transf_matrix[1][1]   0.00188664 
_atom_sites.fract_transf_matrix[1][2]   -0.00314053 
_atom_sites.fract_transf_matrix[1][3]   0.00854158 
_atom_sites.fract_transf_matrix[2][1]   0.00059738 
_atom_sites.fract_transf_matrix[2][2]   -0.00914311 
_atom_sites.fract_transf_matrix[2][3]   0.00156325 
_atom_sites.fract_transf_matrix[3][1]   0.02384451 
_atom_sites.fract_transf_matrix[3][2]   0.00070155 
_atom_sites.fract_transf_matrix[3][3]   -0.00500877 
_atom_sites.fract_transf_vector[1]      0.135849 
_atom_sites.fract_transf_vector[2]      -0.434529 
_atom_sites.fract_transf_vector[3]      1.980157 
# 
loop_
_atom_type.symbol 
C 
N 
O 
S 
# 
loop_
_atom_site.group_PDB 
_atom_site.id 
_atom_site.type_symbol 
_atom_site.label_atom_id 
_atom_site.label_alt_id 
_atom_site.label_comp_id 
_atom_site.label_asym_id 
_atom_site.label_entity_id 
_atom_site.label_seq_id 
_atom_site.pdbx_PDB_ins_code 
_atom_site.Cartn_x 
_atom_site.Cartn_y 
_atom_site.Cartn_z 
_atom_site.occupancy 
_atom_site.B_iso_or_equiv 
_atom_site.pdbx_formal_charge 
_atom_site.auth_seq_id 
_atom_site.auth_comp_id 
_atom_site.auth_asym_id 
_atom_site.auth_atom_id 
_atom_site.pdbx_PDB_model_num 
ATOM   1    N N   . SER A 1 1   ? 14.342  15.008  10.421  1.00 46.50  ? 15  SER A N   1 
ATOM   2    C CA  . SER A 1 1   ? 14.304  13.562  10.809  1.00 44.55  ? 15  SER A CA  1 
ATOM   3    C C   . SER A 1 1   ? 13.866  12.688  9.631   1.00 42.99  ? 15  SER A C   1 
ATOM   4    O O   . SER A 1 1   ? 13.411  13.212  8.608   1.00 45.22  ? 15  SER A O   1 
ATOM   5    C CB  . SER A 1 1   ? 13.371  13.354  12.010  1.00 43.64  ? 15  SER A CB  1 
ATOM   6    O OG  . SER A 1 1   ? 11.995  13.497  11.664  1.00 42.36  ? 15  SER A OG  1 
ATOM   7    N N   . MET A 1 2   ? 14.026  11.371  9.780   1.00 40.90  ? 16  MET A N   1 
ATOM   8    C CA  . MET A 1 2   ? 13.650  10.400  8.745   1.00 41.46  ? 16  MET A CA  1 
ATOM   9    C C   . MET A 1 2   ? 12.174  10.539  8.367   1.00 42.42  ? 16  MET A C   1 
ATOM   10   O O   . MET A 1 2   ? 11.829  10.541  7.178   1.00 37.61  ? 16  MET A O   1 
ATOM   11   C CB  . MET A 1 2   ? 13.925  8.959   9.196   1.00 41.96  ? 16  MET A CB  1 
ATOM   12   C CG  . MET A 1 2   ? 13.364  7.881   8.269   1.00 42.52  ? 16  MET A CG  1 
ATOM   13   S SD  . MET A 1 2   ? 14.034  6.215   8.517   1.00 46.97  ? 16  MET A SD  1 
ATOM   14   C CE  . MET A 1 2   ? 13.195  5.661   9.987   1.00 41.88  ? 16  MET A CE  1 
ATOM   15   N N   . LEU A 1 3   ? 11.312  10.661  9.374   1.00 40.20  ? 17  LEU A N   1 
ATOM   16   C CA  . LEU A 1 3   ? 9.871   10.680  9.119   1.00 40.48  ? 17  LEU A CA  1 
ATOM   17   C C   . LEU A 1 3   ? 9.414   12.023  8.581   1.00 39.67  ? 17  LEU A C   1 
ATOM   18   O O   . LEU A 1 3   ? 8.556   12.069  7.693   1.00 41.10  ? 17  LEU A O   1 
ATOM   19   C CB  . LEU A 1 3   ? 9.082   10.290  10.369  1.00 39.97  ? 17  LEU A CB  1 
ATOM   20   C CG  . LEU A 1 3   ? 9.209   8.817   10.752  1.00 42.49  ? 17  LEU A CG  1 
ATOM   21   C CD1 . LEU A 1 3   ? 8.468   8.538   12.053  1.00 40.19  ? 17  LEU A CD1 1 
ATOM   22   C CD2 . LEU A 1 3   ? 8.708   7.909   9.634   1.00 44.82  ? 17  LEU A CD2 1 
ATOM   23   N N   . ASP A 1 4   ? 9.986   13.107  9.107   1.00 38.84  ? 18  ASP A N   1 
ATOM   24   C CA  . ASP A 1 4   ? 9.698   14.439  8.604   1.00 41.45  ? 18  ASP A CA  1 
ATOM   25   C C   . ASP A 1 4   ? 10.171  14.606  7.154   1.00 38.96  ? 18  ASP A C   1 
ATOM   26   O O   . ASP A 1 4   ? 9.508   15.268  6.363   1.00 35.53  ? 18  ASP A O   1 
ATOM   27   C CB  . ASP A 1 4   ? 10.320  15.519  9.498   1.00 45.18  ? 18  ASP A CB  1 
ATOM   28   C CG  . ASP A 1 4   ? 9.572   15.692  10.825  1.00 52.07  ? 18  ASP A CG  1 
ATOM   29   O OD1 . ASP A 1 4   ? 8.665   14.883  11.146  1.00 54.52  ? 18  ASP A OD1 1 
ATOM   30   O OD2 . ASP A 1 4   ? 9.899   16.653  11.553  1.00 56.08  ? 18  ASP A OD2 1 
ATOM   31   N N   . ASP A 1 5   ? 11.308  14.004  6.825   1.00 36.73  ? 19  ASP A N   1 
ATOM   32   C CA  . ASP A 1 5   ? 11.831  14.025  5.467   1.00 37.18  ? 19  ASP A CA  1 
ATOM   33   C C   . ASP A 1 5   ? 10.927  13.220  4.502   1.00 33.54  ? 19  ASP A C   1 
ATOM   34   O O   . ASP A 1 5   ? 10.655  13.687  3.390   1.00 33.28  ? 19  ASP A O   1 
ATOM   35   C CB  . ASP A 1 5   ? 13.270  13.496  5.430   1.00 40.98  ? 19  ASP A CB  1 
ATOM   36   C CG  . ASP A 1 5   ? 14.286  14.447  6.077   1.00 45.76  ? 19  ASP A CG  1 
ATOM   37   O OD1 . ASP A 1 5   ? 13.984  15.641  6.318   1.00 50.30  ? 19  ASP A OD1 1 
ATOM   38   O OD2 . ASP A 1 5   ? 15.413  13.976  6.347   1.00 52.69  ? 19  ASP A OD2 1 
ATOM   39   N N   . ALA A 1 6   ? 10.460  12.048  4.930   1.00 29.45  ? 20  ALA A N   1 
ATOM   40   C CA  . ALA A 1 6   ? 9.551   11.234  4.104   1.00 30.72  ? 20  ALA A CA  1 
ATOM   41   C C   . ALA A 1 6   ? 8.237   11.968  3.797   1.00 30.85  ? 20  ALA A C   1 
ATOM   42   O O   . ALA A 1 6   ? 7.787   12.027  2.636   1.00 27.71  ? 20  ALA A O   1 
ATOM   43   C CB  . ALA A 1 6   ? 9.263   9.903   4.763   1.00 31.46  ? 20  ALA A CB  1 
ATOM   44   N N   . LYS A 1 7   ? 7.639   12.550  4.836   1.00 29.09  ? 21  LYS A N   1 
ATOM   45   C CA  . LYS A 1 7   ? 6.413   13.316  4.675   1.00 31.10  ? 21  LYS A CA  1 
ATOM   46   C C   . LYS A 1 7   ? 6.597   14.532  3.756   1.00 29.79  ? 21  LYS A C   1 
ATOM   47   O O   . LYS A 1 7   ? 5.759   14.784  2.886   1.00 29.35  ? 21  LYS A O   1 
ATOM   48   C CB  . LYS A 1 7   ? 5.874   13.774  6.025   1.00 33.15  ? 21  LYS A CB  1 
ATOM   49   C CG  . LYS A 1 7   ? 5.392   12.645  6.888   1.00 38.02  ? 21  LYS A CG  1 
ATOM   50   C CD  . LYS A 1 7   ? 4.643   13.150  8.130   1.00 42.92  ? 21  LYS A CD  1 
ATOM   51   C CE  . LYS A 1 7   ? 5.509   13.196  9.382   1.00 46.74  ? 21  LYS A CE  1 
ATOM   52   N NZ  . LYS A 1 7   ? 4.654   13.370  10.600  1.00 50.07  ? 21  LYS A NZ  1 
ATOM   53   N N   . ALA A 1 8   ? 7.692   15.269  3.932   1.00 30.06  ? 22  ALA A N   1 
ATOM   54   C CA  . ALA A 1 8   ? 7.991   16.410  3.061   1.00 30.89  ? 22  ALA A CA  1 
ATOM   55   C C   . ALA A 1 8   ? 8.104   15.986  1.563   1.00 29.77  ? 22  ALA A C   1 
ATOM   56   O O   . ALA A 1 8   ? 7.571   16.678  0.660   1.00 30.03  ? 22  ALA A O   1 
ATOM   57   C CB  . ALA A 1 8   ? 9.257   17.119  3.532   1.00 32.17  ? 22  ALA A CB  1 
ATOM   58   N N   . ARG A 1 9   ? 8.754   14.843  1.319   1.00 27.17  ? 23  ARG A N   1 
ATOM   59   C CA  . ARG A 1 9   ? 8.906   14.310  -0.046  1.00 27.06  ? 23  ARG A CA  1 
ATOM   60   C C   . ARG A 1 9   ? 7.551   13.927  -0.617  1.00 27.34  ? 23  ARG A C   1 
ATOM   61   O O   . ARG A 1 9   ? 7.220   14.291  -1.734  1.00 26.18  ? 23  ARG A O   1 
ATOM   62   C CB  . ARG A 1 9   ? 9.807   13.073  -0.075  1.00 29.90  ? 23  ARG A CB  1 
ATOM   63   C CG  . ARG A 1 9   ? 11.295  13.351  0.100   1.00 32.32  ? 23  ARG A CG  1 
ATOM   64   C CD  . ARG A 1 9   ? 11.907  13.980  -1.130  1.00 35.06  ? 23  ARG A CD  1 
ATOM   65   N NE  . ARG A 1 9   ? 13.380  14.052  -1.023  1.00 37.51  ? 23  ARG A NE  1 
ATOM   66   C CZ  . ARG A 1 9   ? 14.248  13.070  -1.316  1.00 37.80  ? 23  ARG A CZ  1 
ATOM   67   N NH1 . ARG A 1 9   ? 13.853  11.875  -1.771  1.00 31.49  ? 23  ARG A NH1 1 
ATOM   68   N NH2 . ARG A 1 9   ? 15.566  13.306  -1.175  1.00 39.41  ? 23  ARG A NH2 1 
ATOM   69   N N   . LEU A 1 10  ? 6.787   13.161  0.157   1.00 23.69  ? 24  LEU A N   1 
ATOM   70   C CA  . LEU A 1 10  ? 5.481   12.687  -0.272  1.00 25.07  ? 24  LEU A CA  1 
ATOM   71   C C   . LEU A 1 10  ? 4.515   13.812  -0.639  1.00 26.13  ? 24  LEU A C   1 
ATOM   72   O O   . LEU A 1 10  ? 3.766   13.695  -1.638  1.00 27.85  ? 24  LEU A O   1 
ATOM   73   C CB  . LEU A 1 10  ? 4.861   11.796  0.799   1.00 25.04  ? 24  LEU A CB  1 
ATOM   74   C CG  . LEU A 1 10  ? 5.497   10.418  0.981   1.00 25.57  ? 24  LEU A CG  1 
ATOM   75   C CD1 . LEU A 1 10  ? 5.126   9.839   2.347   1.00 26.07  ? 24  LEU A CD1 1 
ATOM   76   C CD2 . LEU A 1 10  ? 5.112   9.455   -0.123  1.00 25.82  ? 24  LEU A CD2 1 
ATOM   77   N N   . ARG A 1 11  ? 4.530   14.886  0.140   1.00 25.40  ? 25  ARG A N   1 
ATOM   78   C CA  . ARG A 1 11  ? 3.598   16.002  -0.074  1.00 29.34  ? 25  ARG A CA  1 
ATOM   79   C C   . ARG A 1 11  ? 3.775   16.663  -1.444  1.00 30.55  ? 25  ARG A C   1 
ATOM   80   O O   . ARG A 1 11  ? 2.798   17.165  -2.009  1.00 30.49  ? 25  ARG A O   1 
ATOM   81   C CB  . ARG A 1 11  ? 3.671   17.027  1.065   1.00 32.79  ? 25  ARG A CB  1 
ATOM   82   C CG  . ARG A 1 11  ? 3.027   16.528  2.350   1.00 37.99  ? 25  ARG A CG  1 
ATOM   83   C CD  . ARG A 1 11  ? 3.116   17.552  3.474   1.00 42.85  ? 25  ARG A CD  1 
ATOM   84   N NE  . ARG A 1 11  ? 2.800   16.943  4.772   1.00 46.28  ? 25  ARG A NE  1 
ATOM   85   C CZ  . ARG A 1 11  ? 3.575   16.955  5.866   1.00 52.12  ? 25  ARG A CZ  1 
ATOM   86   N NH1 . ARG A 1 11  ? 4.767   17.572  5.888   1.00 53.52  ? 25  ARG A NH1 1 
ATOM   87   N NH2 . ARG A 1 11  ? 3.143   16.343  6.973   1.00 51.44  ? 25  ARG A NH2 1 
ATOM   88   N N   . LYS A 1 12  ? 4.994   16.625  -1.981  1.00 30.75  ? 26  LYS A N   1 
ATOM   89   C CA  . LYS A 1 12  ? 5.273   17.148  -3.320  1.00 32.33  ? 26  LYS A CA  1 
ATOM   90   C C   . LYS A 1 12  ? 4.592   16.388  -4.475  1.00 31.02  ? 26  LYS A C   1 
ATOM   91   O O   . LYS A 1 12  ? 4.495   16.932  -5.574  1.00 31.70  ? 26  LYS A O   1 
ATOM   92   C CB  . LYS A 1 12  ? 6.786   17.204  -3.566  1.00 34.35  ? 26  LYS A CB  1 
ATOM   93   C CG  . LYS A 1 12  ? 7.537   18.142  -2.628  1.00 38.29  ? 26  LYS A CG  1 
ATOM   94   C CD  . LYS A 1 12  ? 8.988   18.293  -3.056  1.00 42.55  ? 26  LYS A CD  1 
ATOM   95   C CE  . LYS A 1 12  ? 9.834   18.947  -1.974  1.00 48.65  ? 26  LYS A CE  1 
ATOM   96   N NZ  . LYS A 1 12  ? 9.511   20.388  -1.810  1.00 53.80  ? 26  LYS A NZ  1 
ATOM   97   N N   . TYR A 1 13  ? 4.138   15.147  -4.243  1.00 27.19  ? 27  TYR A N   1 
ATOM   98   C CA  . TYR A 1 13  ? 3.503   14.322  -5.246  1.00 26.16  ? 27  TYR A CA  1 
ATOM   99   C C   . TYR A 1 13  ? 1.989   14.179  -5.020  1.00 25.43  ? 27  TYR A C   1 
ATOM   100  O O   . TYR A 1 13  ? 1.345   13.431  -5.739  1.00 27.16  ? 27  TYR A O   1 
ATOM   101  C CB  . TYR A 1 13  ? 4.162   12.951  -5.290  1.00 25.43  ? 27  TYR A CB  1 
ATOM   102  C CG  . TYR A 1 13  ? 5.619   13.029  -5.645  1.00 25.83  ? 27  TYR A CG  1 
ATOM   103  C CD1 . TYR A 1 13  ? 6.567   13.292  -4.657  1.00 27.73  ? 27  TYR A CD1 1 
ATOM   104  C CD2 . TYR A 1 13  ? 6.058   12.852  -6.942  1.00 26.54  ? 27  TYR A CD2 1 
ATOM   105  C CE1 . TYR A 1 13  ? 7.908   13.405  -4.955  1.00 28.67  ? 27  TYR A CE1 1 
ATOM   106  C CE2 . TYR A 1 13  ? 7.427   12.954  -7.258  1.00 28.52  ? 27  TYR A CE2 1 
ATOM   107  C CZ  . TYR A 1 13  ? 8.342   13.219  -6.240  1.00 30.00  ? 27  TYR A CZ  1 
ATOM   108  O OH  . TYR A 1 13  ? 9.703   13.315  -6.491  1.00 31.14  ? 27  TYR A OH  1 
ATOM   109  N N   . ASP A 1 14  ? 1.465   14.885  -4.025  1.00 27.05  ? 28  ASP A N   1 
ATOM   110  C CA  . ASP A 1 14  ? 0.051   14.814  -3.631  1.00 29.29  ? 28  ASP A CA  1 
ATOM   111  C C   . ASP A 1 14  ? -0.784  15.410  -4.762  1.00 33.84  ? 28  ASP A C   1 
ATOM   112  O O   . ASP A 1 14  ? -0.557  16.549  -5.169  1.00 34.62  ? 28  ASP A O   1 
ATOM   113  C CB  . ASP A 1 14  ? -0.169  15.610  -2.349  1.00 31.10  ? 28  ASP A CB  1 
ATOM   114  C CG  . ASP A 1 14  ? -1.536  15.370  -1.685  1.00 33.99  ? 28  ASP A CG  1 
ATOM   115  O OD1 . ASP A 1 14  ? -2.263  14.417  -1.995  1.00 32.74  ? 28  ASP A OD1 1 
ATOM   116  O OD2 . ASP A 1 14  ? -1.842  16.134  -0.755  1.00 42.37  ? 28  ASP A OD2 1 
ATOM   117  N N   . ILE A 1 15  ? -1.695  14.615  -5.298  1.00 33.99  ? 29  ILE A N   1 
ATOM   118  C CA  . ILE A 1 15  ? -2.628  15.131  -6.295  1.00 41.38  ? 29  ILE A CA  1 
ATOM   119  C C   . ILE A 1 15  ? -3.888  15.688  -5.617  1.00 41.33  ? 29  ILE A C   1 
ATOM   120  O O   . ILE A 1 15  ? -4.644  16.416  -6.241  1.00 45.57  ? 29  ILE A O   1 
ATOM   121  C CB  . ILE A 1 15  ? -2.934  14.089  -7.390  1.00 44.48  ? 29  ILE A CB  1 
ATOM   122  C CG1 . ILE A 1 15  ? -3.816  12.948  -6.884  1.00 46.39  ? 29  ILE A CG1 1 
ATOM   123  C CG2 . ILE A 1 15  ? -1.630  13.539  -7.988  1.00 47.64  ? 29  ILE A CG2 1 
ATOM   124  C CD1 . ILE A 1 15  ? -4.882  12.573  -7.891  1.00 48.86  ? 29  ILE A CD1 1 
ATOM   125  N N   . GLY A 1 16  ? -4.104  15.337  -4.345  1.00 44.57  ? 30  GLY A N   1 
ATOM   126  C CA  . GLY A 1 16  ? -5.301  15.745  -3.600  1.00 44.28  ? 30  GLY A CA  1 
ATOM   127  C C   . GLY A 1 16  ? -6.575  15.115  -4.150  1.00 42.94  ? 30  GLY A C   1 
ATOM   128  O O   . GLY A 1 16  ? -6.575  13.947  -4.558  1.00 43.48  ? 30  GLY A O   1 
ATOM   129  N N   . GLY A 1 17  ? -7.657  15.901  -4.159  1.00 45.26  ? 31  GLY A N   1 
ATOM   130  C CA  . GLY A 1 17  ? -8.985  15.439  -4.580  1.00 40.85  ? 31  GLY A CA  1 
ATOM   131  C C   . GLY A 1 17  ? -9.334  15.737  -6.031  1.00 39.57  ? 31  GLY A C   1 
ATOM   132  O O   . GLY A 1 17  ? -10.477 15.570  -6.440  1.00 34.64  ? 31  GLY A O   1 
ATOM   133  N N   . LYS A 1 18  ? -8.324  16.145  -6.798  1.00 43.38  ? 32  LYS A N   1 
ATOM   134  C CA  . LYS A 1 18  ? -8.435  16.510  -8.214  1.00 41.83  ? 32  LYS A CA  1 
ATOM   135  C C   . LYS A 1 18  ? -9.307  15.523  -9.052  1.00 37.35  ? 32  LYS A C   1 
ATOM   136  O O   . LYS A 1 18  ? -10.243 15.939  -9.715  1.00 40.21  ? 32  LYS A O   1 
ATOM   137  C CB  . LYS A 1 18  ? -6.989  16.671  -8.757  1.00 42.63  ? 32  LYS A CB  1 
ATOM   138  C CG  . LYS A 1 18  ? -6.828  17.351  -10.102 1.00 46.70  ? 32  LYS A CG  1 
ATOM   139  C CD  . LYS A 1 18  ? -5.384  17.780  -10.357 1.00 46.08  ? 32  LYS A CD  1 
ATOM   140  C CE  . LYS A 1 18  ? -5.042  19.073  -9.634  1.00 48.64  ? 32  LYS A CE  1 
ATOM   141  N NZ  . LYS A 1 18  ? -3.638  19.498  -9.904  1.00 51.51  ? 32  LYS A NZ  1 
ATOM   142  N N   . TYR A 1 19  ? -9.050  14.228  -8.924  1.00 34.05  ? 33  TYR A N   1 
ATOM   143  C CA  . TYR A 1 19  ? -9.727  13.176  -9.693  1.00 30.66  ? 33  TYR A CA  1 
ATOM   144  C C   . TYR A 1 19  ? -10.877 12.472  -8.944  1.00 30.19  ? 33  TYR A C   1 
ATOM   145  O O   . TYR A 1 19  ? -11.527 11.580  -9.501  1.00 28.93  ? 33  TYR A O   1 
ATOM   146  C CB  . TYR A 1 19  ? -8.689  12.135  -10.140 1.00 30.98  ? 33  TYR A CB  1 
ATOM   147  C CG  . TYR A 1 19  ? -7.797  12.643  -11.267 1.00 29.31  ? 33  TYR A CG  1 
ATOM   148  C CD1 . TYR A 1 19  ? -6.846  13.644  -11.037 1.00 29.78  ? 33  TYR A CD1 1 
ATOM   149  C CD2 . TYR A 1 19  ? -7.933  12.158  -12.557 1.00 28.36  ? 33  TYR A CD2 1 
ATOM   150  C CE1 . TYR A 1 19  ? -6.042  14.137  -12.070 1.00 29.23  ? 33  TYR A CE1 1 
ATOM   151  C CE2 . TYR A 1 19  ? -7.127  12.625  -13.591 1.00 28.69  ? 33  TYR A CE2 1 
ATOM   152  C CZ  . TYR A 1 19  ? -6.197  13.612  -13.353 1.00 28.94  ? 33  TYR A CZ  1 
ATOM   153  O OH  . TYR A 1 19  ? -5.393  14.072  -14.366 1.00 27.67  ? 33  TYR A OH  1 
ATOM   154  N N   . SER A 1 20  ? -11.141 12.901  -7.708  1.00 28.89  ? 34  SER A N   1 
ATOM   155  C CA  . SER A 1 20  ? -12.026 12.150  -6.809  1.00 28.70  ? 34  SER A CA  1 
ATOM   156  C C   . SER A 1 20  ? -13.533 12.178  -7.137  1.00 27.18  ? 34  SER A C   1 
ATOM   157  O O   . SER A 1 20  ? -14.241 11.246  -6.737  1.00 30.75  ? 34  SER A O   1 
ATOM   158  C CB  . SER A 1 20  ? -11.834 12.643  -5.369  1.00 30.55  ? 34  SER A CB  1 
ATOM   159  O OG  . SER A 1 20  ? -12.265 13.994  -5.242  1.00 34.99  ? 34  SER A OG  1 
ATOM   160  N N   A HIS A 1 21  ? -14.029 13.203  -7.828  0.35 22.66  ? 35  HIS A N   1 
ATOM   161  N N   B HIS A 1 21  ? -14.006 13.222  -7.820  0.15 25.59  ? 35  HIS A N   1 
ATOM   162  C CA  A HIS A 1 21  ? -15.468 13.268  -8.124  0.35 22.93  ? 35  HIS A CA  1 
ATOM   163  C CA  B HIS A 1 21  ? -15.432 13.352  -8.148  0.15 25.56  ? 35  HIS A CA  1 
ATOM   164  C C   A HIS A 1 21  ? -15.850 12.577  -9.428  0.35 23.49  ? 35  HIS A C   1 
ATOM   165  C C   B HIS A 1 21  ? -15.835 12.690  -9.469  0.15 25.39  ? 35  HIS A C   1 
ATOM   166  O O   A HIS A 1 21  ? -17.034 12.403  -9.695  0.35 20.65  ? 35  HIS A O   1 
ATOM   167  O O   B HIS A 1 21  ? -17.023 12.653  -9.783  0.15 24.06  ? 35  HIS A O   1 
ATOM   168  C CB  A HIS A 1 21  ? -15.950 14.698  -8.232  0.35 23.14  ? 35  HIS A CB  1 
ATOM   169  C CB  B HIS A 1 21  ? -15.843 14.829  -8.173  0.15 26.07  ? 35  HIS A CB  1 
ATOM   170  C CG  A HIS A 1 21  ? -15.640 15.299  -9.556  0.35 23.10  ? 35  HIS A CG  1 
ATOM   171  C CG  B HIS A 1 21  ? -15.687 15.525  -6.856  0.15 26.39  ? 35  HIS A CG  1 
ATOM   172  N ND1 A HIS A 1 21  ? -14.460 15.956  -9.800  0.35 23.55  ? 35  HIS A ND1 1 
ATOM   173  N ND1 B HIS A 1 21  ? -14.935 15.004  -5.825  0.15 26.79  ? 35  HIS A ND1 1 
ATOM   174  C CD2 A HIS A 1 21  ? -16.307 15.268  -10.734 0.35 23.29  ? 35  HIS A CD2 1 
ATOM   175  C CD2 B HIS A 1 21  ? -16.144 16.722  -6.418  0.15 26.88  ? 35  HIS A CD2 1 
ATOM   176  C CE1 A HIS A 1 21  ? -14.426 16.342  -11.060 0.35 21.79  ? 35  HIS A CE1 1 
ATOM   177  C CE1 B HIS A 1 21  ? -14.953 15.839  -4.802  0.15 26.34  ? 35  HIS A CE1 1 
ATOM   178  N NE2 A HIS A 1 21  ? -15.529 15.929  -11.652 0.35 23.03  ? 35  HIS A NE2 1 
ATOM   179  N NE2 B HIS A 1 21  ? -15.679 16.889  -5.136  0.15 26.67  ? 35  HIS A NE2 1 
ATOM   180  N N   . LEU A 1 22  ? -14.868 12.181  -10.241 1.00 25.42  ? 36  LEU A N   1 
ATOM   181  C CA  . LEU A 1 22  ? -15.160 11.543  -11.529 1.00 26.88  ? 36  LEU A CA  1 
ATOM   182  C C   . LEU A 1 22  ? -15.992 10.269  -11.364 1.00 28.65  ? 36  LEU A C   1 
ATOM   183  O O   . LEU A 1 22  ? -15.789 9.495   -10.416 1.00 27.86  ? 36  LEU A O   1 
ATOM   184  C CB  . LEU A 1 22  ? -13.879 11.269  -12.319 1.00 27.96  ? 36  LEU A CB  1 
ATOM   185  C CG  . LEU A 1 22  ? -13.130 12.508  -12.804 1.00 26.96  ? 36  LEU A CG  1 
ATOM   186  C CD1 . LEU A 1 22  ? -11.741 12.139  -13.247 1.00 27.69  ? 36  LEU A CD1 1 
ATOM   187  C CD2 . LEU A 1 22  ? -13.875 13.201  -13.941 1.00 28.50  ? 36  LEU A CD2 1 
ATOM   188  N N   . PRO A 1 23  ? -16.949 10.031  -12.279 1.00 28.67  ? 37  PRO A N   1 
ATOM   189  C CA  . PRO A 1 23  ? -17.980 9.003   -12.059 1.00 28.88  ? 37  PRO A CA  1 
ATOM   190  C C   . PRO A 1 23  ? -17.550 7.551   -12.346 1.00 29.18  ? 37  PRO A C   1 
ATOM   191  O O   . PRO A 1 23  ? -18.148 6.846   -13.161 1.00 32.03  ? 37  PRO A O   1 
ATOM   192  C CB  . PRO A 1 23  ? -19.114 9.482   -13.010 1.00 31.40  ? 37  PRO A CB  1 
ATOM   193  C CG  . PRO A 1 23  ? -18.354 10.048  -14.161 1.00 30.23  ? 37  PRO A CG  1 
ATOM   194  C CD  . PRO A 1 23  ? -17.203 10.793  -13.527 1.00 30.26  ? 37  PRO A CD  1 
ATOM   195  N N   . TYR A 1 24  ? -16.515 7.081   -11.644 1.00 26.80  ? 38  TYR A N   1 
ATOM   196  C CA  . TYR A 1 24  ? -16.023 5.737   -11.792 1.00 25.12  ? 38  TYR A CA  1 
ATOM   197  C C   . TYR A 1 24  ? -16.587 4.779   -10.734 1.00 24.80  ? 38  TYR A C   1 
ATOM   198  O O   . TYR A 1 24  ? -17.143 5.224   -9.727  1.00 26.33  ? 38  TYR A O   1 
ATOM   199  C CB  . TYR A 1 24  ? -14.498 5.761   -11.616 1.00 26.40  ? 38  TYR A CB  1 
ATOM   200  C CG  . TYR A 1 24  ? -13.767 6.273   -12.828 1.00 25.55  ? 38  TYR A CG  1 
ATOM   201  C CD1 . TYR A 1 24  ? -13.539 5.440   -13.901 1.00 28.57  ? 38  TYR A CD1 1 
ATOM   202  C CD2 . TYR A 1 24  ? -13.296 7.567   -12.885 1.00 25.97  ? 38  TYR A CD2 1 
ATOM   203  C CE1 . TYR A 1 24  ? -12.852 5.881   -15.023 1.00 28.53  ? 38  TYR A CE1 1 
ATOM   204  C CE2 . TYR A 1 24  ? -12.586 8.023   -14.001 1.00 25.97  ? 38  TYR A CE2 1 
ATOM   205  C CZ  . TYR A 1 24  ? -12.385 7.180   -15.060 1.00 26.67  ? 38  TYR A CZ  1 
ATOM   206  O OH  . TYR A 1 24  ? -11.702 7.641   -16.181 1.00 29.47  ? 38  TYR A OH  1 
ATOM   207  N N   . ASN A 1 25  ? -16.402 3.490   -10.959 1.00 24.10  ? 39  ASN A N   1 
ATOM   208  C CA  . ASN A 1 25  ? -16.429 2.503   -9.864  1.00 26.86  ? 39  ASN A CA  1 
ATOM   209  C C   . ASN A 1 25  ? -15.160 2.764   -9.048  1.00 25.80  ? 39  ASN A C   1 
ATOM   210  O O   . ASN A 1 25  ? -14.067 2.677   -9.596  1.00 24.75  ? 39  ASN A O   1 
ATOM   211  C CB  . ASN A 1 25  ? -16.426 1.080   -10.392 1.00 29.42  ? 39  ASN A CB  1 
ATOM   212  C CG  . ASN A 1 25  ? -17.709 0.730   -11.144 1.00 34.77  ? 39  ASN A CG  1 
ATOM   213  O OD1 . ASN A 1 25  ? -18.811 0.985   -10.668 1.00 39.30  ? 39  ASN A OD1 1 
ATOM   214  N ND2 . ASN A 1 25  ? -17.560 0.180   -12.328 1.00 36.63  ? 39  ASN A ND2 1 
ATOM   215  N N   . LYS A 1 26  ? -15.304 3.109   -7.770  1.00 26.60  ? 40  LYS A N   1 
ATOM   216  C CA  . LYS A 1 26  ? -14.187 3.694   -7.005  1.00 24.51  ? 40  LYS A CA  1 
ATOM   217  C C   . LYS A 1 26  ? -13.684 2.749   -5.912  1.00 25.61  ? 40  LYS A C   1 
ATOM   218  O O   . LYS A 1 26  ? -14.471 2.195   -5.130  1.00 25.10  ? 40  LYS A O   1 
ATOM   219  C CB  . LYS A 1 26  ? -14.588 5.031   -6.438  1.00 25.08  ? 40  LYS A CB  1 
ATOM   220  C CG  . LYS A 1 26  ? -14.753 6.113   -7.516  1.00 26.42  ? 40  LYS A CG  1 
ATOM   221  C CD  . LYS A 1 26  ? -15.349 7.399   -6.997  1.00 27.36  ? 40  LYS A CD  1 
ATOM   222  C CE  . LYS A 1 26  ? -14.508 8.124   -5.958  1.00 27.97  ? 40  LYS A CE  1 
ATOM   223  N NZ  . LYS A 1 26  ? -13.069 8.329   -6.358  1.00 27.58  ? 40  LYS A NZ  1 
ATOM   224  N N   . TYR A 1 27  ? -12.363 2.560   -5.898  1.00 25.61  ? 41  TYR A N   1 
ATOM   225  C CA  . TYR A 1 27  ? -11.643 1.776   -4.859  1.00 25.28  ? 41  TYR A CA  1 
ATOM   226  C C   . TYR A 1 27  ? -10.501 2.624   -4.340  1.00 25.08  ? 41  TYR A C   1 
ATOM   227  O O   . TYR A 1 27  ? -9.936  3.443   -5.085  1.00 22.25  ? 41  TYR A O   1 
ATOM   228  C CB  . TYR A 1 27  ? -11.037 0.499   -5.442  1.00 26.55  ? 41  TYR A CB  1 
ATOM   229  C CG  . TYR A 1 27  ? -12.031 -0.524  -5.899  1.00 28.91  ? 41  TYR A CG  1 
ATOM   230  C CD1 . TYR A 1 27  ? -12.799 -0.312  -7.056  1.00 30.45  ? 41  TYR A CD1 1 
ATOM   231  C CD2 . TYR A 1 27  ? -12.209 -1.712  -5.196  1.00 30.44  ? 41  TYR A CD2 1 
ATOM   232  C CE1 . TYR A 1 27  ? -13.724 -1.254  -7.476  1.00 33.28  ? 41  TYR A CE1 1 
ATOM   233  C CE2 . TYR A 1 27  ? -13.129 -2.655  -5.613  1.00 31.49  ? 41  TYR A CE2 1 
ATOM   234  C CZ  . TYR A 1 27  ? -13.883 -2.419  -6.750  1.00 34.53  ? 41  TYR A CZ  1 
ATOM   235  O OH  . TYR A 1 27  ? -14.794 -3.352  -7.175  1.00 38.60  ? 41  TYR A OH  1 
ATOM   236  N N   . SER A 1 28  ? -10.138 2.438   -3.059  1.00 23.01  ? 42  SER A N   1 
ATOM   237  C CA  . SER A 1 28  ? -8.951  3.094   -2.493  1.00 22.79  ? 42  SER A CA  1 
ATOM   238  C C   . SER A 1 28  ? -8.041  2.039   -1.875  1.00 22.62  ? 42  SER A C   1 
ATOM   239  O O   . SER A 1 28  ? -8.517  0.993   -1.408  1.00 23.07  ? 42  SER A O   1 
ATOM   240  C CB  . SER A 1 28  ? -9.304  4.127   -1.420  1.00 24.13  ? 42  SER A CB  1 
ATOM   241  O OG  . SER A 1 28  ? -10.091 5.226   -1.899  1.00 24.16  ? 42  SER A OG  1 
ATOM   242  N N   . VAL A 1 29  ? -6.732  2.304   -1.908  1.00 21.73  ? 43  VAL A N   1 
ATOM   243  C CA  . VAL A 1 29  ? -5.745  1.479   -1.210  1.00 22.64  ? 43  VAL A CA  1 
ATOM   244  C C   . VAL A 1 29  ? -4.912  2.363   -0.295  1.00 21.02  ? 43  VAL A C   1 
ATOM   245  O O   . VAL A 1 29  ? -4.737  3.585   -0.519  1.00 21.09  ? 43  VAL A O   1 
ATOM   246  C CB  . VAL A 1 29  ? -4.839  0.621   -2.120  1.00 24.55  ? 43  VAL A CB  1 
ATOM   247  C CG1 . VAL A 1 29  ? -5.661  -0.387  -2.921  1.00 26.17  ? 43  VAL A CG1 1 
ATOM   248  C CG2 . VAL A 1 29  ? -3.979  1.471   -3.037  1.00 24.89  ? 43  VAL A CG2 1 
ATOM   249  N N   . LEU A 1 30  ? -4.461  1.739   0.801   1.00 21.41  ? 44  LEU A N   1 
ATOM   250  C CA  . LEU A 1 30  ? -3.536  2.350   1.727   1.00 21.68  ? 44  LEU A CA  1 
ATOM   251  C C   . LEU A 1 30  ? -2.153  1.743   1.551   1.00 20.15  ? 44  LEU A C   1 
ATOM   252  O O   . LEU A 1 30  ? -1.992  0.534   1.591   1.00 21.32  ? 44  LEU A O   1 
ATOM   253  C CB  . LEU A 1 30  ? -3.992  2.149   3.180   1.00 21.53  ? 44  LEU A CB  1 
ATOM   254  C CG  . LEU A 1 30  ? -3.109  2.821   4.234   1.00 21.68  ? 44  LEU A CG  1 
ATOM   255  C CD1 . LEU A 1 30  ? -3.156  4.332   4.173   1.00 23.86  ? 44  LEU A CD1 1 
ATOM   256  C CD2 . LEU A 1 30  ? -3.522  2.362   5.624   1.00 24.60  ? 44  LEU A CD2 1 
ATOM   257  N N   . LEU A 1 31  ? -1.179  2.606   1.312   1.00 20.49  ? 45  LEU A N   1 
ATOM   258  C CA  . LEU A 1 31  ? 0.230   2.241   1.249   1.00 22.71  ? 45  LEU A CA  1 
ATOM   259  C C   . LEU A 1 31  ? 0.823   2.545   2.646   1.00 21.02  ? 45  LEU A C   1 
ATOM   260  O O   . LEU A 1 31  ? 1.122   3.709   2.945   1.00 22.72  ? 45  LEU A O   1 
ATOM   261  C CB  . LEU A 1 31  ? 0.922   3.072   0.173   1.00 24.50  ? 45  LEU A CB  1 
ATOM   262  C CG  . LEU A 1 31  ? 0.749   2.682   -1.320  1.00 29.65  ? 45  LEU A CG  1 
ATOM   263  C CD1 . LEU A 1 31  ? -0.515  1.964   -1.697  1.00 30.17  ? 45  LEU A CD1 1 
ATOM   264  C CD2 . LEU A 1 31  ? 0.982   3.885   -2.240  1.00 29.45  ? 45  LEU A CD2 1 
ATOM   265  N N   . PRO A 1 32  ? 0.930   1.523   3.517   1.00 21.05  ? 46  PRO A N   1 
ATOM   266  C CA  . PRO A 1 32  ? 1.227   1.803   4.916   1.00 20.98  ? 46  PRO A CA  1 
ATOM   267  C C   . PRO A 1 32  ? 2.736   1.753   5.188   1.00 20.67  ? 46  PRO A C   1 
ATOM   268  O O   . PRO A 1 32  ? 3.364   0.719   4.963   1.00 19.69  ? 46  PRO A O   1 
ATOM   269  C CB  . PRO A 1 32  ? 0.472   0.690   5.661   1.00 22.58  ? 46  PRO A CB  1 
ATOM   270  C CG  . PRO A 1 32  ? -0.211  -0.148  4.591   1.00 21.90  ? 46  PRO A CG  1 
ATOM   271  C CD  . PRO A 1 32  ? 0.606   0.095   3.368   1.00 21.26  ? 46  PRO A CD  1 
ATOM   272  N N   . LEU A 1 33  ? 3.299   2.887   5.597   1.00 20.44  ? 47  LEU A N   1 
ATOM   273  C CA  . LEU A 1 33  ? 4.741   2.995   5.891   1.00 22.48  ? 47  LEU A CA  1 
ATOM   274  C C   . LEU A 1 33  ? 4.960   2.780   7.378   1.00 23.47  ? 47  LEU A C   1 
ATOM   275  O O   . LEU A 1 33  ? 4.374   3.495   8.181   1.00 23.03  ? 47  LEU A O   1 
ATOM   276  C CB  . LEU A 1 33  ? 5.282   4.368   5.546   1.00 24.46  ? 47  LEU A CB  1 
ATOM   277  C CG  . LEU A 1 33  ? 5.494   4.641   4.061   1.00 26.30  ? 47  LEU A CG  1 
ATOM   278  C CD1 . LEU A 1 33  ? 5.789   6.133   3.880   1.00 27.76  ? 47  LEU A CD1 1 
ATOM   279  C CD2 . LEU A 1 33  ? 6.646   3.803   3.524   1.00 26.42  ? 47  LEU A CD2 1 
ATOM   280  N N   . VAL A 1 34  ? 5.856   1.858   7.686   1.00 25.00  ? 48  VAL A N   1 
ATOM   281  C CA  . VAL A 1 34  ? 6.177   1.445   9.054   1.00 25.97  ? 48  VAL A CA  1 
ATOM   282  C C   . VAL A 1 34  ? 7.671   1.663   9.232   1.00 26.30  ? 48  VAL A C   1 
ATOM   283  O O   . VAL A 1 34  ? 8.454   1.194   8.400   1.00 27.29  ? 48  VAL A O   1 
ATOM   284  C CB  . VAL A 1 34  ? 5.820   -0.048  9.218   1.00 27.68  ? 48  VAL A CB  1 
ATOM   285  C CG1 . VAL A 1 34  ? 6.290   -0.595  10.558  1.00 30.48  ? 48  VAL A CG1 1 
ATOM   286  C CG2 . VAL A 1 34  ? 4.314   -0.255  9.043   1.00 29.40  ? 48  VAL A CG2 1 
ATOM   287  N N   . ALA A 1 35  ? 8.069   2.355   10.302  1.00 26.51  ? 49  ALA A N   1 
ATOM   288  C CA  . ALA A 1 35  ? 9.496   2.541   10.601  1.00 28.54  ? 49  ALA A CA  1 
ATOM   289  C C   . ALA A 1 35  ? 9.926   1.498   11.626  1.00 31.83  ? 49  ALA A C   1 
ATOM   290  O O   . ALA A 1 35  ? 9.369   1.489   12.720  1.00 34.21  ? 49  ALA A O   1 
ATOM   291  C CB  . ALA A 1 35  ? 9.740   3.929   11.119  1.00 30.53  ? 49  ALA A CB  1 
ATOM   292  N N   . LYS A 1 36  ? 10.873  0.624   11.257  1.00 32.87  ? 50  LYS A N   1 
ATOM   293  C CA  . LYS A 1 36  ? 11.447  -0.413  12.159  1.00 37.10  ? 50  LYS A CA  1 
ATOM   294  C C   . LYS A 1 36  ? 12.945  -0.487  11.934  1.00 37.04  ? 50  LYS A C   1 
ATOM   295  O O   . LYS A 1 36  ? 13.411  -0.385  10.799  1.00 31.87  ? 50  LYS A O   1 
ATOM   296  C CB  . LYS A 1 36  ? 10.900  -1.821  11.883  1.00 40.00  ? 50  LYS A CB  1 
ATOM   297  C CG  . LYS A 1 36  ? 9.405   -2.013  12.031  1.00 47.73  ? 50  LYS A CG  1 
ATOM   298  C CD  . LYS A 1 36  ? 8.898   -1.926  13.464  1.00 51.13  ? 50  LYS A CD  1 
ATOM   299  C CE  . LYS A 1 36  ? 7.463   -2.439  13.574  1.00 54.57  ? 50  LYS A CE  1 
ATOM   300  N NZ  . LYS A 1 36  ? 6.706   -1.825  14.706  1.00 57.95  ? 50  LYS A NZ  1 
ATOM   301  N N   . GLU A 1 37  ? 13.712  -0.693  13.008  1.00 35.64  ? 51  GLU A N   1 
ATOM   302  C CA  . GLU A 1 37  ? 15.155  -0.893  12.892  1.00 36.70  ? 51  GLU A CA  1 
ATOM   303  C C   . GLU A 1 37  ? 15.856  0.200   12.101  1.00 33.93  ? 51  GLU A C   1 
ATOM   304  O O   . GLU A 1 37  ? 16.807  -0.062  11.362  1.00 35.62  ? 51  GLU A O   1 
ATOM   305  C CB  . GLU A 1 37  ? 15.447  -2.261  12.262  1.00 42.26  ? 51  GLU A CB  1 
ATOM   306  C CG  . GLU A 1 37  ? 14.687  -3.416  12.898  1.00 47.94  ? 51  GLU A CG  1 
ATOM   307  C CD  . GLU A 1 37  ? 14.883  -4.730  12.162  1.00 56.61  ? 51  GLU A CD  1 
ATOM   308  O OE1 . GLU A 1 37  ? 14.753  -5.787  12.816  1.00 64.17  ? 51  GLU A OE1 1 
ATOM   309  O OE2 . GLU A 1 37  ? 15.160  -4.713  10.937  1.00 62.14  ? 51  GLU A OE2 1 
ATOM   310  N N   . GLY A 1 38  ? 15.383  1.429   12.272  1.00 32.00  ? 52  GLY A N   1 
ATOM   311  C CA  . GLY A 1 38  ? 15.968  2.596   11.671  1.00 30.63  ? 52  GLY A CA  1 
ATOM   312  C C   . GLY A 1 38  ? 15.728  2.757   10.167  1.00 32.77  ? 52  GLY A C   1 
ATOM   313  O O   . GLY A 1 38  ? 16.428  3.547   9.525   1.00 32.31  ? 52  GLY A O   1 
ATOM   314  N N   . LYS A 1 39  ? 14.759  2.026   9.603   1.00 29.89  ? 53  LYS A N   1 
ATOM   315  C CA  . LYS A 1 39  ? 14.476  2.112   8.149   1.00 30.37  ? 53  LYS A CA  1 
ATOM   316  C C   . LYS A 1 39  ? 12.969  2.066   7.912   1.00 27.26  ? 53  LYS A C   1 
ATOM   317  O O   . LYS A 1 39  ? 12.228  1.527   8.724   1.00 26.30  ? 53  LYS A O   1 
ATOM   318  C CB  . LYS A 1 39  ? 15.104  0.936   7.415   1.00 34.82  ? 53  LYS A CB  1 
ATOM   319  C CG  . LYS A 1 39  ? 16.578  0.693   7.734   1.00 41.78  ? 53  LYS A CG  1 
ATOM   320  C CD  . LYS A 1 39  ? 17.135  -0.547  7.054   1.00 46.62  ? 53  LYS A CD  1 
ATOM   321  C CE  . LYS A 1 39  ? 16.509  -1.860  7.530   1.00 51.44  ? 53  LYS A CE  1 
ATOM   322  N NZ  . LYS A 1 39  ? 16.502  -2.886  6.444   1.00 51.19  ? 53  LYS A NZ  1 
ATOM   323  N N   . LEU A 1 40  ? 12.529  2.614   6.781   1.00 25.23  ? 54  LEU A N   1 
ATOM   324  C CA  . LEU A 1 40  ? 11.118  2.513   6.403   1.00 23.69  ? 54  LEU A CA  1 
ATOM   325  C C   . LEU A 1 40  ? 10.804  1.189   5.714   1.00 22.21  ? 54  LEU A C   1 
ATOM   326  O O   . LEU A 1 40  ? 11.632  0.652   4.963   1.00 23.68  ? 54  LEU A O   1 
ATOM   327  C CB  . LEU A 1 40  ? 10.741  3.671   5.471   1.00 25.12  ? 54  LEU A CB  1 
ATOM   328  C CG  . LEU A 1 40  ? 10.813  5.051   6.113   1.00 27.09  ? 54  LEU A CG  1 
ATOM   329  C CD1 . LEU A 1 40  ? 10.729  6.123   5.039   1.00 29.20  ? 54  LEU A CD1 1 
ATOM   330  C CD2 . LEU A 1 40  ? 9.731   5.229   7.144   1.00 28.68  ? 54  LEU A CD2 1 
ATOM   331  N N   . HIS A 1 41  ? 9.590   0.697   5.959   1.00 22.33  ? 55  HIS A N   1 
ATOM   332  C CA  . HIS A 1 41  ? 9.059   -0.527  5.389   1.00 22.67  ? 55  HIS A CA  1 
ATOM   333  C C   . HIS A 1 41  ? 7.655   -0.245  4.850   1.00 22.54  ? 55  HIS A C   1 
ATOM   334  O O   . HIS A 1 41  ? 6.986   0.669   5.317   1.00 23.61  ? 55  HIS A O   1 
ATOM   335  C CB  . HIS A 1 41  ? 8.927   -1.627  6.445   1.00 23.51  ? 55  HIS A CB  1 
ATOM   336  C CG  . HIS A 1 41  ? 10.226  -2.040  7.035   1.00 24.48  ? 55  HIS A CG  1 
ATOM   337  N ND1 . HIS A 1 41  ? 10.935  -1.229  7.890   1.00 28.82  ? 55  HIS A ND1 1 
ATOM   338  C CD2 . HIS A 1 41  ? 10.956  -3.161  6.879   1.00 26.69  ? 55  HIS A CD2 1 
ATOM   339  C CE1 . HIS A 1 41  ? 12.064  -1.833  8.221   1.00 27.45  ? 55  HIS A CE1 1 
ATOM   340  N NE2 . HIS A 1 41  ? 12.094  -3.011  7.634   1.00 28.81  ? 55  HIS A NE2 1 
ATOM   341  N N   . LEU A 1 42  ? 7.240   -1.017  3.855   1.00 21.47  ? 56  LEU A N   1 
ATOM   342  C CA  . LEU A 1 42  ? 5.833   -1.094  3.481   1.00 20.67  ? 56  LEU A CA  1 
ATOM   343  C C   . LEU A 1 42  ? 5.173   -2.346  4.027   1.00 20.87  ? 56  LEU A C   1 
ATOM   344  O O   . LEU A 1 42  ? 5.771   -3.416  3.995   1.00 22.44  ? 56  LEU A O   1 
ATOM   345  C CB  . LEU A 1 42  ? 5.665   -1.063  1.949   1.00 22.15  ? 56  LEU A CB  1 
ATOM   346  C CG  . LEU A 1 42  ? 5.795   0.327   1.309   1.00 22.62  ? 56  LEU A CG  1 
ATOM   347  C CD1 . LEU A 1 42  ? 5.958   0.154   -0.207  1.00 24.16  ? 56  LEU A CD1 1 
ATOM   348  C CD2 . LEU A 1 42  ? 4.575   1.197   1.602   1.00 22.78  ? 56  LEU A CD2 1 
ATOM   349  N N   . LEU A 1 43  ? 3.919   -2.209  4.435   1.00 20.96  ? 57  LEU A N   1 
ATOM   350  C CA  . LEU A 1 43  ? 3.103   -3.325  4.917   1.00 23.01  ? 57  LEU A CA  1 
ATOM   351  C C   . LEU A 1 43  ? 2.222   -3.814  3.782   1.00 23.89  ? 57  LEU A C   1 
ATOM   352  O O   . LEU A 1 43  ? 1.531   -3.006  3.135   1.00 23.48  ? 57  LEU A O   1 
ATOM   353  C CB  . LEU A 1 43  ? 2.255   -2.866  6.093   1.00 23.75  ? 57  LEU A CB  1 
ATOM   354  C CG  . LEU A 1 43  ? 1.329   -3.936  6.709   1.00 26.08  ? 57  LEU A CG  1 
ATOM   355  C CD1 . LEU A 1 43  ? 1.111   -3.679  8.185   1.00 28.75  ? 57  LEU A CD1 1 
ATOM   356  C CD2 . LEU A 1 43  ? -0.017  -3.994  6.018   1.00 28.33  ? 57  LEU A CD2 1 
ATOM   357  N N   . PHE A 1 44  ? 2.256   -5.125  3.547   1.00 22.71  ? 58  PHE A N   1 
ATOM   358  C CA  . PHE A 1 44  ? 1.486   -5.788  2.502   1.00 23.05  ? 58  PHE A CA  1 
ATOM   359  C C   . PHE A 1 44  ? 0.569   -6.832  3.129   1.00 26.05  ? 58  PHE A C   1 
ATOM   360  O O   . PHE A 1 44  ? 0.848   -7.337  4.247   1.00 25.36  ? 58  PHE A O   1 
ATOM   361  C CB  . PHE A 1 44  ? 2.401   -6.504  1.523   1.00 23.11  ? 58  PHE A CB  1 
ATOM   362  C CG  . PHE A 1 44  ? 3.292   -5.596  0.735   1.00 23.12  ? 58  PHE A CG  1 
ATOM   363  C CD1 . PHE A 1 44  ? 4.520   -5.171  1.243   1.00 22.20  ? 58  PHE A CD1 1 
ATOM   364  C CD2 . PHE A 1 44  ? 2.910   -5.162  -0.539  1.00 23.18  ? 58  PHE A CD2 1 
ATOM   365  C CE1 . PHE A 1 44  ? 5.360   -4.339  0.502   1.00 22.78  ? 58  PHE A CE1 1 
ATOM   366  C CE2 . PHE A 1 44  ? 3.741   -4.302  -1.270  1.00 22.73  ? 58  PHE A CE2 1 
ATOM   367  C CZ  . PHE A 1 44  ? 4.975   -3.903  -0.758  1.00 22.08  ? 58  PHE A CZ  1 
ATOM   368  N N   . THR A 1 45  ? -0.516  -7.140  2.418   1.00 24.52  ? 59  THR A N   1 
ATOM   369  C CA  . THR A 1 45  ? -1.397  -8.267  2.796   1.00 26.75  ? 59  THR A CA  1 
ATOM   370  C C   . THR A 1 45  ? -1.257  -9.378  1.764   1.00 28.86  ? 59  THR A C   1 
ATOM   371  O O   . THR A 1 45  ? -0.832  -9.140  0.627   1.00 29.62  ? 59  THR A O   1 
ATOM   372  C CB  . THR A 1 45  ? -2.891  -7.884  2.866   1.00 28.22  ? 59  THR A CB  1 
ATOM   373  O OG1 . THR A 1 45  ? -3.377  -7.515  1.565   1.00 31.99  ? 59  THR A OG1 1 
ATOM   374  C CG2 . THR A 1 45  ? -3.139  -6.774  3.820   1.00 28.41  ? 59  THR A CG2 1 
ATOM   375  N N   . VAL A 1 46  ? -1.585  -10.596 2.178   1.00 28.50  ? 60  VAL A N   1 
ATOM   376  C CA  . VAL A 1 46  ? -1.824  -11.675 1.256   1.00 29.50  ? 60  VAL A CA  1 
ATOM   377  C C   . VAL A 1 46  ? -3.316  -11.959 1.361   1.00 31.30  ? 60  VAL A C   1 
ATOM   378  O O   . VAL A 1 46  ? -3.843  -12.212 2.458   1.00 30.70  ? 60  VAL A O   1 
ATOM   379  C CB  . VAL A 1 46  ? -1.006  -12.936 1.587   1.00 31.04  ? 60  VAL A CB  1 
ATOM   380  C CG1 . VAL A 1 46  ? -1.385  -14.079 0.637   1.00 32.54  ? 60  VAL A CG1 1 
ATOM   381  C CG2 . VAL A 1 46  ? 0.486   -12.637 1.523   1.00 32.21  ? 60  VAL A CG2 1 
ATOM   382  N N   . ARG A 1 47  ? -3.996  -11.902 0.219   1.00 31.47  ? 61  ARG A N   1 
ATOM   383  C CA  . ARG A 1 47  ? -5.454  -12.042 0.182   1.00 34.08  ? 61  ARG A CA  1 
ATOM   384  C C   . ARG A 1 47  ? -5.840  -13.484 0.515   1.00 34.01  ? 61  ARG A C   1 
ATOM   385  O O   . ARG A 1 47  ? -5.134  -14.436 0.147   1.00 35.74  ? 61  ARG A O   1 
ATOM   386  C CB  . ARG A 1 47  ? -6.009  -11.652 -1.201  1.00 37.13  ? 61  ARG A CB  1 
ATOM   387  C CG  . ARG A 1 47  ? -5.821  -10.185 -1.546  1.00 40.33  ? 61  ARG A CG  1 
ATOM   388  C CD  . ARG A 1 47  ? -6.115  -9.922  -3.020  1.00 44.01  ? 61  ARG A CD  1 
ATOM   389  N NE  . ARG A 1 47  ? -7.520  -10.173 -3.331  1.00 46.14  ? 61  ARG A NE  1 
ATOM   390  C CZ  . ARG A 1 47  ? -8.531  -9.346  -3.059  1.00 50.33  ? 61  ARG A CZ  1 
ATOM   391  N NH1 . ARG A 1 47  ? -8.325  -8.170  -2.470  1.00 50.55  ? 61  ARG A NH1 1 
ATOM   392  N NH2 . ARG A 1 47  ? -9.772  -9.698  -3.391  1.00 55.75  ? 61  ARG A NH2 1 
ATOM   393  N N   . SER A 1 48  ? -6.931  -13.640 1.245   1.00 35.67  ? 62  SER A N   1 
ATOM   394  C CA  . SER A 1 48  ? -7.418  -14.974 1.586   1.00 41.37  ? 62  SER A CA  1 
ATOM   395  C C   . SER A 1 48  ? -7.691  -15.789 0.321   1.00 44.05  ? 62  SER A C   1 
ATOM   396  O O   . SER A 1 48  ? -8.159  -15.244 -0.682  1.00 42.39  ? 62  SER A O   1 
ATOM   397  C CB  . SER A 1 48  ? -8.712  -14.896 2.394   1.00 43.25  ? 62  SER A CB  1 
ATOM   398  O OG  . SER A 1 48  ? -9.396  -16.143 2.328   1.00 47.39  ? 62  SER A OG  1 
ATOM   399  N N   . GLU A 1 49  ? -7.435  -17.094 0.398   1.00 51.50  ? 63  GLU A N   1 
ATOM   400  C CA  . GLU A 1 49  ? -7.775  -18.028 -0.692  1.00 58.50  ? 63  GLU A CA  1 
ATOM   401  C C   . GLU A 1 49  ? -9.297  -18.155 -0.926  1.00 62.72  ? 63  GLU A C   1 
ATOM   402  O O   . GLU A 1 49  ? -9.719  -18.614 -1.988  1.00 68.51  ? 63  GLU A O   1 
ATOM   403  C CB  . GLU A 1 49  ? -7.174  -19.418 -0.427  1.00 61.36  ? 63  GLU A CB  1 
ATOM   404  C CG  . GLU A 1 49  ? -5.649  -19.471 -0.334  1.00 62.48  ? 63  GLU A CG  1 
ATOM   405  C CD  . GLU A 1 49  ? -4.923  -19.238 -1.658  1.00 67.34  ? 63  GLU A CD  1 
ATOM   406  O OE1 . GLU A 1 49  ? -5.554  -19.249 -2.743  1.00 71.85  ? 63  GLU A OE1 1 
ATOM   407  O OE2 . GLU A 1 49  ? -3.689  -19.058 -1.611  1.00 66.26  ? 63  GLU A OE2 1 
ATOM   408  N N   . LYS A 1 50  ? -10.099 -17.744 0.064   1.00 68.05  ? 64  LYS A N   1 
ATOM   409  C CA  . LYS A 1 50  ? -11.573 -17.720 -0.022  1.00 73.28  ? 64  LYS A CA  1 
ATOM   410  C C   . LYS A 1 50  ? -12.118 -16.704 -1.039  1.00 73.00  ? 64  LYS A C   1 
ATOM   411  O O   . LYS A 1 50  ? -13.204 -16.908 -1.590  1.00 73.18  ? 64  LYS A O   1 
ATOM   412  C CB  . LYS A 1 50  ? -12.201 -17.365 1.346   1.00 77.71  ? 64  LYS A CB  1 
ATOM   413  C CG  . LYS A 1 50  ? -11.853 -18.255 2.546   1.00 80.67  ? 64  LYS A CG  1 
ATOM   414  C CD  . LYS A 1 50  ? -12.831 -19.408 2.777   1.00 84.82  ? 64  LYS A CD  1 
ATOM   415  C CE  . LYS A 1 50  ? -12.196 -20.775 2.550   1.00 86.98  ? 64  LYS A CE  1 
ATOM   416  N NZ  . LYS A 1 50  ? -11.759 -20.997 1.142   1.00 87.87  ? 64  LYS A NZ  1 
ATOM   417  N N   . LEU A 1 51  ? -11.390 -15.609 -1.262  1.00 70.55  ? 65  LEU A N   1 
ATOM   418  C CA  . LEU A 1 51  ? -11.899 -14.491 -2.066  1.00 70.73  ? 65  LEU A CA  1 
ATOM   419  C C   . LEU A 1 51  ? -11.954 -14.860 -3.550  1.00 73.50  ? 65  LEU A C   1 
ATOM   420  O O   . LEU A 1 51  ? -11.108 -15.610 -4.040  1.00 73.56  ? 65  LEU A O   1 
ATOM   421  C CB  . LEU A 1 51  ? -11.044 -13.228 -1.864  1.00 68.62  ? 65  LEU A CB  1 
ATOM   422  C CG  . LEU A 1 51  ? -10.825 -12.721 -0.427  1.00 65.78  ? 65  LEU A CG  1 
ATOM   423  C CD1 . LEU A 1 51  ? -10.033 -11.423 -0.430  1.00 65.42  ? 65  LEU A CD1 1 
ATOM   424  C CD2 . LEU A 1 51  ? -12.141 -12.539 0.319   1.00 64.70  ? 65  LEU A CD2 1 
ATOM   425  N N   . ARG A 1 52  ? -12.961 -14.338 -4.252  1.00 77.59  ? 66  ARG A N   1 
ATOM   426  C CA  . ARG A 1 52  ? -13.166 -14.648 -5.674  1.00 82.88  ? 66  ARG A CA  1 
ATOM   427  C C   . ARG A 1 52  ? -12.161 -13.915 -6.561  1.00 79.80  ? 66  ARG A C   1 
ATOM   428  O O   . ARG A 1 52  ? -11.556 -14.521 -7.445  1.00 76.67  ? 66  ARG A O   1 
ATOM   429  C CB  . ARG A 1 52  ? -14.610 -14.345 -6.104  1.00 89.25  ? 66  ARG A CB  1 
ATOM   430  C CG  . ARG A 1 52  ? -15.591 -15.448 -5.719  1.00 94.55  ? 66  ARG A CG  1 
ATOM   431  C CD  . ARG A 1 52  ? -16.975 -14.912 -5.386  1.00 99.82  ? 66  ARG A CD  1 
ATOM   432  N NE  . ARG A 1 52  ? -17.537 -14.097 -6.468  1.00 104.67 ? 66  ARG A NE  1 
ATOM   433  C CZ  . ARG A 1 52  ? -18.204 -14.560 -7.532  1.00 107.31 ? 66  ARG A CZ  1 
ATOM   434  N NH1 . ARG A 1 52  ? -18.425 -15.865 -7.706  1.00 108.84 ? 66  ARG A NH1 1 
ATOM   435  N NH2 . ARG A 1 52  ? -18.661 -13.702 -8.442  1.00 106.12 ? 66  ARG A NH2 1 
ATOM   436  N N   . ARG A 1 53  ? -11.978 -12.620 -6.310  1.00 81.36  ? 67  ARG A N   1 
ATOM   437  C CA  . ARG A 1 53  ? -10.972 -11.819 -7.020  1.00 80.93  ? 67  ARG A CA  1 
ATOM   438  C C   . ARG A 1 53  ? -9.585  -11.991 -6.380  1.00 75.64  ? 67  ARG A C   1 
ATOM   439  O O   . ARG A 1 53  ? -9.352  -11.539 -5.256  1.00 69.68  ? 67  ARG A O   1 
ATOM   440  C CB  . ARG A 1 53  ? -11.384 -10.329 -7.077  1.00 86.63  ? 67  ARG A CB  1 
ATOM   441  C CG  . ARG A 1 53  ? -11.640 -9.786  -8.487  1.00 92.58  ? 67  ARG A CG  1 
ATOM   442  C CD  . ARG A 1 53  ? -12.760 -8.748  -8.539  1.00 96.74  ? 67  ARG A CD  1 
ATOM   443  N NE  . ARG A 1 53  ? -12.376 -7.521  -9.248  1.00 101.25 ? 67  ARG A NE  1 
ATOM   444  C CZ  . ARG A 1 53  ? -11.642 -6.525  -8.736  1.00 104.12 ? 67  ARG A CZ  1 
ATOM   445  N NH1 . ARG A 1 53  ? -11.161 -6.581  -7.489  1.00 106.63 ? 67  ARG A NH1 1 
ATOM   446  N NH2 . ARG A 1 53  ? -11.373 -5.456  -9.483  1.00 102.32 ? 67  ARG A NH2 1 
ATOM   447  N N   . ALA A 1 54  ? -8.691  -12.672 -7.104  1.00 69.43  ? 68  ALA A N   1 
ATOM   448  C CA  . ALA A 1 54  ? -7.257  -12.756 -6.789  1.00 65.38  ? 68  ALA A CA  1 
ATOM   449  C C   . ALA A 1 54  ? -6.943  -13.431 -5.446  1.00 62.74  ? 68  ALA A C   1 
ATOM   450  O O   . ALA A 1 54  ? -6.311  -12.824 -4.576  1.00 60.81  ? 68  ALA A O   1 
ATOM   451  C CB  . ALA A 1 54  ? -6.617  -11.370 -6.867  1.00 63.82  ? 68  ALA A CB  1 
ATOM   452  N N   . PRO A 1 55  ? -7.360  -14.703 -5.286  1.00 58.50  ? 69  PRO A N   1 
ATOM   453  C CA  . PRO A 1 55  ? -7.083  -15.405 -4.038  1.00 53.64  ? 69  PRO A CA  1 
ATOM   454  C C   . PRO A 1 55  ? -5.596  -15.648 -3.884  1.00 50.09  ? 69  PRO A C   1 
ATOM   455  O O   . PRO A 1 55  ? -4.923  -15.989 -4.860  1.00 50.27  ? 69  PRO A O   1 
ATOM   456  C CB  . PRO A 1 55  ? -7.833  -16.730 -4.196  1.00 54.93  ? 69  PRO A CB  1 
ATOM   457  C CG  . PRO A 1 55  ? -7.931  -16.945 -5.665  1.00 56.57  ? 69  PRO A CG  1 
ATOM   458  C CD  . PRO A 1 55  ? -7.966  -15.589 -6.301  1.00 56.31  ? 69  PRO A CD  1 
ATOM   459  N N   . GLY A 1 56  ? -5.079  -15.433 -2.677  1.00 44.53  ? 70  GLY A N   1 
ATOM   460  C CA  . GLY A 1 56  ? -3.664  -15.665 -2.398  1.00 42.33  ? 70  GLY A CA  1 
ATOM   461  C C   . GLY A 1 56  ? -2.663  -14.661 -2.967  1.00 38.79  ? 70  GLY A C   1 
ATOM   462  O O   . GLY A 1 56  ? -1.464  -14.891 -2.855  1.00 40.47  ? 70  GLY A O   1 
ATOM   463  N N   . GLU A 1 57  ? -3.126  -13.560 -3.556  1.00 39.64  ? 71  GLU A N   1 
ATOM   464  C CA  . GLU A 1 57  ? -2.205  -12.568 -4.149  1.00 38.63  ? 71  GLU A CA  1 
ATOM   465  C C   . GLU A 1 57  ? -1.787  -11.529 -3.112  1.00 33.39  ? 71  GLU A C   1 
ATOM   466  O O   . GLU A 1 57  ? -2.560  -11.207 -2.213  1.00 31.24  ? 71  GLU A O   1 
ATOM   467  C CB  . GLU A 1 57  ? -2.833  -11.839 -5.345  1.00 44.17  ? 71  GLU A CB  1 
ATOM   468  C CG  . GLU A 1 57  ? -2.711  -12.581 -6.681  1.00 49.89  ? 71  GLU A CG  1 
ATOM   469  C CD  . GLU A 1 57  ? -3.092  -11.725 -7.892  1.00 53.60  ? 71  GLU A CD  1 
ATOM   470  O OE1 . GLU A 1 57  ? -3.273  -10.487 -7.770  1.00 55.14  ? 71  GLU A OE1 1 
ATOM   471  O OE2 . GLU A 1 57  ? -3.217  -12.300 -8.993  1.00 63.86  ? 71  GLU A OE2 1 
ATOM   472  N N   . VAL A 1 58  ? -0.584  -10.989 -3.301  1.00 32.82  ? 72  VAL A N   1 
ATOM   473  C CA  . VAL A 1 58  ? -0.057  -9.925  -2.459  1.00 30.45  ? 72  VAL A CA  1 
ATOM   474  C C   . VAL A 1 58  ? -0.704  -8.619  -2.897  1.00 32.04  ? 72  VAL A C   1 
ATOM   475  O O   . VAL A 1 58  ? -0.778  -8.330  -4.081  1.00 30.07  ? 72  VAL A O   1 
ATOM   476  C CB  . VAL A 1 58  ? 1.485   -9.846  -2.529  1.00 30.17  ? 72  VAL A CB  1 
ATOM   477  C CG1 . VAL A 1 58  ? 1.997   -8.589  -1.844  1.00 30.31  ? 72  VAL A CG1 1 
ATOM   478  C CG2 . VAL A 1 58  ? 2.118   -11.085 -1.904  1.00 31.28  ? 72  VAL A CG2 1 
ATOM   479  N N   . CYS A 1 59  ? -1.142  -7.826  -1.923  1.00 30.04  ? 73  CYS A N   1 
ATOM   480  C CA  . CYS A 1 59  ? -1.978  -6.683  -2.134  1.00 31.16  ? 73  CYS A CA  1 
ATOM   481  C C   . CYS A 1 59  ? -1.713  -5.642  -1.035  1.00 30.33  ? 73  CYS A C   1 
ATOM   482  O O   . CYS A 1 59  ? -1.214  -5.997  0.016   1.00 33.82  ? 73  CYS A O   1 
ATOM   483  C CB  . CYS A 1 59  ? -3.416  -7.175  -2.019  1.00 42.18  ? 73  CYS A CB  1 
ATOM   484  S SG  . CYS A 1 59  ? -4.535  -6.225  -3.000  1.00 57.55  ? 73  CYS A SG  1 
ATOM   485  N N   . PHE A 1 60  ? -2.032  -4.379  -1.266  1.00 25.25  ? 74  PHE A N   1 
ATOM   486  C CA  . PHE A 1 60  ? -2.115  -3.416  -0.164  1.00 24.27  ? 74  PHE A CA  1 
ATOM   487  C C   . PHE A 1 60  ? -3.511  -3.479  0.463   1.00 23.74  ? 74  PHE A C   1 
ATOM   488  O O   . PHE A 1 60  ? -4.472  -3.827  -0.229  1.00 24.08  ? 74  PHE A O   1 
ATOM   489  C CB  . PHE A 1 60  ? -1.826  -2.004  -0.640  1.00 23.03  ? 74  PHE A CB  1 
ATOM   490  C CG  . PHE A 1 60  ? -0.379  -1.769  -0.982  1.00 23.11  ? 74  PHE A CG  1 
ATOM   491  C CD1 . PHE A 1 60  ? 0.597   -1.807  0.019   1.00 22.75  ? 74  PHE A CD1 1 
ATOM   492  C CD2 . PHE A 1 60  ? 0.020   -1.510  -2.298  1.00 24.32  ? 74  PHE A CD2 1 
ATOM   493  C CE1 . PHE A 1 60  ? 1.935   -1.606  -0.277  1.00 23.39  ? 74  PHE A CE1 1 
ATOM   494  C CE2 . PHE A 1 60  ? 1.369   -1.302  -2.599  1.00 22.66  ? 74  PHE A CE2 1 
ATOM   495  C CZ  . PHE A 1 60  ? 2.326   -1.344  -1.588  1.00 24.79  ? 74  PHE A CZ  1 
ATOM   496  N N   . PRO A 1 61  ? -3.645  -3.102  1.755   1.00 23.06  ? 75  PRO A N   1 
ATOM   497  C CA  . PRO A 1 61  ? -4.985  -2.991  2.318   1.00 23.58  ? 75  PRO A CA  1 
ATOM   498  C C   . PRO A 1 61  ? -5.840  -1.998  1.503   1.00 24.76  ? 75  PRO A C   1 
ATOM   499  O O   . PRO A 1 61  ? -5.322  -0.977  1.029   1.00 22.40  ? 75  PRO A O   1 
ATOM   500  C CB  . PRO A 1 61  ? -4.749  -2.416  3.723   1.00 25.10  ? 75  PRO A CB  1 
ATOM   501  C CG  . PRO A 1 61  ? -3.316  -2.606  4.007   1.00 24.21  ? 75  PRO A CG  1 
ATOM   502  C CD  . PRO A 1 61  ? -2.585  -2.764  2.723   1.00 23.09  ? 75  PRO A CD  1 
ATOM   503  N N   . GLY A 1 62  ? -7.125  -2.291  1.370   1.00 25.07  ? 76  GLY A N   1 
ATOM   504  C CA  . GLY A 1 62  ? -8.027  -1.388  0.623   1.00 25.64  ? 76  GLY A CA  1 
ATOM   505  C C   . GLY A 1 62  ? -9.266  -2.098  0.127   1.00 24.96  ? 76  GLY A C   1 
ATOM   506  O O   . GLY A 1 62  ? -9.488  -3.288  0.410   1.00 24.62  ? 76  GLY A O   1 
ATOM   507  N N   . GLY A 1 63  ? -10.074 -1.372  -0.637  1.00 25.51  ? 77  GLY A N   1 
ATOM   508  C CA  . GLY A 1 63  ? -11.311 -1.937  -1.173  1.00 25.49  ? 77  GLY A CA  1 
ATOM   509  C C   . GLY A 1 63  ? -12.238 -0.894  -1.731  1.00 24.48  ? 77  GLY A C   1 
ATOM   510  O O   . GLY A 1 63  ? -11.841 0.264   -1.938  1.00 23.23  ? 77  GLY A O   1 
ATOM   511  N N   . LYS A 1 64  ? -13.488 -1.307  -1.959  1.00 24.98  ? 78  LYS A N   1 
ATOM   512  C CA  . LYS A 1 64  ? -14.466 -0.466  -2.673  1.00 26.07  ? 78  LYS A CA  1 
ATOM   513  C C   . LYS A 1 64  ? -15.069 0.616   -1.796  1.00 25.10  ? 78  LYS A C   1 
ATOM   514  O O   . LYS A 1 64  ? -15.438 0.380   -0.633  1.00 24.45  ? 78  LYS A O   1 
ATOM   515  C CB  . LYS A 1 64  ? -15.589 -1.335  -3.248  1.00 29.53  ? 78  LYS A CB  1 
ATOM   516  C CG  . LYS A 1 64  ? -16.428 -0.596  -4.269  1.00 33.41  ? 78  LYS A CG  1 
ATOM   517  C CD  . LYS A 1 64  ? -17.315 -1.533  -5.065  1.00 38.92  ? 78  LYS A CD  1 
ATOM   518  C CE  . LYS A 1 64  ? -18.351 -0.754  -5.872  1.00 42.44  ? 78  LYS A CE  1 
ATOM   519  N NZ  . LYS A 1 64  ? -17.730 0.297   -6.717  1.00 49.49  ? 78  LYS A NZ  1 
ATOM   520  N N   . ARG A 1 65  ? -15.205 1.813   -2.337  1.00 25.42  ? 79  ARG A N   1 
ATOM   521  C CA  . ARG A 1 65  ? -15.836 2.889   -1.618  1.00 25.30  ? 79  ARG A CA  1 
ATOM   522  C C   . ARG A 1 65  ? -17.298 2.501   -1.339  1.00 26.18  ? 79  ARG A C   1 
ATOM   523  O O   . ARG A 1 65  ? -17.918 1.776   -2.130  1.00 26.33  ? 79  ARG A O   1 
ATOM   524  C CB  . ARG A 1 65  ? -15.766 4.186   -2.403  1.00 27.28  ? 79  ARG A CB  1 
ATOM   525  C CG  . ARG A 1 65  ? -16.456 5.362   -1.732  1.00 29.67  ? 79  ARG A CG  1 
ATOM   526  C CD  . ARG A 1 65  ? -15.915 6.701   -2.208  1.00 30.97  ? 79  ARG A CD  1 
ATOM   527  N NE  . ARG A 1 65  ? -16.663 7.836   -1.662  1.00 30.36  ? 79  ARG A NE  1 
ATOM   528  C CZ  . ARG A 1 65  ? -16.336 9.116   -1.831  1.00 33.18  ? 79  ARG A CZ  1 
ATOM   529  N NH1 . ARG A 1 65  ? -15.257 9.463   -2.536  1.00 33.10  ? 79  ARG A NH1 1 
ATOM   530  N NH2 . ARG A 1 65  ? -17.108 10.076  -1.313  1.00 33.93  ? 79  ARG A NH2 1 
ATOM   531  N N   . ASP A 1 66  ? -17.785 2.921   -0.183  1.00 26.90  ? 80  ASP A N   1 
ATOM   532  C CA  . ASP A 1 66  ? -19.204 2.744   0.178   1.00 26.34  ? 80  ASP A CA  1 
ATOM   533  C C   . ASP A 1 66  ? -19.830 4.047   0.597   1.00 25.27  ? 80  ASP A C   1 
ATOM   534  O O   . ASP A 1 66  ? -19.146 5.065   0.783   1.00 27.06  ? 80  ASP A O   1 
ATOM   535  C CB  . ASP A 1 66  ? -19.386 1.563   1.156   1.00 26.59  ? 80  ASP A CB  1 
ATOM   536  C CG  . ASP A 1 66  ? -19.212 1.934   2.633   1.00 27.51  ? 80  ASP A CG  1 
ATOM   537  O OD1 . ASP A 1 66  ? -19.094 3.118   3.008   1.00 26.83  ? 80  ASP A OD1 1 
ATOM   538  O OD2 . ASP A 1 66  ? -19.227 0.980   3.444   1.00 30.85  ? 80  ASP A OD2 1 
ATOM   539  N N   . PRO A 1 67  ? -21.192 4.075   0.726   1.00 25.14  ? 81  PRO A N   1 
ATOM   540  C CA  . PRO A 1 67  ? -21.818 5.370   0.995   1.00 26.04  ? 81  PRO A CA  1 
ATOM   541  C C   . PRO A 1 67  ? -21.420 6.075   2.269   1.00 26.17  ? 81  PRO A C   1 
ATOM   542  O O   . PRO A 1 67  ? -21.544 7.283   2.336   1.00 27.89  ? 81  PRO A O   1 
ATOM   543  C CB  . PRO A 1 67  ? -23.332 5.044   0.996   1.00 27.57  ? 81  PRO A CB  1 
ATOM   544  C CG  . PRO A 1 67  ? -23.447 3.821   0.184   1.00 26.37  ? 81  PRO A CG  1 
ATOM   545  C CD  . PRO A 1 67  ? -22.172 3.034   0.389   1.00 27.21  ? 81  PRO A CD  1 
ATOM   546  N N   . THR A 1 68  ? -20.922 5.343   3.272   1.00 27.18  ? 82  THR A N   1 
ATOM   547  C CA  . THR A 1 68  ? -20.532 5.955   4.547   1.00 28.81  ? 82  THR A CA  1 
ATOM   548  C C   . THR A 1 68  ? -19.285 6.834   4.430   1.00 29.45  ? 82  THR A C   1 
ATOM   549  O O   . THR A 1 68  ? -19.120 7.781   5.182   1.00 28.65  ? 82  THR A O   1 
ATOM   550  C CB  . THR A 1 68  ? -20.257 4.922   5.667   1.00 30.29  ? 82  THR A CB  1 
ATOM   551  O OG1 . THR A 1 68  ? -19.016 4.228   5.431   1.00 29.84  ? 82  THR A OG1 1 
ATOM   552  C CG2 . THR A 1 68  ? -21.380 3.929   5.786   1.00 29.10  ? 82  THR A CG2 1 
ATOM   553  N N   . ASP A 1 69  ? -18.427 6.536   3.453   1.00 29.31  ? 83  ASP A N   1 
ATOM   554  C CA  . ASP A 1 69  ? -17.136 7.203   3.366   1.00 28.01  ? 83  ASP A CA  1 
ATOM   555  C C   . ASP A 1 69  ? -17.257 8.691   3.049   1.00 28.25  ? 83  ASP A C   1 
ATOM   556  O O   . ASP A 1 69  ? -17.815 9.057   2.028   1.00 30.49  ? 83  ASP A O   1 
ATOM   557  C CB  . ASP A 1 69  ? -16.263 6.513   2.290   1.00 27.40  ? 83  ASP A CB  1 
ATOM   558  C CG  . ASP A 1 69  ? -15.954 5.075   2.605   1.00 25.89  ? 83  ASP A CG  1 
ATOM   559  O OD1 . ASP A 1 69  ? -15.782 4.733   3.801   1.00 27.11  ? 83  ASP A OD1 1 
ATOM   560  O OD2 . ASP A 1 69  ? -15.825 4.239   1.680   1.00 26.56  ? 83  ASP A OD2 1 
ATOM   561  N N   . MET A 1 70  ? -16.703 9.549   3.901   1.00 29.12  ? 84  MET A N   1 
ATOM   562  C CA  . MET A 1 70  ? -16.687 10.997  3.647   1.00 31.91  ? 84  MET A CA  1 
ATOM   563  C C   . MET A 1 70  ? -15.885 11.351  2.390   1.00 31.73  ? 84  MET A C   1 
ATOM   564  O O   . MET A 1 70  ? -16.206 12.307  1.692   1.00 32.41  ? 84  MET A O   1 
ATOM   565  C CB  . MET A 1 70  ? -16.108 11.760  4.846   1.00 35.98  ? 84  MET A CB  1 
ATOM   566  C CG  . MET A 1 70  ? -16.968 11.745  6.103   1.00 41.68  ? 84  MET A CG  1 
ATOM   567  S SD  . MET A 1 70  ? -18.482 12.708  5.924   1.00 45.66  ? 84  MET A SD  1 
ATOM   568  C CE  . MET A 1 70  ? -17.882 14.396  5.880   1.00 47.46  ? 84  MET A CE  1 
ATOM   569  N N   . ASP A 1 71  ? -14.828 10.585  2.125   1.00 29.70  ? 85  ASP A N   1 
ATOM   570  C CA  . ASP A 1 71  ? -13.952 10.822  0.984   1.00 29.35  ? 85  ASP A CA  1 
ATOM   571  C C   . ASP A 1 71  ? -13.174 9.539   0.664   1.00 26.42  ? 85  ASP A C   1 
ATOM   572  O O   . ASP A 1 71  ? -13.388 8.498   1.297   1.00 24.35  ? 85  ASP A O   1 
ATOM   573  C CB  . ASP A 1 71  ? -13.053 12.043  1.248   1.00 30.96  ? 85  ASP A CB  1 
ATOM   574  C CG  . ASP A 1 71  ? -12.194 11.914  2.498   1.00 31.64  ? 85  ASP A CG  1 
ATOM   575  O OD1 . ASP A 1 71  ? -11.925 10.791  2.973   1.00 30.81  ? 85  ASP A OD1 1 
ATOM   576  O OD2 . ASP A 1 71  ? -11.756 12.968  3.007   1.00 34.79  ? 85  ASP A OD2 1 
ATOM   577  N N   . ASP A 1 72  ? -12.281 9.598   -0.323  1.00 24.46  ? 86  ASP A N   1 
ATOM   578  C CA  . ASP A 1 72  ? -11.563 8.418   -0.760  1.00 24.42  ? 86  ASP A CA  1 
ATOM   579  C C   . ASP A 1 72  ? -10.554 7.916   0.291   1.00 21.38  ? 86  ASP A C   1 
ATOM   580  O O   . ASP A 1 72  ? -10.314 6.716   0.364   1.00 23.03  ? 86  ASP A O   1 
ATOM   581  C CB  . ASP A 1 72  ? -10.872 8.667   -2.115  1.00 24.70  ? 86  ASP A CB  1 
ATOM   582  C CG  . ASP A 1 72  ? -11.868 8.703   -3.285  1.00 28.06  ? 86  ASP A CG  1 
ATOM   583  O OD1 . ASP A 1 72  ? -12.874 7.957   -3.234  1.00 27.14  ? 86  ASP A OD1 1 
ATOM   584  O OD2 . ASP A 1 72  ? -11.633 9.458   -4.260  1.00 28.32  ? 86  ASP A OD2 1 
ATOM   585  N N   . ALA A 1 73  ? -9.978  8.831   1.050   1.00 22.84  ? 87  ALA A N   1 
ATOM   586  C CA  . ALA A 1 73  ? -9.052  8.449   2.139   1.00 23.10  ? 87  ALA A CA  1 
ATOM   587  C C   . ALA A 1 73  ? -9.804  7.622   3.198   1.00 22.90  ? 87  ALA A C   1 
ATOM   588  O O   . ALA A 1 73  ? -9.300  6.611   3.691   1.00 23.02  ? 87  ALA A O   1 
ATOM   589  C CB  . ALA A 1 73  ? -8.429  9.674   2.762   1.00 24.11  ? 87  ALA A CB  1 
ATOM   590  N N   . ALA A 1 74  ? -11.031 8.027   3.507   1.00 23.01  ? 88  ALA A N   1 
ATOM   591  C CA  . ALA A 1 74  ? -11.871 7.246   4.435   1.00 24.21  ? 88  ALA A CA  1 
ATOM   592  C C   . ALA A 1 74  ? -12.087 5.809   3.999   1.00 23.77  ? 88  ALA A C   1 
ATOM   593  O O   . ALA A 1 74  ? -12.060 4.902   4.823   1.00 22.74  ? 88  ALA A O   1 
ATOM   594  C CB  . ALA A 1 74  ? -13.207 7.943   4.691   1.00 24.77  ? 88  ALA A CB  1 
ATOM   595  N N   . THR A 1 75  ? -12.263 5.578   2.698   1.00 21.72  ? 89  THR A N   1 
ATOM   596  C CA  . THR A 1 75  ? -12.374 4.240   2.159   1.00 22.29  ? 89  THR A CA  1 
ATOM   597  C C   . THR A 1 75  ? -11.162 3.384   2.525   1.00 22.89  ? 89  THR A C   1 
ATOM   598  O O   . THR A 1 75  ? -11.285 2.237   2.997   1.00 22.11  ? 89  THR A O   1 
ATOM   599  C CB  . THR A 1 75  ? -12.522 4.254   0.609   1.00 23.69  ? 89  THR A CB  1 
ATOM   600  O OG1 . THR A 1 75  ? -13.641 5.074   0.225   1.00 23.75  ? 89  THR A OG1 1 
ATOM   601  C CG2 . THR A 1 75  ? -12.694 2.866   0.076   1.00 23.38  ? 89  THR A CG2 1 
ATOM   602  N N   . ALA A 1 76  ? -9.984  3.947   2.256   1.00 21.71  ? 90  ALA A N   1 
ATOM   603  C CA  . ALA A 1 76  ? -8.739  3.249   2.532   1.00 21.83  ? 90  ALA A CA  1 
ATOM   604  C C   . ALA A 1 76  ? -8.625  2.879   4.033   1.00 20.96  ? 90  ALA A C   1 
ATOM   605  O O   . ALA A 1 76  ? -8.274  1.754   4.343   1.00 22.37  ? 90  ALA A O   1 
ATOM   606  C CB  . ALA A 1 76  ? -7.548  4.089   2.090   1.00 22.63  ? 90  ALA A CB  1 
ATOM   607  N N   . LEU A 1 77  ? -8.934  3.823   4.913   1.00 22.33  ? 91  LEU A N   1 
ATOM   608  C CA  . LEU A 1 77  ? -8.833  3.611   6.372   1.00 24.98  ? 91  LEU A CA  1 
ATOM   609  C C   . LEU A 1 77  ? -9.876  2.629   6.889   1.00 24.81  ? 91  LEU A C   1 
ATOM   610  O O   . LEU A 1 77  ? -9.539  1.740   7.648   1.00 23.85  ? 91  LEU A O   1 
ATOM   611  C CB  . LEU A 1 77  ? -8.957  4.912   7.132   1.00 26.63  ? 91  LEU A CB  1 
ATOM   612  C CG  . LEU A 1 77  ? -7.880  5.971   6.853   1.00 29.39  ? 91  LEU A CG  1 
ATOM   613  C CD1 . LEU A 1 77  ? -7.983  7.097   7.873   1.00 32.30  ? 91  LEU A CD1 1 
ATOM   614  C CD2 . LEU A 1 77  ? -6.484  5.368   6.826   1.00 30.99  ? 91  LEU A CD2 1 
ATOM   615  N N   . ARG A 1 78  ? -11.117 2.742   6.410   1.00 24.75  ? 92  ARG A N   1 
ATOM   616  C CA  . ARG A 1 78  ? -12.173 1.751   6.766   1.00 24.21  ? 92  ARG A CA  1 
ATOM   617  C C   . ARG A 1 78  ? -11.785 0.334   6.392   1.00 25.27  ? 92  ARG A C   1 
ATOM   618  O O   . ARG A 1 78  ? -11.898 -0.607  7.213   1.00 24.36  ? 92  ARG A O   1 
ATOM   619  C CB  . ARG A 1 78  ? -13.519 2.105   6.108   1.00 24.91  ? 92  ARG A CB  1 
ATOM   620  C CG  . ARG A 1 78  ? -14.657 1.138   6.456   1.00 26.59  ? 92  ARG A CG  1 
ATOM   621  C CD  . ARG A 1 78  ? -16.006 1.584   5.889   1.00 27.36  ? 92  ARG A CD  1 
ATOM   622  N NE  . ARG A 1 78  ? -15.897 1.904   4.456   1.00 26.50  ? 92  ARG A NE  1 
ATOM   623  C CZ  . ARG A 1 78  ? -15.780 1.021   3.476   1.00 26.02  ? 92  ARG A CZ  1 
ATOM   624  N NH1 . ARG A 1 78  ? -15.797 -0.286  3.705   1.00 28.13  ? 92  ARG A NH1 1 
ATOM   625  N NH2 . ARG A 1 78  ? -15.645 1.461   2.220   1.00 26.98  ? 92  ARG A NH2 1 
ATOM   626  N N   . GLU A 1 79  ? -11.315 0.152   5.154   1.00 24.65  ? 93  GLU A N   1 
ATOM   627  C CA  . GLU A 1 79  ? -10.926 -1.160  4.683   1.00 24.81  ? 93  GLU A CA  1 
ATOM   628  C C   . GLU A 1 79  ? -9.691  -1.700  5.413   1.00 24.76  ? 93  GLU A C   1 
ATOM   629  O O   . GLU A 1 79  ? -9.649  -2.884  5.743   1.00 24.69  ? 93  GLU A O   1 
ATOM   630  C CB  . GLU A 1 79  ? -10.716 -1.179  3.163   1.00 27.43  ? 93  GLU A CB  1 
ATOM   631  C CG  . GLU A 1 79  ? -12.021 -1.011  2.375   1.00 29.70  ? 93  GLU A CG  1 
ATOM   632  C CD  . GLU A 1 79  ? -12.874 -2.270  2.236   1.00 33.85  ? 93  GLU A CD  1 
ATOM   633  O OE1 . GLU A 1 79  ? -12.377 -3.387  2.371   1.00 40.83  ? 93  GLU A OE1 1 
ATOM   634  O OE2 . GLU A 1 79  ? -14.071 -2.137  1.962   1.00 43.66  ? 93  GLU A OE2 1 
ATOM   635  N N   . ALA A 1 80  ? -8.700  -0.840  5.665   1.00 24.28  ? 94  ALA A N   1 
ATOM   636  C CA  . ALA A 1 80  ? -7.536  -1.236  6.432   1.00 24.70  ? 94  ALA A CA  1 
ATOM   637  C C   . ALA A 1 80  ? -7.910  -1.726  7.858   1.00 26.61  ? 94  ALA A C   1 
ATOM   638  O O   . ALA A 1 80  ? -7.341  -2.716  8.326   1.00 27.39  ? 94  ALA A O   1 
ATOM   639  C CB  . ALA A 1 80  ? -6.516  -0.109  6.505   1.00 25.64  ? 94  ALA A CB  1 
ATOM   640  N N   . GLN A 1 81  ? -8.850  -1.056  8.501   1.00 26.24  ? 95  GLN A N   1 
ATOM   641  C CA  . GLN A 1 81  ? -9.332  -1.487  9.831   1.00 28.54  ? 95  GLN A CA  1 
ATOM   642  C C   . GLN A 1 81  ? -9.957  -2.887  9.751   1.00 29.66  ? 95  GLN A C   1 
ATOM   643  O O   . GLN A 1 81  ? -9.602  -3.796  10.518  1.00 27.58  ? 95  GLN A O   1 
ATOM   644  C CB  . GLN A 1 81  ? -10.318 -0.486  10.426  1.00 29.92  ? 95  GLN A CB  1 
ATOM   645  C CG  . GLN A 1 81  ? -10.672 -0.820  11.885  1.00 33.36  ? 95  GLN A CG  1 
ATOM   646  C CD  . GLN A 1 81  ? -11.281 0.325   12.689  1.00 35.74  ? 95  GLN A CD  1 
ATOM   647  O OE1 . GLN A 1 81  ? -11.445 1.442   12.217  1.00 42.88  ? 95  GLN A OE1 1 
ATOM   648  N NE2 . GLN A 1 81  ? -11.618 0.032   13.936  1.00 44.57  ? 95  GLN A NE2 1 
ATOM   649  N N   . GLU A 1 82  ? -10.840 -3.071  8.776   1.00 28.82  ? 96  GLU A N   1 
ATOM   650  C CA  . GLU A 1 82  ? -11.499 -4.357  8.566   1.00 30.46  ? 96  GLU A CA  1 
ATOM   651  C C   . GLU A 1 82  ? -10.530 -5.500  8.291   1.00 28.97  ? 96  GLU A C   1 
ATOM   652  O O   . GLU A 1 82  ? -10.713 -6.617  8.776   1.00 28.81  ? 96  GLU A O   1 
ATOM   653  C CB  . GLU A 1 82  ? -12.511 -4.241  7.400   1.00 34.30  ? 96  GLU A CB  1 
ATOM   654  C CG  . GLU A 1 82  ? -13.380 -5.470  7.217   1.00 42.11  ? 96  GLU A CG  1 
ATOM   655  C CD  . GLU A 1 82  ? -14.302 -5.714  8.400   1.00 48.21  ? 96  GLU A CD  1 
ATOM   656  O OE1 . GLU A 1 82  ? -14.791 -4.729  8.999   1.00 56.25  ? 96  GLU A OE1 1 
ATOM   657  O OE2 . GLU A 1 82  ? -14.535 -6.897  8.732   1.00 58.83  ? 96  GLU A OE2 1 
ATOM   658  N N   . GLU A 1 83  ? -9.484  -5.237  7.515   1.00 26.19  ? 97  GLU A N   1 
ATOM   659  C CA  . GLU A 1 83  ? -8.574  -6.266  7.055   1.00 26.26  ? 97  GLU A CA  1 
ATOM   660  C C   . GLU A 1 83  ? -7.455  -6.610  8.049   1.00 27.35  ? 97  GLU A C   1 
ATOM   661  O O   . GLU A 1 83  ? -7.106  -7.777  8.178   1.00 28.25  ? 97  GLU A O   1 
ATOM   662  C CB  . GLU A 1 83  ? -8.004  -5.871  5.672   1.00 27.54  ? 97  GLU A CB  1 
ATOM   663  C CG  . GLU A 1 83  ? -9.108  -5.901  4.589   1.00 28.48  ? 97  GLU A CG  1 
ATOM   664  C CD  . GLU A 1 83  ? -8.866  -5.040  3.351   1.00 34.83  ? 97  GLU A CD  1 
ATOM   665  O OE1 . GLU A 1 83  ? -7.794  -4.421  3.257   1.00 34.72  ? 97  GLU A OE1 1 
ATOM   666  O OE2 . GLU A 1 83  ? -9.785  -4.987  2.470   1.00 35.71  ? 97  GLU A OE2 1 
ATOM   667  N N   . VAL A 1 84  ? -6.860  -5.598  8.683   1.00 27.64  ? 98  VAL A N   1 
ATOM   668  C CA  . VAL A 1 84  ? -5.680  -5.807  9.555   1.00 27.66  ? 98  VAL A CA  1 
ATOM   669  C C   . VAL A 1 84  ? -5.772  -5.184  10.952  1.00 27.86  ? 98  VAL A C   1 
ATOM   670  O O   . VAL A 1 84  ? -4.788  -5.237  11.712  1.00 29.97  ? 98  VAL A O   1 
ATOM   671  C CB  . VAL A 1 84  ? -4.379  -5.365  8.846   1.00 26.87  ? 98  VAL A CB  1 
ATOM   672  C CG1 . VAL A 1 84  ? -4.231  -6.071  7.503   1.00 27.37  ? 98  VAL A CG1 1 
ATOM   673  C CG2 . VAL A 1 84  ? -4.339  -3.858  8.633   1.00 27.73  ? 98  VAL A CG2 1 
ATOM   674  N N   . GLY A 1 85  ? -6.922  -4.602  11.287  1.00 26.73  ? 99  GLY A N   1 
ATOM   675  C CA  . GLY A 1 85  ? -7.179  -3.996  12.602  1.00 28.56  ? 99  GLY A CA  1 
ATOM   676  C C   . GLY A 1 85  ? -6.598  -2.616  12.836  1.00 30.34  ? 99  GLY A C   1 
ATOM   677  O O   . GLY A 1 85  ? -6.621  -2.099  13.974  1.00 31.52  ? 99  GLY A O   1 
ATOM   678  N N   . LEU A 1 86  ? -6.081  -1.986  11.772  1.00 27.46  ? 100 LEU A N   1 
ATOM   679  C CA  . LEU A 1 86  ? -5.551  -0.635  11.879  1.00 27.64  ? 100 LEU A CA  1 
ATOM   680  C C   . LEU A 1 86  ? -6.638  0.387   12.214  1.00 29.06  ? 100 LEU A C   1 
ATOM   681  O O   . LEU A 1 86  ? -7.583  0.606   11.432  1.00 28.04  ? 100 LEU A O   1 
ATOM   682  C CB  . LEU A 1 86  ? -4.840  -0.272  10.547  1.00 28.38  ? 100 LEU A CB  1 
ATOM   683  C CG  . LEU A 1 86  ? -4.157  1.091   10.522  1.00 27.56  ? 100 LEU A CG  1 
ATOM   684  C CD1 . LEU A 1 86  ? -2.879  1.086   11.367  1.00 27.12  ? 100 LEU A CD1 1 
ATOM   685  C CD2 . LEU A 1 86  ? -3.869  1.503   9.080   1.00 28.90  ? 100 LEU A CD2 1 
ATOM   686  N N   . ARG A 1 87  ? -6.494  1.062   13.349  1.00 29.22  ? 101 ARG A N   1 
ATOM   687  C CA  . ARG A 1 87  ? -7.441  2.063   13.802  1.00 33.45  ? 101 ARG A CA  1 
ATOM   688  C C   . ARG A 1 87  ? -7.046  3.462   13.293  1.00 35.07  ? 101 ARG A C   1 
ATOM   689  O O   . ARG A 1 87  ? -5.866  3.730   13.072  1.00 29.99  ? 101 ARG A O   1 
ATOM   690  C CB  . ARG A 1 87  ? -7.566  2.021   15.333  1.00 38.31  ? 101 ARG A CB  1 
ATOM   691  C CG  . ARG A 1 87  ? -8.225  0.731   15.822  1.00 44.17  ? 101 ARG A CG  1 
ATOM   692  C CD  . ARG A 1 87  ? -7.979  0.466   17.296  1.00 52.18  ? 101 ARG A CD  1 
ATOM   693  N NE  . ARG A 1 87  ? -8.721  1.393   18.155  1.00 59.51  ? 101 ARG A NE  1 
ATOM   694  C CZ  . ARG A 1 87  ? -8.573  1.506   19.481  1.00 64.92  ? 101 ARG A CZ  1 
ATOM   695  N NH1 . ARG A 1 87  ? -7.691  0.754   20.149  1.00 67.58  ? 101 ARG A NH1 1 
ATOM   696  N NH2 . ARG A 1 87  ? -9.313  2.394   20.150  1.00 64.75  ? 101 ARG A NH2 1 
HETATM 697  N N   . HYP A 1 88  ? -8.027  4.353   13.053  1.00 39.20  ? 102 HYP A N   1 
HETATM 698  C CA  . HYP A 1 88  ? -7.660  5.677   12.520  1.00 39.08  ? 102 HYP A CA  1 
HETATM 699  C C   . HYP A 1 88  ? -6.656  6.496   13.281  1.00 35.82  ? 102 HYP A C   1 
HETATM 700  O O   . HYP A 1 88  ? -5.845  7.174   12.641  1.00 37.18  ? 102 HYP A O   1 
HETATM 701  C CB  . HYP A 1 88  ? -8.977  6.424   12.329  1.00 43.39  ? 102 HYP A CB  1 
HETATM 702  C CG  . HYP A 1 88  ? -9.979  5.303   12.098  1.00 45.53  ? 102 HYP A CG  1 
HETATM 703  C CD  . HYP A 1 88  ? -9.467  4.120   12.919  1.00 43.86  ? 102 HYP A CD  1 
HETATM 704  O OD1 . HYP A 1 88  ? -9.954  4.937   10.714  1.00 51.21  ? 102 HYP A OD1 1 
ATOM   705  N N   . HIS A 1 89  ? -6.652  6.419   14.615  1.00 32.37  ? 103 HIS A N   1 
ATOM   706  C CA  . HIS A 1 89  ? -5.635  7.101   15.419  1.00 33.28  ? 103 HIS A CA  1 
ATOM   707  C C   . HIS A 1 89  ? -4.216  6.546   15.190  1.00 28.59  ? 103 HIS A C   1 
ATOM   708  O O   . HIS A 1 89  ? -3.240  7.168   15.607  1.00 29.35  ? 103 HIS A O   1 
ATOM   709  C CB  . HIS A 1 89  ? -5.983  7.125   16.932  1.00 35.11  ? 103 HIS A CB  1 
ATOM   710  C CG  . HIS A 1 89  ? -5.847  5.802   17.626  1.00 34.28  ? 103 HIS A CG  1 
ATOM   711  N ND1 . HIS A 1 89  ? -4.689  5.411   18.259  1.00 35.38  ? 103 HIS A ND1 1 
ATOM   712  C CD2 . HIS A 1 89  ? -6.731  4.792   17.802  1.00 33.56  ? 103 HIS A CD2 1 
ATOM   713  C CE1 . HIS A 1 89  ? -4.861  4.207   18.778  1.00 32.90  ? 103 HIS A CE1 1 
ATOM   714  N NE2 . HIS A 1 89  ? -6.092  3.812   18.516  1.00 34.22  ? 103 HIS A NE2 1 
ATOM   715  N N   . GLN A 1 90  ? -4.106  5.390   14.544  1.00 26.42  ? 104 GLN A N   1 
ATOM   716  C CA  . GLN A 1 90  ? -2.818  4.744   14.320  1.00 25.81  ? 104 GLN A CA  1 
ATOM   717  C C   . GLN A 1 90  ? -2.218  5.049   12.964  1.00 25.22  ? 104 GLN A C   1 
ATOM   718  O O   . GLN A 1 90  ? -1.170  4.499   12.633  1.00 24.22  ? 104 GLN A O   1 
ATOM   719  C CB  . GLN A 1 90  ? -2.960  3.232   14.501  1.00 27.78  ? 104 GLN A CB  1 
ATOM   720  C CG  . GLN A 1 90  ? -3.490  2.833   15.871  1.00 29.09  ? 104 GLN A CG  1 
ATOM   721  C CD  . GLN A 1 90  ? -3.476  1.335   16.069  1.00 32.12  ? 104 GLN A CD  1 
ATOM   722  O OE1 . GLN A 1 90  ? -2.746  0.808   16.926  1.00 36.07  ? 104 GLN A OE1 1 
ATOM   723  N NE2 . GLN A 1 90  ? -4.234  0.630   15.253  1.00 26.95  ? 104 GLN A NE2 1 
ATOM   724  N N   . VAL A 1 91  ? -2.873  5.919   12.186  1.00 25.63  ? 105 VAL A N   1 
ATOM   725  C CA  . VAL A 1 91  ? -2.414  6.274   10.854  1.00 25.65  ? 105 VAL A CA  1 
ATOM   726  C C   . VAL A 1 91  ? -2.548  7.777   10.562  1.00 26.68  ? 105 VAL A C   1 
ATOM   727  O O   . VAL A 1 91  ? -3.581  8.420   10.851  1.00 27.04  ? 105 VAL A O   1 
ATOM   728  C CB  . VAL A 1 91  ? -3.123  5.409   9.781   1.00 28.86  ? 105 VAL A CB  1 
ATOM   729  C CG1 . VAL A 1 91  ? -4.628  5.445   9.943   1.00 30.50  ? 105 VAL A CG1 1 
ATOM   730  C CG2 . VAL A 1 91  ? -2.708  5.820   8.371   1.00 28.81  ? 105 VAL A CG2 1 
ATOM   731  N N   . GLU A 1 92  ? -1.478  8.337   10.014  1.00 24.16  ? 106 GLU A N   1 
ATOM   732  C CA  . GLU A 1 92  ? -1.487  9.693   9.478   1.00 26.20  ? 106 GLU A CA  1 
ATOM   733  C C   . GLU A 1 92  ? -1.454  9.580   7.948   1.00 24.74  ? 106 GLU A C   1 
ATOM   734  O O   . GLU A 1 92  ? -0.450  9.148   7.381   1.00 24.37  ? 106 GLU A O   1 
ATOM   735  C CB  . GLU A 1 92  ? -0.280  10.472  9.984   1.00 29.35  ? 106 GLU A CB  1 
ATOM   736  C CG  . GLU A 1 92  ? -0.279  11.939  9.568   1.00 33.22  ? 106 GLU A CG  1 
ATOM   737  C CD  . GLU A 1 92  ? 0.972   12.694  9.994   1.00 35.11  ? 106 GLU A CD  1 
ATOM   738  O OE1 . GLU A 1 92  ? 1.865   12.118  10.653  1.00 40.37  ? 106 GLU A OE1 1 
ATOM   739  O OE2 . GLU A 1 92  ? 1.065   13.883  9.637   1.00 42.31  ? 106 GLU A OE2 1 
ATOM   740  N N   . VAL A 1 93  ? -2.550  9.960   7.302   1.00 24.88  ? 107 VAL A N   1 
ATOM   741  C CA  . VAL A 1 93  ? -2.598  9.981   5.829   1.00 25.95  ? 107 VAL A CA  1 
ATOM   742  C C   . VAL A 1 93  ? -1.865  11.234  5.370   1.00 26.21  ? 107 VAL A C   1 
ATOM   743  O O   . VAL A 1 93  ? -2.253  12.347  5.732   1.00 27.91  ? 107 VAL A O   1 
ATOM   744  C CB  . VAL A 1 93  ? -4.039  9.962   5.303   1.00 27.76  ? 107 VAL A CB  1 
ATOM   745  C CG1 . VAL A 1 93  ? -4.050  10.030  3.775   1.00 28.69  ? 107 VAL A CG1 1 
ATOM   746  C CG2 . VAL A 1 93  ? -4.749  8.717   5.808   1.00 28.48  ? 107 VAL A CG2 1 
ATOM   747  N N   . VAL A 1 94  ? -0.812  11.040  4.580   1.00 26.65  ? 108 VAL A N   1 
ATOM   748  C CA  . VAL A 1 94  ? 0.115   12.107  4.208   1.00 28.51  ? 108 VAL A CA  1 
ATOM   749  C C   . VAL A 1 94  ? -0.235  12.659  2.826   1.00 29.51  ? 108 VAL A C   1 
ATOM   750  O O   . VAL A 1 94  ? -0.133  13.869  2.598   1.00 31.49  ? 108 VAL A O   1 
ATOM   751  C CB  . VAL A 1 94  ? 1.567   11.579  4.203   1.00 31.43  ? 108 VAL A CB  1 
ATOM   752  C CG1 . VAL A 1 94  ? 2.544   12.676  3.798   1.00 36.68  ? 108 VAL A CG1 1 
ATOM   753  C CG2 . VAL A 1 94  ? 1.932   11.026  5.573   1.00 36.12  ? 108 VAL A CG2 1 
HETATM 754  N N   . CSO A 1 95  ? -0.607  11.775  1.913   1.00 26.58  ? 109 CSO A N   1 
HETATM 755  C CA  . CSO A 1 95  ? -0.964  12.193  0.563   1.00 28.15  ? 109 CSO A CA  1 
HETATM 756  C CB  . CSO A 1 95  ? 0.316   12.569  -0.141  1.00 30.05  ? 109 CSO A CB  1 
HETATM 757  S SG  . CSO A 1 95  ? 1.273   11.148  -0.466  1.00 33.02  ? 109 CSO A SG  1 
HETATM 758  C C   . CSO A 1 95  ? -1.696  11.165  -0.239  1.00 27.20  ? 109 CSO A C   1 
HETATM 759  O O   . CSO A 1 95  ? -1.801  9.977   0.119   1.00 25.37  ? 109 CSO A O   1 
HETATM 760  O OD  . CSO A 1 95  ? 1.323   11.475  -2.150  1.00 39.00  ? 109 CSO A OD  1 
ATOM   761  N N   . CYS A 1 96  ? -2.218  11.651  -1.356  1.00 26.21  ? 110 CYS A N   1 
ATOM   762  C CA  . CYS A 1 96  ? -2.888  10.875  -2.336  1.00 27.08  ? 110 CYS A CA  1 
ATOM   763  C C   . CYS A 1 96  ? -1.985  10.857  -3.583  1.00 28.28  ? 110 CYS A C   1 
ATOM   764  O O   . CYS A 1 96  ? -1.655  11.914  -4.118  1.00 29.38  ? 110 CYS A O   1 
ATOM   765  C CB  . CYS A 1 96  ? -4.201  11.603  -2.621  1.00 34.62  ? 110 CYS A CB  1 
ATOM   766  S SG  . CYS A 1 96  ? -5.174  10.885  -3.894  1.00 40.04  ? 110 CYS A SG  1 
ATOM   767  N N   . LEU A 1 97  ? -1.560  9.679   -4.003  1.00 27.07  ? 111 LEU A N   1 
ATOM   768  C CA  . LEU A 1 97  ? -0.718  9.531   -5.179  1.00 28.86  ? 111 LEU A CA  1 
ATOM   769  C C   . LEU A 1 97  ? -1.590  9.391   -6.435  1.00 30.52  ? 111 LEU A C   1 
ATOM   770  O O   . LEU A 1 97  ? -2.834  9.357   -6.360  1.00 28.05  ? 111 LEU A O   1 
ATOM   771  C CB  . LEU A 1 97  ? 0.244   8.352   -5.037  1.00 29.56  ? 111 LEU A CB  1 
ATOM   772  C CG  . LEU A 1 97  ? 1.377   8.554   -4.023  1.00 30.79  ? 111 LEU A CG  1 
ATOM   773  C CD1 . LEU A 1 97  ? 2.254   7.322   -3.961  1.00 32.18  ? 111 LEU A CD1 1 
ATOM   774  C CD2 . LEU A 1 97  ? 2.226   9.759   -4.319  1.00 31.88  ? 111 LEU A CD2 1 
ATOM   775  N N   . VAL A 1 98  ? -0.923  9.351   -7.585  1.00 32.27  ? 112 VAL A N   1 
ATOM   776  C CA  . VAL A 1 98  ? -1.618  9.179   -8.868  1.00 33.93  ? 112 VAL A CA  1 
ATOM   777  C C   . VAL A 1 98  ? -2.566  7.980   -8.875  1.00 30.27  ? 112 VAL A C   1 
ATOM   778  O O   . VAL A 1 98  ? -2.170  6.846   -8.616  1.00 31.02  ? 112 VAL A O   1 
ATOM   779  C CB  . VAL A 1 98  ? -0.650  9.067   -10.090 1.00 37.60  ? 112 VAL A CB  1 
ATOM   780  C CG1 . VAL A 1 98  ? 0.016   10.411  -10.357 1.00 40.86  ? 112 VAL A CG1 1 
ATOM   781  C CG2 . VAL A 1 98  ? 0.356   7.927   -9.943  1.00 37.73  ? 112 VAL A CG2 1 
ATOM   782  N N   . PRO A 1 99  ? -3.844  8.222   -9.210  1.00 29.66  ? 113 PRO A N   1 
ATOM   783  C CA  . PRO A 1 99  ? -4.755  7.091   -9.307  1.00 28.69  ? 113 PRO A CA  1 
ATOM   784  C C   . PRO A 1 99  ? -4.466  6.162   -10.467 1.00 28.59  ? 113 PRO A C   1 
ATOM   785  O O   . PRO A 1 99  ? -3.823  6.589   -11.483 1.00 31.16  ? 113 PRO A O   1 
ATOM   786  C CB  . PRO A 1 99  ? -6.129  7.751   -9.460  1.00 29.64  ? 113 PRO A CB  1 
ATOM   787  C CG  . PRO A 1 99  ? -5.853  9.061   -10.059 1.00 32.75  ? 113 PRO A CG  1 
ATOM   788  C CD  . PRO A 1 99  ? -4.521  9.495   -9.470  1.00 31.53  ? 113 PRO A CD  1 
ATOM   789  N N   A CYS A 1 100 ? -4.935  4.930   -10.342 0.29 23.55  ? 114 CYS A N   1 
ATOM   790  N N   B CYS A 1 100 ? -4.915  4.919   -10.325 0.20 25.20  ? 114 CYS A N   1 
ATOM   791  C CA  A CYS A 1 100 ? -4.693  3.872   -11.306 0.29 23.37  ? 114 CYS A CA  1 
ATOM   792  C CA  B CYS A 1 100 ? -4.736  3.861   -11.308 0.20 25.04  ? 114 CYS A CA  1 
ATOM   793  C C   A CYS A 1 100 ? -6.026  3.546   -12.023 0.29 23.29  ? 114 CYS A C   1 
ATOM   794  C C   B CYS A 1 100 ? -6.060  3.612   -12.024 0.20 24.70  ? 114 CYS A C   1 
ATOM   795  O O   A CYS A 1 100 ? -7.025  3.242   -11.385 0.29 19.07  ? 114 CYS A O   1 
ATOM   796  O O   B CYS A 1 100 ? -7.082  3.398   -11.380 0.20 21.42  ? 114 CYS A O   1 
ATOM   797  C CB  A CYS A 1 100 ? -4.093  2.662   -10.563 0.29 22.92  ? 114 CYS A CB  1 
ATOM   798  C CB  B CYS A 1 100 ? -4.294  2.582   -10.602 0.20 24.74  ? 114 CYS A CB  1 
ATOM   799  S SG  A CYS A 1 100 ? -2.600  3.080   -9.566  0.29 24.63  ? 114 CYS A SG  1 
ATOM   800  S SG  B CYS A 1 100 ? -4.319  1.107   -11.636 0.20 27.20  ? 114 CYS A SG  1 
ATOM   801  N N   . LEU A 1 101 ? -6.041  3.655   -13.354 1.00 26.91  ? 115 LEU A N   1 
ATOM   802  C CA  . LEU A 1 101 ? -7.243  3.361   -14.159 1.00 28.78  ? 115 LEU A CA  1 
ATOM   803  C C   . LEU A 1 101 ? -7.226  1.916   -14.592 1.00 29.46  ? 115 LEU A C   1 
ATOM   804  O O   . LEU A 1 101 ? -6.226  1.470   -15.145 1.00 31.97  ? 115 LEU A O   1 
ATOM   805  C CB  . LEU A 1 101 ? -7.275  4.230   -15.427 1.00 30.80  ? 115 LEU A CB  1 
ATOM   806  C CG  . LEU A 1 101 ? -7.241  5.739   -15.244 1.00 33.49  ? 115 LEU A CG  1 
ATOM   807  C CD1 . LEU A 1 101 ? -7.092  6.439   -16.596 1.00 34.88  ? 115 LEU A CD1 1 
ATOM   808  C CD2 . LEU A 1 101 ? -8.504  6.195   -14.521 1.00 36.48  ? 115 LEU A CD2 1 
ATOM   809  N N   . ILE A 1 102 ? -8.312  1.173   -14.352 1.00 30.90  ? 116 ILE A N   1 
ATOM   810  C CA  . ILE A 1 102 ? -8.424  -0.201  -14.857 1.00 32.51  ? 116 ILE A CA  1 
ATOM   811  C C   . ILE A 1 102 ? -9.815  -0.528  -15.392 1.00 31.14  ? 116 ILE A C   1 
ATOM   812  O O   . ILE A 1 102 ? -10.805 0.090   -14.987 1.00 31.62  ? 116 ILE A O   1 
ATOM   813  C CB  . ILE A 1 102 ? -8.015  -1.254  -13.790 1.00 39.17  ? 116 ILE A CB  1 
ATOM   814  C CG1 . ILE A 1 102 ? -8.918  -1.194  -12.563 1.00 39.75  ? 116 ILE A CG1 1 
ATOM   815  C CG2 . ILE A 1 102 ? -6.566  -1.056  -13.355 1.00 41.71  ? 116 ILE A CG2 1 
ATOM   816  C CD1 . ILE A 1 102 ? -8.799  -2.433  -11.692 1.00 45.54  ? 116 ILE A CD1 1 
ATOM   817  N N   . ASP A 1 103 ? -9.872  -1.485  -16.317 1.00 32.65  ? 117 ASP A N   1 
ATOM   818  C CA  . ASP A 1 103 ? -11.118 -2.072  -16.834 1.00 36.23  ? 117 ASP A CA  1 
ATOM   819  C C   . ASP A 1 103 ? -12.071 -1.101  -17.524 1.00 33.27  ? 117 ASP A C   1 
ATOM   820  O O   . ASP A 1 103 ? -13.239 -1.416  -17.689 1.00 34.41  ? 117 ASP A O   1 
ATOM   821  C CB  . ASP A 1 103 ? -11.870 -2.827  -15.717 1.00 40.98  ? 117 ASP A CB  1 
ATOM   822  C CG  . ASP A 1 103 ? -11.067 -3.987  -15.143 1.00 49.92  ? 117 ASP A CG  1 
ATOM   823  O OD1 . ASP A 1 103 ? -10.129 -4.463  -15.816 1.00 57.69  ? 117 ASP A OD1 1 
ATOM   824  O OD2 . ASP A 1 103 ? -11.377 -4.431  -14.012 1.00 56.90  ? 117 ASP A OD2 1 
ATOM   825  N N   . THR A 1 104 ? -11.567 0.076   -17.906 1.00 30.21  ? 118 THR A N   1 
ATOM   826  C CA  . THR A 1 104 ? -12.334 1.146   -18.555 1.00 30.53  ? 118 THR A CA  1 
ATOM   827  C C   . THR A 1 104 ? -13.309 1.904   -17.653 1.00 31.14  ? 118 THR A C   1 
ATOM   828  O O   . THR A 1 104 ? -13.668 3.024   -17.985 1.00 31.67  ? 118 THR A O   1 
ATOM   829  C CB  . THR A 1 104 ? -13.072 0.686   -19.856 1.00 32.56  ? 118 THR A CB  1 
ATOM   830  O OG1 . THR A 1 104 ? -14.231 -0.095  -19.550 1.00 32.18  ? 118 THR A OG1 1 
ATOM   831  C CG2 . THR A 1 104 ? -12.158 -0.124  -20.761 1.00 33.24  ? 118 THR A CG2 1 
ATOM   832  N N   . ASP A 1 105 ? -13.719 1.333   -16.512 1.00 29.19  ? 119 ASP A N   1 
ATOM   833  C CA  . ASP A 1 105 ? -14.757 1.935   -15.672 1.00 29.17  ? 119 ASP A CA  1 
ATOM   834  C C   . ASP A 1 105 ? -14.387 2.063   -14.168 1.00 27.81  ? 119 ASP A C   1 
ATOM   835  O O   . ASP A 1 105 ? -15.248 2.408   -13.360 1.00 25.84  ? 119 ASP A O   1 
ATOM   836  C CB  . ASP A 1 105 ? -16.055 1.115   -15.801 1.00 32.65  ? 119 ASP A CB  1 
ATOM   837  C CG  . ASP A 1 105 ? -15.891 -0.335  -15.333 1.00 36.62  ? 119 ASP A CG  1 
ATOM   838  O OD1 . ASP A 1 105 ? -14.828 -0.704  -14.751 1.00 35.60  ? 119 ASP A OD1 1 
ATOM   839  O OD2 . ASP A 1 105 ? -16.832 -1.131  -15.563 1.00 42.41  ? 119 ASP A OD2 1 
ATOM   840  N N   . THR A 1 106 ? -13.116 1.862   -13.834 1.00 26.69  ? 120 THR A N   1 
ATOM   841  C CA  . THR A 1 106 ? -12.691 1.751   -12.440 1.00 27.59  ? 120 THR A CA  1 
ATOM   842  C C   . THR A 1 106 ? -11.482 2.646   -12.202 1.00 27.66  ? 120 THR A C   1 
ATOM   843  O O   . THR A 1 106 ? -10.577 2.744   -13.059 1.00 28.43  ? 120 THR A O   1 
ATOM   844  C CB  . THR A 1 106 ? -12.394 0.280   -12.099 1.00 29.57  ? 120 THR A CB  1 
ATOM   845  O OG1 . THR A 1 106 ? -13.591 -0.479  -12.275 1.00 30.14  ? 120 THR A OG1 1 
ATOM   846  C CG2 . THR A 1 106 ? -11.907 0.136   -10.649 1.00 31.02  ? 120 THR A CG2 1 
ATOM   847  N N   . LEU A 1 107 ? -11.482 3.306   -11.043 1.00 26.32  ? 121 LEU A N   1 
ATOM   848  C CA  . LEU A 1 107 ? -10.395 4.179   -10.649 1.00 25.07  ? 121 LEU A CA  1 
ATOM   849  C C   . LEU A 1 107 ? -9.990  3.800   -9.226  1.00 26.93  ? 121 LEU A C   1 
ATOM   850  O O   . LEU A 1 107 ? -10.830 3.806   -8.315  1.00 24.26  ? 121 LEU A O   1 
ATOM   851  C CB  . LEU A 1 107 ? -10.841 5.626   -10.715 1.00 27.24  ? 121 LEU A CB  1 
ATOM   852  C CG  . LEU A 1 107 ? -9.758  6.700   -10.523 1.00 30.81  ? 121 LEU A CG  1 
ATOM   853  C CD1 . LEU A 1 107 ? -9.964  7.905   -11.427 1.00 35.80  ? 121 LEU A CD1 1 
ATOM   854  C CD2 . LEU A 1 107 ? -9.703  7.176   -9.086  1.00 33.12  ? 121 LEU A CD2 1 
ATOM   855  N N   . ILE A 1 108 ? -8.724  3.456   -9.059  1.00 24.62  ? 122 ILE A N   1 
ATOM   856  C CA  . ILE A 1 108 ? -8.179  3.063   -7.744  1.00 24.95  ? 122 ILE A CA  1 
ATOM   857  C C   . ILE A 1 108 ? -7.275  4.183   -7.246  1.00 25.40  ? 122 ILE A C   1 
ATOM   858  O O   . ILE A 1 108 ? -6.292  4.505   -7.921  1.00 25.23  ? 122 ILE A O   1 
ATOM   859  C CB  . ILE A 1 108 ? -7.401  1.749   -7.860  1.00 27.14  ? 122 ILE A CB  1 
ATOM   860  C CG1 . ILE A 1 108 ? -8.301  0.636   -8.435  1.00 30.87  ? 122 ILE A CG1 1 
ATOM   861  C CG2 . ILE A 1 108 ? -6.817  1.335   -6.496  1.00 28.67  ? 122 ILE A CG2 1 
ATOM   862  C CD1 . ILE A 1 108 ? -7.556  -0.628  -8.749  1.00 34.68  ? 122 ILE A CD1 1 
ATOM   863  N N   . THR A 1 109 ? -7.583  4.761   -6.082  1.00 22.09  ? 123 THR A N   1 
ATOM   864  C CA  . THR A 1 109 ? -6.859  5.908   -5.552  1.00 23.33  ? 123 THR A CA  1 
ATOM   865  C C   . THR A 1 109 ? -5.968  5.426   -4.396  1.00 24.66  ? 123 THR A C   1 
ATOM   866  O O   . THR A 1 109 ? -6.492  4.894   -3.423  1.00 22.40  ? 123 THR A O   1 
ATOM   867  C CB  . THR A 1 109 ? -7.800  6.998   -5.044  1.00 26.66  ? 123 THR A CB  1 
ATOM   868  O OG1 . THR A 1 109 ? -8.669  7.414   -6.113  1.00 27.90  ? 123 THR A OG1 1 
ATOM   869  C CG2 . THR A 1 109 ? -7.039  8.217   -4.562  1.00 28.74  ? 123 THR A CG2 1 
ATOM   870  N N   . PRO A 1 110 ? -4.635  5.574   -4.534  1.00 23.84  ? 124 PRO A N   1 
ATOM   871  C CA  . PRO A 1 110 ? -3.691  5.188   -3.467  1.00 22.46  ? 124 PRO A CA  1 
ATOM   872  C C   . PRO A 1 110 ? -3.349  6.340   -2.515  1.00 23.33  ? 124 PRO A C   1 
ATOM   873  O O   . PRO A 1 110 ? -3.067  7.482   -2.936  1.00 25.21  ? 124 PRO A O   1 
ATOM   874  C CB  . PRO A 1 110 ? -2.469  4.703   -4.245  1.00 23.81  ? 124 PRO A CB  1 
ATOM   875  C CG  . PRO A 1 110 ? -2.514  5.423   -5.545  1.00 26.01  ? 124 PRO A CG  1 
ATOM   876  C CD  . PRO A 1 110 ? -3.917  5.903   -5.779  1.00 24.65  ? 124 PRO A CD  1 
ATOM   877  N N   . PHE A 1 111 ? -3.383  6.053   -1.208  1.00 20.44  ? 125 PHE A N   1 
ATOM   878  C CA  . PHE A 1 111 ? -3.012  6.993   -0.176  1.00 20.87  ? 125 PHE A CA  1 
ATOM   879  C C   . PHE A 1 111 ? -1.825  6.443   0.583   1.00 21.69  ? 125 PHE A C   1 
ATOM   880  O O   . PHE A 1 111 ? -1.813  5.257   0.867   1.00 23.50  ? 125 PHE A O   1 
ATOM   881  C CB  . PHE A 1 111 ? -4.165  7.188   0.805   1.00 21.40  ? 125 PHE A CB  1 
ATOM   882  C CG  . PHE A 1 111 ? -5.334  7.895   0.192   1.00 22.02  ? 125 PHE A CG  1 
ATOM   883  C CD1 . PHE A 1 111 ? -6.295  7.173   -0.480  1.00 22.88  ? 125 PHE A CD1 1 
ATOM   884  C CD2 . PHE A 1 111 ? -5.438  9.270   0.262   1.00 22.78  ? 125 PHE A CD2 1 
ATOM   885  C CE1 . PHE A 1 111 ? -7.364  7.829   -1.087  1.00 23.58  ? 125 PHE A CE1 1 
ATOM   886  C CE2 . PHE A 1 111 ? -6.508  9.935   -0.337  1.00 24.80  ? 125 PHE A CE2 1 
ATOM   887  C CZ  . PHE A 1 111 ? -7.457  9.201   -1.013  1.00 22.50  ? 125 PHE A CZ  1 
ATOM   888  N N   . VAL A 1 112 ? -0.822  7.282   0.854   1.00 21.22  ? 126 VAL A N   1 
ATOM   889  C CA  . VAL A 1 112 ? 0.291   6.879   1.694   1.00 21.75  ? 126 VAL A CA  1 
ATOM   890  C C   . VAL A 1 112 ? -0.016  7.291   3.131   1.00 21.51  ? 126 VAL A C   1 
ATOM   891  O O   . VAL A 1 112 ? -0.354  8.434   3.395   1.00 23.30  ? 126 VAL A O   1 
ATOM   892  C CB  . VAL A 1 112 ? 1.630   7.464   1.226   1.00 22.57  ? 126 VAL A CB  1 
ATOM   893  C CG1 . VAL A 1 112 ? 2.783   6.902   2.084   1.00 24.03  ? 126 VAL A CG1 1 
ATOM   894  C CG2 . VAL A 1 112 ? 1.840   7.135   -0.252  1.00 22.16  ? 126 VAL A CG2 1 
ATOM   895  N N   . GLY A 1 113 ? 0.150   6.347   4.053   1.00 21.91  ? 127 GLY A N   1 
ATOM   896  C CA  . GLY A 1 113 ? -0.091  6.578   5.475   1.00 22.97  ? 127 GLY A CA  1 
ATOM   897  C C   . GLY A 1 113 ? 1.125   6.223   6.318   1.00 23.11  ? 127 GLY A C   1 
ATOM   898  O O   . GLY A 1 113 ? 1.747   5.210   6.066   1.00 23.89  ? 127 GLY A O   1 
ATOM   899  N N   . LEU A 1 114 ? 1.451   7.059   7.300   1.00 23.47  ? 128 LEU A N   1 
ATOM   900  C CA  . LEU A 1 114 ? 2.479   6.733   8.295   1.00 25.63  ? 128 LEU A CA  1 
ATOM   901  C C   . LEU A 1 114 ? 1.795   6.011   9.444   1.00 24.39  ? 128 LEU A C   1 
ATOM   902  O O   . LEU A 1 114 ? 0.786   6.515   9.987   1.00 25.24  ? 128 LEU A O   1 
ATOM   903  C CB  . LEU A 1 114 ? 3.150   7.978   8.857   1.00 30.66  ? 128 LEU A CB  1 
ATOM   904  C CG  . LEU A 1 114 ? 3.868   8.958   7.946   1.00 36.76  ? 128 LEU A CG  1 
ATOM   905  C CD1 . LEU A 1 114 ? 4.743   9.857   8.812   1.00 40.23  ? 128 LEU A CD1 1 
ATOM   906  C CD2 . LEU A 1 114 ? 4.701   8.244   6.905   1.00 38.57  ? 128 LEU A CD2 1 
ATOM   907  N N   . ILE A 1 115 ? 2.349   4.860   9.806   1.00 23.59  ? 129 ILE A N   1 
ATOM   908  C CA  . ILE A 1 115 ? 1.719   3.939   10.762  1.00 22.89  ? 129 ILE A CA  1 
ATOM   909  C C   . ILE A 1 115 ? 2.415   4.074   12.110  1.00 24.63  ? 129 ILE A C   1 
ATOM   910  O O   . ILE A 1 115 ? 3.644   4.106   12.173  1.00 24.40  ? 129 ILE A O   1 
ATOM   911  C CB  . ILE A 1 115 ? 1.827   2.494   10.262  1.00 23.45  ? 129 ILE A CB  1 
ATOM   912  C CG1 . ILE A 1 115 ? 1.162   2.356   8.879   1.00 25.38  ? 129 ILE A CG1 1 
ATOM   913  C CG2 . ILE A 1 115 ? 1.229   1.512   11.261  1.00 25.03  ? 129 ILE A CG2 1 
ATOM   914  C CD1 . ILE A 1 115 ? -0.282  2.801   8.834   1.00 25.38  ? 129 ILE A CD1 1 
ATOM   915  N N   . ASP A 1 116 ? 1.615   4.138   13.165  1.00 24.77  ? 130 ASP A N   1 
ATOM   916  C CA  . ASP A 1 116 ? 2.135   4.239   14.524  1.00 26.70  ? 130 ASP A CA  1 
ATOM   917  C C   . ASP A 1 116 ? 3.032   3.062   14.906  1.00 26.89  ? 130 ASP A C   1 
ATOM   918  O O   . ASP A 1 116 ? 2.750   1.912   14.591  1.00 25.59  ? 130 ASP A O   1 
ATOM   919  C CB  . ASP A 1 116 ? 0.992   4.334   15.520  1.00 30.22  ? 130 ASP A CB  1 
ATOM   920  C CG  . ASP A 1 116 ? 1.490   4.659   16.911  1.00 33.36  ? 130 ASP A CG  1 
ATOM   921  O OD1 . ASP A 1 116 ? 1.819   5.830   17.173  1.00 39.66  ? 130 ASP A OD1 1 
ATOM   922  O OD2 . ASP A 1 116 ? 1.607   3.716   17.693  1.00 30.70  ? 130 ASP A OD2 1 
ATOM   923  N N   . HIS A 1 117 ? 4.118   3.352   15.628  1.00 27.85  ? 131 HIS A N   1 
ATOM   924  C CA  . HIS A 1 117 ? 5.040   2.280   16.053  1.00 30.64  ? 131 HIS A CA  1 
ATOM   925  C C   . HIS A 1 117 ? 4.457   1.233   17.020  1.00 28.80  ? 131 HIS A C   1 
ATOM   926  O O   . HIS A 1 117 ? 5.012   0.155   17.129  1.00 34.39  ? 131 HIS A O   1 
ATOM   927  C CB  . HIS A 1 117 ? 6.370   2.859   16.563  1.00 30.51  ? 131 HIS A CB  1 
ATOM   928  C CG  . HIS A 1 117 ? 6.286   3.517   17.907  1.00 33.15  ? 131 HIS A CG  1 
ATOM   929  N ND1 . HIS A 1 117 ? 5.355   4.484   18.221  1.00 34.96  ? 131 HIS A ND1 1 
ATOM   930  C CD2 . HIS A 1 117 ? 7.056   3.369   19.012  1.00 33.33  ? 131 HIS A CD2 1 
ATOM   931  C CE1 . HIS A 1 117 ? 5.538   4.882   19.468  1.00 32.44  ? 131 HIS A CE1 1 
ATOM   932  N NE2 . HIS A 1 117 ? 6.571   4.233   19.967  1.00 36.83  ? 131 HIS A NE2 1 
ATOM   933  N N   . ASN A 1 118 ? 3.338   1.514   17.685  1.00 31.19  ? 132 ASN A N   1 
ATOM   934  C CA  . ASN A 1 118 ? 2.673   0.534   18.557  1.00 32.35  ? 132 ASN A CA  1 
ATOM   935  C C   . ASN A 1 118 ? 1.560   -0.289  17.869  1.00 34.35  ? 132 ASN A C   1 
ATOM   936  O O   . ASN A 1 118 ? 0.893   -1.100  18.523  1.00 33.89  ? 132 ASN A O   1 
ATOM   937  C CB  . ASN A 1 118 ? 2.123   1.226   19.816  1.00 32.83  ? 132 ASN A CB  1 
ATOM   938  C CG  . ASN A 1 118 ? 3.233   1.705   20.738  1.00 33.76  ? 132 ASN A CG  1 
ATOM   939  O OD1 . ASN A 1 118 ? 3.255   2.868   21.163  1.00 35.08  ? 132 ASN A OD1 1 
ATOM   940  N ND2 . ASN A 1 118 ? 4.182   0.820   21.010  1.00 33.35  ? 132 ASN A ND2 1 
ATOM   941  N N   . PHE A 1 119 ? 1.364   -0.103  16.553  1.00 31.92  ? 133 PHE A N   1 
ATOM   942  C CA  . PHE A 1 119 ? 0.408   -0.933  15.821  1.00 29.71  ? 133 PHE A CA  1 
ATOM   943  C C   . PHE A 1 119 ? 0.929   -2.354  15.655  1.00 28.78  ? 133 PHE A C   1 
ATOM   944  O O   . PHE A 1 119 ? 2.069   -2.567  15.277  1.00 29.30  ? 133 PHE A O   1 
ATOM   945  C CB  . PHE A 1 119 ? 0.110   -0.329  14.425  1.00 29.96  ? 133 PHE A CB  1 
ATOM   946  C CG  . PHE A 1 119 ? -0.608  -1.267  13.492  1.00 29.68  ? 133 PHE A CG  1 
ATOM   947  C CD1 . PHE A 1 119 ? -1.951  -1.555  13.674  1.00 30.03  ? 133 PHE A CD1 1 
ATOM   948  C CD2 . PHE A 1 119 ? 0.061   -1.847  12.430  1.00 30.82  ? 133 PHE A CD2 1 
ATOM   949  C CE1 . PHE A 1 119 ? -2.619  -2.424  12.801  1.00 30.54  ? 133 PHE A CE1 1 
ATOM   950  C CE2 . PHE A 1 119 ? -0.611  -2.704  11.546  1.00 30.91  ? 133 PHE A CE2 1 
ATOM   951  C CZ  . PHE A 1 119 ? -1.943  -2.986  11.744  1.00 28.79  ? 133 PHE A CZ  1 
ATOM   952  N N   . GLN A 1 120 ? 0.070   -3.328  15.919  1.00 31.71  ? 134 GLN A N   1 
ATOM   953  C CA  . GLN A 1 120 ? 0.408   -4.734  15.680  1.00 35.60  ? 134 GLN A CA  1 
ATOM   954  C C   . GLN A 1 120 ? -0.729  -5.321  14.863  1.00 31.64  ? 134 GLN A C   1 
ATOM   955  O O   . GLN A 1 120 ? -1.883  -5.279  15.289  1.00 30.95  ? 134 GLN A O   1 
ATOM   956  C CB  . GLN A 1 120 ? 0.530   -5.493  17.008  1.00 43.10  ? 134 GLN A CB  1 
ATOM   957  C CG  . GLN A 1 120 ? 1.447   -4.846  18.047  1.00 49.63  ? 134 GLN A CG  1 
ATOM   958  C CD  . GLN A 1 120 ? 2.784   -5.543  18.176  1.00 55.15  ? 134 GLN A CD  1 
ATOM   959  O OE1 . GLN A 1 120 ? 3.498   -5.738  17.189  1.00 64.91  ? 134 GLN A OE1 1 
ATOM   960  N NE2 . GLN A 1 120 ? 3.134   -5.925  19.406  1.00 64.28  ? 134 GLN A NE2 1 
ATOM   961  N N   . ALA A 1 121 ? -0.403  -5.856  13.697  1.00 34.62  ? 135 ALA A N   1 
ATOM   962  C CA  . ALA A 1 121 ? -1.431  -6.345  12.779  1.00 35.85  ? 135 ALA A CA  1 
ATOM   963  C C   . ALA A 1 121 ? -2.216  -7.471  13.414  1.00 37.45  ? 135 ALA A C   1 
ATOM   964  O O   . ALA A 1 121 ? -1.641  -8.344  14.084  1.00 36.44  ? 135 ALA A O   1 
ATOM   965  C CB  . ALA A 1 121 ? -0.809  -6.817  11.483  1.00 36.94  ? 135 ALA A CB  1 
ATOM   966  N N   . GLN A 1 122 ? -3.526  -7.412  13.218  1.00 34.86  ? 136 GLN A N   1 
ATOM   967  C CA  . GLN A 1 122 ? -4.446  -8.475  13.590  1.00 36.13  ? 136 GLN A CA  1 
ATOM   968  C C   . GLN A 1 122 ? -5.144  -8.940  12.302  1.00 34.29  ? 136 GLN A C   1 
ATOM   969  O O   . GLN A 1 122 ? -6.258  -8.491  12.019  1.00 29.96  ? 136 GLN A O   1 
ATOM   970  C CB  . GLN A 1 122 ? -5.464  -7.933  14.579  1.00 39.38  ? 136 GLN A CB  1 
ATOM   971  C CG  . GLN A 1 122 ? -4.852  -7.431  15.873  1.00 45.93  ? 136 GLN A CG  1 
ATOM   972  C CD  . GLN A 1 122 ? -5.905  -6.960  16.843  1.00 52.86  ? 136 GLN A CD  1 
ATOM   973  O OE1 . GLN A 1 122 ? -6.121  -5.764  17.011  1.00 57.45  ? 136 GLN A OE1 1 
ATOM   974  N NE2 . GLN A 1 122 ? -6.594  -7.912  17.474  1.00 61.55  ? 136 GLN A NE2 1 
ATOM   975  N N   . PRO A 1 123 ? -4.490  -9.819  11.521  1.00 34.36  ? 137 PRO A N   1 
ATOM   976  C CA  . PRO A 1 123 ? -5.084  -10.260 10.253  1.00 35.25  ? 137 PRO A CA  1 
ATOM   977  C C   . PRO A 1 123 ? -6.489  -10.837 10.445  1.00 37.36  ? 137 PRO A C   1 
ATOM   978  O O   . PRO A 1 123 ? -6.703  -11.668 11.335  1.00 37.53  ? 137 PRO A O   1 
ATOM   979  C CB  . PRO A 1 123 ? -4.116  -11.337 9.769   1.00 36.78  ? 137 PRO A CB  1 
ATOM   980  C CG  . PRO A 1 123 ? -2.822  -11.008 10.408  1.00 37.12  ? 137 PRO A CG  1 
ATOM   981  C CD  . PRO A 1 123 ? -3.182  -10.459 11.748  1.00 37.16  ? 137 PRO A CD  1 
ATOM   982  N N   . ASN A 1 124 ? -7.440  -10.353 9.654   1.00 34.86  ? 138 ASN A N   1 
ATOM   983  C CA  . ASN A 1 124 ? -8.804  -10.875 9.655   1.00 35.03  ? 138 ASN A CA  1 
ATOM   984  C C   . ASN A 1 124 ? -8.862  -12.051 8.646   1.00 32.91  ? 138 ASN A C   1 
ATOM   985  O O   . ASN A 1 124 ? -8.820  -11.829 7.428   1.00 30.37  ? 138 ASN A O   1 
ATOM   986  C CB  . ASN A 1 124 ? -9.769  -9.741  9.298   1.00 35.07  ? 138 ASN A CB  1 
ATOM   987  C CG  . ASN A 1 124 ? -11.195 -10.208 9.072   1.00 37.28  ? 138 ASN A CG  1 
ATOM   988  O OD1 . ASN A 1 124 ? -11.513 -11.416 9.124   1.00 38.66  ? 138 ASN A OD1 1 
ATOM   989  N ND2 . ASN A 1 124 ? -12.075 -9.244  8.808   1.00 38.07  ? 138 ASN A ND2 1 
ATOM   990  N N   . PRO A 1 125 ? -8.946  -13.312 9.139   1.00 32.31  ? 139 PRO A N   1 
ATOM   991  C CA  . PRO A 1 125 ? -8.768  -14.462 8.235   1.00 32.73  ? 139 PRO A CA  1 
ATOM   992  C C   . PRO A 1 125 ? -9.837  -14.641 7.134   1.00 32.72  ? 139 PRO A C   1 
ATOM   993  O O   . PRO A 1 125 ? -9.582  -15.352 6.169   1.00 35.05  ? 139 PRO A O   1 
ATOM   994  C CB  . PRO A 1 125 ? -8.739  -15.671 9.190   1.00 32.75  ? 139 PRO A CB  1 
ATOM   995  C CG  . PRO A 1 125 ? -9.527  -15.229 10.358  1.00 33.47  ? 139 PRO A CG  1 
ATOM   996  C CD  . PRO A 1 125 ? -9.297  -13.746 10.507  1.00 33.75  ? 139 PRO A CD  1 
ATOM   997  N N   . ALA A 1 126 ? -10.990 -13.990 7.262   1.00 34.36  ? 140 ALA A N   1 
ATOM   998  C CA  . ALA A 1 126 ? -11.987 -13.989 6.166   1.00 36.80  ? 140 ALA A CA  1 
ATOM   999  C C   . ALA A 1 126 ? -11.525 -13.166 4.948   1.00 38.76  ? 140 ALA A C   1 
ATOM   1000 O O   . ALA A 1 126 ? -12.048 -13.326 3.833   1.00 39.07  ? 140 ALA A O   1 
ATOM   1001 C CB  . ALA A 1 126 ? -13.324 -13.472 6.671   1.00 38.20  ? 140 ALA A CB  1 
ATOM   1002 N N   . GLU A 1 127 ? -10.551 -12.284 5.156   1.00 35.62  ? 141 GLU A N   1 
ATOM   1003 C CA  . GLU A 1 127 ? -10.063 -11.405 4.086   1.00 36.23  ? 141 GLU A CA  1 
ATOM   1004 C C   . GLU A 1 127 ? -8.584  -11.512 3.792   1.00 33.40  ? 141 GLU A C   1 
ATOM   1005 O O   . GLU A 1 127 ? -8.185  -11.354 2.651   1.00 32.08  ? 141 GLU A O   1 
ATOM   1006 C CB  . GLU A 1 127 ? -10.434 -9.986  4.444   1.00 41.53  ? 141 GLU A CB  1 
ATOM   1007 C CG  . GLU A 1 127 ? -11.949 -9.798  4.372   1.00 47.02  ? 141 GLU A CG  1 
ATOM   1008 C CD  . GLU A 1 127 ? -12.422 -8.462  4.853   1.00 50.01  ? 141 GLU A CD  1 
ATOM   1009 O OE1 . GLU A 1 127 ? -13.598 -8.132  4.579   1.00 58.07  ? 141 GLU A OE1 1 
ATOM   1010 O OE2 . GLU A 1 127 ? -11.642 -7.753  5.509   1.00 55.21  ? 141 GLU A OE2 1 
ATOM   1011 N N   . VAL A 1 128 ? -7.781  -11.810 4.812   1.00 29.59  ? 142 VAL A N   1 
ATOM   1012 C CA  . VAL A 1 128 ? -6.339  -11.757 4.710   1.00 32.33  ? 142 VAL A CA  1 
ATOM   1013 C C   . VAL A 1 128 ? -5.730  -13.038 5.292   1.00 32.26  ? 142 VAL A C   1 
ATOM   1014 O O   . VAL A 1 128 ? -6.005  -13.370 6.445   1.00 33.86  ? 142 VAL A O   1 
ATOM   1015 C CB  . VAL A 1 128 ? -5.848  -10.494 5.469   1.00 35.29  ? 142 VAL A CB  1 
ATOM   1016 C CG1 . VAL A 1 128 ? -4.367  -10.530 5.739   1.00 39.21  ? 142 VAL A CG1 1 
ATOM   1017 C CG2 . VAL A 1 128 ? -6.191  -9.247  4.661   1.00 37.73  ? 142 VAL A CG2 1 
ATOM   1018 N N   . LYS A 1 129 ? -4.900  -13.708 4.496   1.00 34.04  ? 143 LYS A N   1 
ATOM   1019 C CA  . LYS A 1 129 ? -4.163  -14.914 4.894   1.00 36.59  ? 143 LYS A CA  1 
ATOM   1020 C C   . LYS A 1 129 ? -2.875  -14.580 5.649   1.00 34.42  ? 143 LYS A C   1 
ATOM   1021 O O   . LYS A 1 129 ? -2.392  -15.373 6.460   1.00 32.17  ? 143 LYS A O   1 
ATOM   1022 C CB  . LYS A 1 129 ? -3.822  -15.764 3.662   1.00 41.67  ? 143 LYS A CB  1 
ATOM   1023 C CG  . LYS A 1 129 ? -2.997  -17.000 3.972   1.00 48.44  ? 143 LYS A CG  1 
ATOM   1024 C CD  . LYS A 1 129 ? -3.113  -18.075 2.909   1.00 53.94  ? 143 LYS A CD  1 
ATOM   1025 C CE  . LYS A 1 129 ? -2.434  -17.672 1.618   1.00 55.66  ? 143 LYS A CE  1 
ATOM   1026 N NZ  . LYS A 1 129 ? -2.249  -18.869 0.746   1.00 60.67  ? 143 LYS A NZ  1 
ATOM   1027 N N   . ASP A 1 130 ? -2.302  -13.413 5.375   1.00 30.60  ? 144 ASP A N   1 
ATOM   1028 C CA  . ASP A 1 130 ? -1.000  -13.057 5.934   1.00 29.42  ? 144 ASP A CA  1 
ATOM   1029 C C   . ASP A 1 130 ? -0.809  -11.540 5.822   1.00 28.81  ? 144 ASP A C   1 
ATOM   1030 O O   . ASP A 1 130 ? -1.478  -10.888 5.018   1.00 27.74  ? 144 ASP A O   1 
ATOM   1031 C CB  . ASP A 1 130 ? 0.097   -13.807 5.168   1.00 30.89  ? 144 ASP A CB  1 
ATOM   1032 C CG  . ASP A 1 130 ? 1.434   -13.845 5.896   1.00 30.38  ? 144 ASP A CG  1 
ATOM   1033 O OD1 . ASP A 1 130 ? 1.538   -13.352 7.040   1.00 29.85  ? 144 ASP A OD1 1 
ATOM   1034 O OD2 . ASP A 1 130 ? 2.396   -14.382 5.298   1.00 33.97  ? 144 ASP A OD2 1 
ATOM   1035 N N   . VAL A 1 131 ? 0.055   -11.009 6.669   1.00 27.34  ? 145 VAL A N   1 
ATOM   1036 C CA  . VAL A 1 131 ? 0.496   -9.614  6.621   1.00 29.16  ? 145 VAL A CA  1 
ATOM   1037 C C   . VAL A 1 131 ? 2.013   -9.645  6.787   1.00 28.60  ? 145 VAL A C   1 
ATOM   1038 O O   . VAL A 1 131 ? 2.540   -10.413 7.599   1.00 30.09  ? 145 VAL A O   1 
ATOM   1039 C CB  . VAL A 1 131 ? -0.189  -8.767  7.707   1.00 30.68  ? 145 VAL A CB  1 
ATOM   1040 C CG1 . VAL A 1 131 ? 0.376   -7.350  7.748   1.00 35.04  ? 145 VAL A CG1 1 
ATOM   1041 C CG2 . VAL A 1 131 ? -1.693  -8.730  7.485   1.00 30.74  ? 145 VAL A CG2 1 
ATOM   1042 N N   . PHE A 1 132 ? 2.744   -8.862  6.002   1.00 26.34  ? 146 PHE A N   1 
ATOM   1043 C CA  . PHE A 1 132 ? 4.199   -8.840  6.108   1.00 25.34  ? 146 PHE A CA  1 
ATOM   1044 C C   . PHE A 1 132 ? 4.777   -7.483  5.719   1.00 27.44  ? 146 PHE A C   1 
ATOM   1045 O O   . PHE A 1 132 ? 4.112   -6.693  5.029   1.00 25.73  ? 146 PHE A O   1 
ATOM   1046 C CB  . PHE A 1 132 ? 4.836   -9.950  5.266   1.00 28.79  ? 146 PHE A CB  1 
ATOM   1047 C CG  . PHE A 1 132 ? 4.633   -9.806  3.774   1.00 27.62  ? 146 PHE A CG  1 
ATOM   1048 C CD1 . PHE A 1 132 ? 3.430   -10.165 3.189   1.00 30.69  ? 146 PHE A CD1 1 
ATOM   1049 C CD2 . PHE A 1 132 ? 5.653   -9.324  2.965   1.00 27.71  ? 146 PHE A CD2 1 
ATOM   1050 C CE1 . PHE A 1 132 ? 3.246   -10.052 1.808   1.00 30.23  ? 146 PHE A CE1 1 
ATOM   1051 C CE2 . PHE A 1 132 ? 5.480   -9.219  1.590   1.00 28.62  ? 146 PHE A CE2 1 
ATOM   1052 C CZ  . PHE A 1 132 ? 4.275   -9.573  1.014   1.00 28.64  ? 146 PHE A CZ  1 
ATOM   1053 N N   . LEU A 1 133 ? 5.988   -7.222  6.199   1.00 25.90  ? 147 LEU A N   1 
ATOM   1054 C CA  . LEU A 1 133 ? 6.708   -5.998  5.876   1.00 26.09  ? 147 LEU A CA  1 
ATOM   1055 C C   . LEU A 1 133 ? 7.791   -6.253  4.859   1.00 27.70  ? 147 LEU A C   1 
ATOM   1056 O O   . LEU A 1 133 ? 8.415   -7.315  4.870   1.00 27.86  ? 147 LEU A O   1 
ATOM   1057 C CB  . LEU A 1 133 ? 7.351   -5.408  7.115   1.00 27.20  ? 147 LEU A CB  1 
ATOM   1058 C CG  . LEU A 1 133 ? 6.433   -5.012  8.254   1.00 27.55  ? 147 LEU A CG  1 
ATOM   1059 C CD1 . LEU A 1 133 ? 7.285   -4.580  9.431   1.00 31.33  ? 147 LEU A CD1 1 
ATOM   1060 C CD2 . LEU A 1 133 ? 5.469   -3.896  7.870   1.00 29.17  ? 147 LEU A CD2 1 
ATOM   1061 N N   . VAL A 1 134 ? 8.049   -5.260  4.001   1.00 24.90  ? 148 VAL A N   1 
ATOM   1062 C CA  . VAL A 1 134 ? 9.233   -5.282  3.143   1.00 25.58  ? 148 VAL A CA  1 
ATOM   1063 C C   . VAL A 1 134 ? 9.953   -3.957  3.309   1.00 25.37  ? 148 VAL A C   1 
ATOM   1064 O O   . VAL A 1 134 ? 9.313   -2.899  3.242   1.00 23.42  ? 148 VAL A O   1 
ATOM   1065 C CB  . VAL A 1 134 ? 8.883   -5.478  1.644   1.00 24.25  ? 148 VAL A CB  1 
ATOM   1066 C CG1 . VAL A 1 134 ? 10.141  -5.583  0.801   1.00 25.06  ? 148 VAL A CG1 1 
ATOM   1067 C CG2 . VAL A 1 134 ? 7.990   -6.702  1.421   1.00 25.78  ? 148 VAL A CG2 1 
ATOM   1068 N N   . PRO A 1 135 ? 11.297  -3.984  3.482   1.00 24.43  ? 149 PRO A N   1 
ATOM   1069 C CA  . PRO A 1 135 ? 11.995  -2.711  3.534   1.00 24.61  ? 149 PRO A CA  1 
ATOM   1070 C C   . PRO A 1 135 ? 11.780  -1.930  2.227   1.00 22.99  ? 149 PRO A C   1 
ATOM   1071 O O   . PRO A 1 135 ? 11.855  -2.512  1.157   1.00 23.74  ? 149 PRO A O   1 
ATOM   1072 C CB  . PRO A 1 135 ? 13.471  -3.121  3.663   1.00 25.74  ? 149 PRO A CB  1 
ATOM   1073 C CG  . PRO A 1 135 ? 13.439  -4.520  4.231   1.00 25.95  ? 149 PRO A CG  1 
ATOM   1074 C CD  . PRO A 1 135 ? 12.228  -5.131  3.598   1.00 27.00  ? 149 PRO A CD  1 
ATOM   1075 N N   . LEU A 1 136 ? 11.534  -0.637  2.349   1.00 23.29  ? 150 LEU A N   1 
ATOM   1076 C CA  . LEU A 1 136 ? 11.290  0.206   1.186   1.00 24.48  ? 150 LEU A CA  1 
ATOM   1077 C C   . LEU A 1 136 ? 12.472  0.155   0.210   1.00 25.42  ? 150 LEU A C   1 
ATOM   1078 O O   . LEU A 1 136 ? 12.271  0.100   -1.007  1.00 25.21  ? 150 LEU A O   1 
ATOM   1079 C CB  . LEU A 1 136 ? 10.974  1.626   1.652   1.00 25.26  ? 150 LEU A CB  1 
ATOM   1080 C CG  . LEU A 1 136 ? 10.437  2.615   0.651   1.00 26.21  ? 150 LEU A CG  1 
ATOM   1081 C CD1 . LEU A 1 136 ? 9.112   2.104   0.097   1.00 25.40  ? 150 LEU A CD1 1 
ATOM   1082 C CD2 . LEU A 1 136 ? 10.298  3.984   1.320   1.00 25.94  ? 150 LEU A CD2 1 
ATOM   1083 N N   . ALA A 1 137 ? 13.705  0.104   0.734   1.00 24.81  ? 151 ALA A N   1 
ATOM   1084 C CA  . ALA A 1 137 ? 14.896  0.058   -0.123  1.00 25.25  ? 151 ALA A CA  1 
ATOM   1085 C C   . ALA A 1 137 ? 14.986  -1.177  -1.027  1.00 26.09  ? 151 ALA A C   1 
ATOM   1086 O O   . ALA A 1 137 ? 15.636  -1.124  -2.086  1.00 26.22  ? 151 ALA A O   1 
ATOM   1087 C CB  . ALA A 1 137 ? 16.171  0.200   0.705   1.00 27.45  ? 151 ALA A CB  1 
ATOM   1088 N N   . TYR A 1 138 ? 14.327  -2.271  -0.651  1.00 25.39  ? 152 TYR A N   1 
ATOM   1089 C CA  . TYR A 1 138 ? 14.261  -3.463  -1.493  1.00 25.92  ? 152 TYR A CA  1 
ATOM   1090 C C   . TYR A 1 138 ? 13.805  -3.132  -2.918  1.00 25.83  ? 152 TYR A C   1 
ATOM   1091 O O   . TYR A 1 138 ? 14.312  -3.691  -3.891  1.00 25.48  ? 152 TYR A O   1 
ATOM   1092 C CB  . TYR A 1 138 ? 13.320  -4.524  -0.888  1.00 26.25  ? 152 TYR A CB  1 
ATOM   1093 C CG  . TYR A 1 138 ? 12.987  -5.613  -1.867  1.00 26.70  ? 152 TYR A CG  1 
ATOM   1094 C CD1 . TYR A 1 138 ? 13.835  -6.704  -2.048  1.00 28.36  ? 152 TYR A CD1 1 
ATOM   1095 C CD2 . TYR A 1 138 ? 11.844  -5.526  -2.661  1.00 27.59  ? 152 TYR A CD2 1 
ATOM   1096 C CE1 . TYR A 1 138 ? 13.548  -7.677  -2.989  1.00 28.54  ? 152 TYR A CE1 1 
ATOM   1097 C CE2 . TYR A 1 138 ? 11.559  -6.496  -3.611  1.00 29.41  ? 152 TYR A CE2 1 
ATOM   1098 C CZ  . TYR A 1 138 ? 12.410  -7.566  -3.767  1.00 29.39  ? 152 TYR A CZ  1 
ATOM   1099 O OH  . TYR A 1 138 ? 12.109  -8.534  -4.710  1.00 31.82  ? 152 TYR A OH  1 
ATOM   1100 N N   . PHE A 1 139 ? 12.858  -2.206  -3.029  1.00 25.77  ? 153 PHE A N   1 
ATOM   1101 C CA  . PHE A 1 139 ? 12.231  -1.891  -4.322  1.00 25.48  ? 153 PHE A CA  1 
ATOM   1102 C C   . PHE A 1 139 ? 13.133  -1.122  -5.284  1.00 28.74  ? 153 PHE A C   1 
ATOM   1103 O O   . PHE A 1 139 ? 12.781  -0.984  -6.461  1.00 27.79  ? 153 PHE A O   1 
ATOM   1104 C CB  . PHE A 1 139 ? 10.863  -1.234  -4.106  1.00 25.03  ? 153 PHE A CB  1 
ATOM   1105 C CG  . PHE A 1 139 ? 9.904   -2.167  -3.422  1.00 24.32  ? 153 PHE A CG  1 
ATOM   1106 C CD1 . PHE A 1 139 ? 9.339   -3.217  -4.123  1.00 24.69  ? 153 PHE A CD1 1 
ATOM   1107 C CD2 . PHE A 1 139 ? 9.659   -2.070  -2.064  1.00 23.96  ? 153 PHE A CD2 1 
ATOM   1108 C CE1 . PHE A 1 139 ? 8.508   -4.120  -3.502  1.00 23.43  ? 153 PHE A CE1 1 
ATOM   1109 C CE2 . PHE A 1 139 ? 8.837   -2.976  -1.428  1.00 22.61  ? 153 PHE A CE2 1 
ATOM   1110 C CZ  . PHE A 1 139 ? 8.246   -3.993  -2.144  1.00 23.92  ? 153 PHE A CZ  1 
ATOM   1111 N N   . LEU A 1 140 ? 14.285  -0.661  -4.784  1.00 26.55  ? 154 LEU A N   1 
ATOM   1112 C CA  . LEU A 1 140 ? 15.356  -0.116  -5.616  1.00 29.57  ? 154 LEU A CA  1 
ATOM   1113 C C   . LEU A 1 140 ? 16.246  -1.197  -6.220  1.00 30.82  ? 154 LEU A C   1 
ATOM   1114 O O   . LEU A 1 140 ? 16.876  -0.960  -7.245  1.00 31.51  ? 154 LEU A O   1 
ATOM   1115 C CB  . LEU A 1 140 ? 16.230  0.849   -4.801  1.00 29.15  ? 154 LEU A CB  1 
ATOM   1116 C CG  . LEU A 1 140 ? 15.494  2.004   -4.122  1.00 31.19  ? 154 LEU A CG  1 
ATOM   1117 C CD1 . LEU A 1 140 ? 16.480  2.977   -3.508  1.00 33.57  ? 154 LEU A CD1 1 
ATOM   1118 C CD2 . LEU A 1 140 ? 14.569  2.734   -5.087  1.00 31.87  ? 154 LEU A CD2 1 
ATOM   1119 N N   . HIS A 1 141 ? 16.342  -2.356  -5.571  1.00 31.65  ? 155 HIS A N   1 
ATOM   1120 C CA  . HIS A 1 141 ? 17.173  -3.464  -6.066  1.00 34.06  ? 155 HIS A CA  1 
ATOM   1121 C C   . HIS A 1 141 ? 16.458  -4.785  -5.867  1.00 33.70  ? 155 HIS A C   1 
ATOM   1122 O O   . HIS A 1 141 ? 16.926  -5.649  -5.128  1.00 32.43  ? 155 HIS A O   1 
ATOM   1123 C CB  . HIS A 1 141 ? 18.520  -3.469  -5.354  1.00 35.83  ? 155 HIS A CB  1 
ATOM   1124 C CG  . HIS A 1 141 ? 19.337  -2.254  -5.638  1.00 36.79  ? 155 HIS A CG  1 
ATOM   1125 N ND1 . HIS A 1 141 ? 19.990  -2.069  -6.840  1.00 38.23  ? 155 HIS A ND1 1 
ATOM   1126 C CD2 . HIS A 1 141 ? 19.566  -1.140  -4.907  1.00 38.17  ? 155 HIS A CD2 1 
ATOM   1127 C CE1 . HIS A 1 141 ? 20.616  -0.907  -6.821  1.00 36.72  ? 155 HIS A CE1 1 
ATOM   1128 N NE2 . HIS A 1 141 ? 20.375  -0.319  -5.661  1.00 37.62  ? 155 HIS A NE2 1 
ATOM   1129 N N   . PRO A 1 142 ? 15.298  -4.930  -6.514  1.00 33.89  ? 156 PRO A N   1 
ATOM   1130 C CA  . PRO A 1 142 ? 14.484  -6.112  -6.305  1.00 36.90  ? 156 PRO A CA  1 
ATOM   1131 C C   . PRO A 1 142 ? 15.050  -7.335  -7.009  1.00 37.12  ? 156 PRO A C   1 
ATOM   1132 O O   . PRO A 1 142 ? 15.899  -7.196  -7.900  1.00 37.00  ? 156 PRO A O   1 
ATOM   1133 C CB  . PRO A 1 142 ? 13.141  -5.711  -6.917  1.00 36.22  ? 156 PRO A CB  1 
ATOM   1134 C CG  . PRO A 1 142 ? 13.515  -4.790  -8.020  1.00 36.69  ? 156 PRO A CG  1 
ATOM   1135 C CD  . PRO A 1 142 ? 14.711  -4.028  -7.529  1.00 35.24  ? 156 PRO A CD  1 
ATOM   1136 N N   . GLN A 1 143 ? 14.607  -8.507  -6.579  1.00 37.51  ? 157 GLN A N   1 
ATOM   1137 C CA  . GLN A 1 143 ? 14.905  -9.764  -7.256  1.00 42.30  ? 157 GLN A CA  1 
ATOM   1138 C C   . GLN A 1 143 ? 13.768  -10.044 -8.240  1.00 44.04  ? 157 GLN A C   1 
ATOM   1139 O O   . GLN A 1 143 ? 12.644  -10.361 -7.837  1.00 39.49  ? 157 GLN A O   1 
ATOM   1140 C CB  . GLN A 1 143 ? 15.069  -10.910 -6.255  1.00 45.70  ? 157 GLN A CB  1 
ATOM   1141 C CG  . GLN A 1 143 ? 15.465  -12.232 -6.909  1.00 52.24  ? 157 GLN A CG  1 
ATOM   1142 C CD  . GLN A 1 143 ? 15.717  -13.341 -5.907  1.00 56.13  ? 157 GLN A CD  1 
ATOM   1143 O OE1 . GLN A 1 143 ? 16.673  -13.285 -5.135  1.00 63.49  ? 157 GLN A OE1 1 
ATOM   1144 N NE2 . GLN A 1 143 ? 14.862  -14.360 -5.916  1.00 59.61  ? 157 GLN A NE2 1 
ATOM   1145 N N   . VAL A 1 144 ? 14.069  -9.908  -9.530  1.00 44.95  ? 158 VAL A N   1 
ATOM   1146 C CA  . VAL A 1 144 ? 13.056  -9.910  -10.575 1.00 48.61  ? 158 VAL A CA  1 
ATOM   1147 C C   . VAL A 1 144 ? 13.031  -11.276 -11.242 1.00 50.87  ? 158 VAL A C   1 
ATOM   1148 O O   . VAL A 1 144 ? 14.084  -11.820 -11.566 1.00 51.80  ? 158 VAL A O   1 
ATOM   1149 C CB  . VAL A 1 144 ? 13.354  -8.828  -11.639 1.00 50.64  ? 158 VAL A CB  1 
ATOM   1150 C CG1 . VAL A 1 144 ? 12.249  -8.781  -12.694 1.00 51.25  ? 158 VAL A CG1 1 
ATOM   1151 C CG2 . VAL A 1 144 ? 13.536  -7.465  -10.980 1.00 50.78  ? 158 VAL A CG2 1 
ATOM   1152 N N   . HIS A 1 145 ? 11.832  -11.823 -11.424 1.00 52.50  ? 159 HIS A N   1 
ATOM   1153 C CA  . HIS A 1 145 ? 11.610  -13.047 -12.201 1.00 61.40  ? 159 HIS A CA  1 
ATOM   1154 C C   . HIS A 1 145 ? 10.559  -12.753 -13.266 1.00 62.45  ? 159 HIS A C   1 
ATOM   1155 O O   . HIS A 1 145 ? 9.527   -12.151 -12.972 1.00 60.99  ? 159 HIS A O   1 
ATOM   1156 C CB  . HIS A 1 145 ? 11.154  -14.194 -11.290 1.00 65.68  ? 159 HIS A CB  1 
ATOM   1157 C CG  . HIS A 1 145 ? 12.286  -14.910 -10.617 1.00 74.73  ? 159 HIS A CG  1 
ATOM   1158 N ND1 . HIS A 1 145 ? 12.975  -14.378 -9.548  1.00 80.44  ? 159 HIS A ND1 1 
ATOM   1159 C CD2 . HIS A 1 145 ? 12.861  -16.110 -10.875 1.00 80.10  ? 159 HIS A CD2 1 
ATOM   1160 C CE1 . HIS A 1 145 ? 13.921  -15.221 -9.171  1.00 80.26  ? 159 HIS A CE1 1 
ATOM   1161 N NE2 . HIS A 1 145 ? 13.874  -16.279 -9.960  1.00 82.02  ? 159 HIS A NE2 1 
ATOM   1162 N N   . ASP A 1 146 ? 10.829  -13.165 -14.503 1.00 66.43  ? 160 ASP A N   1 
ATOM   1163 C CA  . ASP A 1 146 ? 9.923   -12.920 -15.626 1.00 69.57  ? 160 ASP A CA  1 
ATOM   1164 C C   . ASP A 1 146 ? 9.028   -14.142 -15.833 1.00 70.64  ? 160 ASP A C   1 
ATOM   1165 O O   . ASP A 1 146 ? 9.532   -15.235 -16.074 1.00 71.91  ? 160 ASP A O   1 
ATOM   1166 C CB  . ASP A 1 146 ? 10.735  -12.604 -16.884 1.00 73.41  ? 160 ASP A CB  1 
ATOM   1167 C CG  . ASP A 1 146 ? 11.666  -11.413 -16.697 1.00 75.70  ? 160 ASP A CG  1 
ATOM   1168 O OD1 . ASP A 1 146 ? 11.299  -10.469 -15.965 1.00 77.71  ? 160 ASP A OD1 1 
ATOM   1169 O OD2 . ASP A 1 146 ? 12.768  -11.418 -17.284 1.00 79.34  ? 160 ASP A OD2 1 
ATOM   1170 N N   . GLN A 1 147 ? 7.709   -13.953 -15.718 1.00 72.51  ? 161 GLN A N   1 
ATOM   1171 C CA  . GLN A 1 147 ? 6.738   -15.055 -15.743 1.00 74.64  ? 161 GLN A CA  1 
ATOM   1172 C C   . GLN A 1 147 ? 6.088   -15.192 -17.111 1.00 76.64  ? 161 GLN A C   1 
ATOM   1173 O O   . GLN A 1 147 ? 5.339   -14.315 -17.536 1.00 78.27  ? 161 GLN A O   1 
ATOM   1174 C CB  . GLN A 1 147 ? 5.653   -14.831 -14.687 1.00 73.54  ? 161 GLN A CB  1 
ATOM   1175 N N   . ILE A 1 158 ? 5.117   -12.147 -21.472 1.00 97.70  ? 172 ILE A N   1 
ATOM   1176 C CA  . ILE A 1 158 ? 5.799   -12.381 -20.199 1.00 98.24  ? 172 ILE A CA  1 
ATOM   1177 C C   . ILE A 1 158 ? 6.041   -11.049 -19.454 1.00 92.59  ? 172 ILE A C   1 
ATOM   1178 O O   . ILE A 1 158 ? 6.402   -10.049 -20.075 1.00 90.77  ? 172 ILE A O   1 
ATOM   1179 C CB  . ILE A 1 158 ? 7.102   -13.205 -20.426 1.00 101.47 ? 172 ILE A CB  1 
ATOM   1180 C CG1 . ILE A 1 158 ? 6.741   -14.681 -20.708 1.00 102.05 ? 172 ILE A CG1 1 
ATOM   1181 C CG2 . ILE A 1 158 ? 8.069   -13.074 -19.248 1.00 103.09 ? 172 ILE A CG2 1 
ATOM   1182 C CD1 . ILE A 1 158 ? 7.916   -15.622 -20.907 1.00 99.35  ? 172 ILE A CD1 1 
ATOM   1183 N N   . ASN A 1 159 ? 5.850   -11.064 -18.128 1.00 85.63  ? 173 ASN A N   1 
ATOM   1184 C CA  . ASN A 1 159 ? 5.852   -9.846  -17.284 1.00 79.59  ? 173 ASN A CA  1 
ATOM   1185 C C   . ASN A 1 159 ? 6.696   -9.982  -15.994 1.00 73.22  ? 173 ASN A C   1 
ATOM   1186 O O   . ASN A 1 159 ? 6.915   -11.088 -15.495 1.00 68.69  ? 173 ASN A O   1 
ATOM   1187 C CB  . ASN A 1 159 ? 4.404   -9.429  -16.950 1.00 80.06  ? 173 ASN A CB  1 
ATOM   1188 C CG  . ASN A 1 159 ? 3.819   -10.177 -15.755 1.00 80.29  ? 173 ASN A CG  1 
ATOM   1189 O OD1 . ASN A 1 159 ? 3.273   -9.563  -14.836 1.00 80.35  ? 173 ASN A OD1 1 
ATOM   1190 N ND2 . ASN A 1 159 ? 3.927   -11.501 -15.764 1.00 80.27  ? 173 ASN A ND2 1 
ATOM   1191 N N   . HIS A 1 160 ? 7.132   -8.842  -15.453 1.00 66.10  ? 174 HIS A N   1 
ATOM   1192 C CA  . HIS A 1 160 ? 8.087   -8.799  -14.331 1.00 62.51  ? 174 HIS A CA  1 
ATOM   1193 C C   . HIS A 1 160 ? 7.427   -9.040  -12.958 1.00 56.04  ? 174 HIS A C   1 
ATOM   1194 O O   . HIS A 1 160 ? 6.430   -8.404  -12.628 1.00 56.40  ? 174 HIS A O   1 
ATOM   1195 C CB  . HIS A 1 160 ? 8.818   -7.448  -14.304 1.00 65.63  ? 174 HIS A CB  1 
ATOM   1196 C CG  . HIS A 1 160 ? 9.593   -7.145  -15.549 1.00 71.38  ? 174 HIS A CG  1 
ATOM   1197 N ND1 . HIS A 1 160 ? 10.667  -7.904  -15.965 1.00 73.26  ? 174 HIS A ND1 1 
ATOM   1198 C CD2 . HIS A 1 160 ? 9.471   -6.144  -16.454 1.00 72.89  ? 174 HIS A CD2 1 
ATOM   1199 C CE1 . HIS A 1 160 ? 11.160  -7.395  -17.079 1.00 73.20  ? 174 HIS A CE1 1 
ATOM   1200 N NE2 . HIS A 1 160 ? 10.452  -6.325  -17.398 1.00 74.96  ? 174 HIS A NE2 1 
ATOM   1201 N N   . ILE A 1 161 ? 8.010   -9.939  -12.165 1.00 50.53  ? 175 ILE A N   1 
ATOM   1202 C CA  . ILE A 1 161 ? 7.522   -10.292 -10.824 1.00 47.33  ? 175 ILE A CA  1 
ATOM   1203 C C   . ILE A 1 161 ? 8.673   -10.144 -9.818  1.00 43.42  ? 175 ILE A C   1 
ATOM   1204 O O   . ILE A 1 161 ? 9.788   -10.597 -10.089 1.00 43.54  ? 175 ILE A O   1 
ATOM   1205 C CB  . ILE A 1 161 ? 6.978   -11.744 -10.814 1.00 48.75  ? 175 ILE A CB  1 
ATOM   1206 C CG1 . ILE A 1 161 ? 5.637   -11.799 -11.559 1.00 51.79  ? 175 ILE A CG1 1 
ATOM   1207 C CG2 . ILE A 1 161 ? 6.835   -12.312 -9.399  1.00 50.15  ? 175 ILE A CG2 1 
ATOM   1208 C CD1 . ILE A 1 161 ? 5.135   -13.207 -11.824 1.00 52.15  ? 175 ILE A CD1 1 
ATOM   1209 N N   . PHE A 1 162 ? 8.403   -9.527  -8.664  1.00 34.38  ? 176 PHE A N   1 
ATOM   1210 C CA  . PHE A 1 162 ? 9.387   -9.431  -7.586  1.00 32.49  ? 176 PHE A CA  1 
ATOM   1211 C C   . PHE A 1 162 ? 9.248   -10.623 -6.642  1.00 32.03  ? 176 PHE A C   1 
ATOM   1212 O O   . PHE A 1 162 ? 8.134   -11.004 -6.323  1.00 33.43  ? 176 PHE A O   1 
ATOM   1213 C CB  . PHE A 1 162 ? 9.191   -8.146  -6.777  1.00 32.52  ? 176 PHE A CB  1 
ATOM   1214 C CG  . PHE A 1 162 ? 9.356   -6.870  -7.565  1.00 31.82  ? 176 PHE A CG  1 
ATOM   1215 C CD1 . PHE A 1 162 ? 10.101  -6.814  -8.750  1.00 34.87  ? 176 PHE A CD1 1 
ATOM   1216 C CD2 . PHE A 1 162 ? 8.811   -5.695  -7.079  1.00 32.44  ? 176 PHE A CD2 1 
ATOM   1217 C CE1 . PHE A 1 162 ? 10.265  -5.611  -9.422  1.00 33.16  ? 176 PHE A CE1 1 
ATOM   1218 C CE2 . PHE A 1 162 ? 8.971   -4.497  -7.758  1.00 32.75  ? 176 PHE A CE2 1 
ATOM   1219 C CZ  . PHE A 1 162 ? 9.712   -4.455  -8.915  1.00 33.87  ? 176 PHE A CZ  1 
ATOM   1220 N N   . GLU A 1 163 ? 10.376  -11.205 -6.226  1.00 32.82  ? 177 GLU A N   1 
ATOM   1221 C CA  . GLU A 1 163 ? 10.423  -12.197 -5.149  1.00 34.48  ? 177 GLU A CA  1 
ATOM   1222 C C   . GLU A 1 163 ? 11.149  -11.613 -3.944  1.00 32.19  ? 177 GLU A C   1 
ATOM   1223 O O   . GLU A 1 163 ? 12.313  -11.205 -4.031  1.00 33.58  ? 177 GLU A O   1 
ATOM   1224 C CB  . GLU A 1 163 ? 11.114  -13.488 -5.611  1.00 40.13  ? 177 GLU A CB  1 
ATOM   1225 C CG  . GLU A 1 163 ? 10.373  -14.153 -6.764  1.00 45.33  ? 177 GLU A CG  1 
ATOM   1226 C CD  . GLU A 1 163 ? 10.824  -15.576 -7.059  1.00 53.13  ? 177 GLU A CD  1 
ATOM   1227 O OE1 . GLU A 1 163 ? 11.935  -15.975 -6.624  1.00 56.71  ? 177 GLU A OE1 1 
ATOM   1228 O OE2 . GLU A 1 163 ? 10.046  -16.296 -7.737  1.00 57.68  ? 177 GLU A OE2 1 
ATOM   1229 N N   . TYR A 1 164 ? 10.448  -11.524 -2.827  1.00 31.44  ? 178 TYR A N   1 
ATOM   1230 C CA  . TYR A 1 164 ? 11.052  -11.035 -1.591  1.00 29.82  ? 178 TYR A CA  1 
ATOM   1231 C C   . TYR A 1 164 ? 11.066  -12.179 -0.593  1.00 29.47  ? 178 TYR A C   1 
ATOM   1232 O O   . TYR A 1 164 ? 10.016  -12.751 -0.284  1.00 31.24  ? 178 TYR A O   1 
ATOM   1233 C CB  . TYR A 1 164 ? 10.264  -9.868  -0.991  1.00 29.04  ? 178 TYR A CB  1 
ATOM   1234 C CG  . TYR A 1 164 ? 10.816  -9.479  0.363   1.00 29.61  ? 178 TYR A CG  1 
ATOM   1235 C CD1 . TYR A 1 164 ? 12.069  -8.872  0.462   1.00 31.30  ? 178 TYR A CD1 1 
ATOM   1236 C CD2 . TYR A 1 164 ? 10.135  -9.775  1.545   1.00 29.78  ? 178 TYR A CD2 1 
ATOM   1237 C CE1 . TYR A 1 164 ? 12.617  -8.547  1.688   1.00 32.37  ? 178 TYR A CE1 1 
ATOM   1238 C CE2 . TYR A 1 164 ? 10.675  -9.436  2.780   1.00 30.03  ? 178 TYR A CE2 1 
ATOM   1239 C CZ  . TYR A 1 164 ? 11.917  -8.838  2.843   1.00 30.25  ? 178 TYR A CZ  1 
ATOM   1240 O OH  . TYR A 1 164 ? 12.506  -8.509  4.037   1.00 34.17  ? 178 TYR A OH  1 
ATOM   1241 N N   . THR A 1 165 ? 12.238  -12.468 -0.052  1.00 30.70  ? 179 THR A N   1 
ATOM   1242 C CA  . THR A 1 165 ? 12.379  -13.485 0.990   1.00 30.80  ? 179 THR A CA  1 
ATOM   1243 C C   . THR A 1 165 ? 12.587  -12.814 2.342   1.00 31.20  ? 179 THR A C   1 
ATOM   1244 O O   . THR A 1 165 ? 13.546  -12.056 2.513   1.00 32.88  ? 179 THR A O   1 
ATOM   1245 C CB  . THR A 1 165 ? 13.572  -14.411 0.688   1.00 32.45  ? 179 THR A CB  1 
ATOM   1246 O OG1 . THR A 1 165 ? 13.427  -14.970 -0.629  1.00 32.61  ? 179 THR A OG1 1 
ATOM   1247 C CG2 . THR A 1 165 ? 13.658  -15.537 1.736   1.00 33.34  ? 179 THR A CG2 1 
ATOM   1248 N N   . ASN A 1 166 ? 11.701  -13.085 3.301   1.00 28.37  ? 180 ASN A N   1 
ATOM   1249 C CA  . ASN A 1 166 ? 11.799  -12.504 4.636   1.00 29.90  ? 180 ASN A CA  1 
ATOM   1250 C C   . ASN A 1 166 ? 12.950  -13.181 5.400   1.00 30.94  ? 180 ASN A C   1 
ATOM   1251 O O   . ASN A 1 166 ? 12.874  -14.381 5.655   1.00 29.23  ? 180 ASN A O   1 
ATOM   1252 C CB  . ASN A 1 166 ? 10.460  -12.716 5.351   1.00 30.88  ? 180 ASN A CB  1 
ATOM   1253 C CG  . ASN A 1 166 ? 10.401  -12.115 6.734   1.00 31.51  ? 180 ASN A CG  1 
ATOM   1254 O OD1 . ASN A 1 166 ? 11.379  -11.599 7.278   1.00 31.44  ? 180 ASN A OD1 1 
ATOM   1255 N ND2 . ASN A 1 166 ? 9.207   -12.188 7.327   1.00 33.80  ? 180 ASN A ND2 1 
ATOM   1256 N N   . PRO A 1 167 ? 14.015  -12.428 5.767   1.00 31.83  ? 181 PRO A N   1 
ATOM   1257 C CA  . PRO A 1 167 ? 15.154  -13.084 6.453   1.00 32.68  ? 181 PRO A CA  1 
ATOM   1258 C C   . PRO A 1 167 ? 14.855  -13.581 7.878   1.00 33.47  ? 181 PRO A C   1 
ATOM   1259 O O   . PRO A 1 167 ? 15.627  -14.366 8.425   1.00 31.91  ? 181 PRO A O   1 
ATOM   1260 C CB  . PRO A 1 167 ? 16.248  -11.998 6.457   1.00 34.27  ? 181 PRO A CB  1 
ATOM   1261 C CG  . PRO A 1 167 ? 15.506  -10.711 6.373   1.00 35.92  ? 181 PRO A CG  1 
ATOM   1262 C CD  . PRO A 1 167 ? 14.199  -10.962 5.662   1.00 34.07  ? 181 PRO A CD  1 
ATOM   1263 N N   . GLU A 1 168 ? 13.750  -13.133 8.465   1.00 34.69  ? 182 GLU A N   1 
ATOM   1264 C CA  . GLU A 1 168 ? 13.296  -13.634 9.761   1.00 37.75  ? 182 GLU A CA  1 
ATOM   1265 C C   . GLU A 1 168 ? 12.922  -15.111 9.723   1.00 36.10  ? 182 GLU A C   1 
ATOM   1266 O O   . GLU A 1 168 ? 13.208  -15.834 10.694  1.00 33.51  ? 182 GLU A O   1 
ATOM   1267 C CB  . GLU A 1 168 ? 12.074  -12.856 10.238  1.00 42.63  ? 182 GLU A CB  1 
ATOM   1268 C CG  . GLU A 1 168 ? 12.364  -11.404 10.590  1.00 45.80  ? 182 GLU A CG  1 
ATOM   1269 C CD  . GLU A 1 168 ? 13.205  -11.274 11.838  1.00 50.36  ? 182 GLU A CD  1 
ATOM   1270 O OE1 . GLU A 1 168 ? 12.817  -11.832 12.900  1.00 53.07  ? 182 GLU A OE1 1 
ATOM   1271 O OE2 . GLU A 1 168 ? 14.263  -10.612 11.753  1.00 58.39  ? 182 GLU A OE2 1 
ATOM   1272 N N   . ASP A 1 169 ? 12.260  -15.530 8.636   1.00 32.96  ? 183 ASP A N   1 
ATOM   1273 C CA  . ASP A 1 169 ? 11.734  -16.889 8.494   1.00 32.20  ? 183 ASP A CA  1 
ATOM   1274 C C   . ASP A 1 169 ? 11.995  -17.636 7.168   1.00 32.00  ? 183 ASP A C   1 
ATOM   1275 O O   . ASP A 1 169 ? 11.635  -18.815 7.041   1.00 31.78  ? 183 ASP A O   1 
ATOM   1276 C CB  . ASP A 1 169 ? 10.242  -16.920 8.850   1.00 31.60  ? 183 ASP A CB  1 
ATOM   1277 C CG  . ASP A 1 169 ? 9.368   -16.126 7.875   1.00 37.18  ? 183 ASP A CG  1 
ATOM   1278 O OD1 . ASP A 1 169 ? 9.854   -15.699 6.803   1.00 34.31  ? 183 ASP A OD1 1 
ATOM   1279 O OD2 . ASP A 1 169 ? 8.168   -15.963 8.187   1.00 37.63  ? 183 ASP A OD2 1 
ATOM   1280 N N   . GLY A 1 170 ? 12.639  -16.995 6.193   1.00 31.83  ? 184 GLY A N   1 
ATOM   1281 C CA  . GLY A 1 170 ? 12.896  -17.616 4.889   1.00 29.88  ? 184 GLY A CA  1 
ATOM   1282 C C   . GLY A 1 170 ? 11.726  -17.764 3.931   1.00 31.41  ? 184 GLY A C   1 
ATOM   1283 O O   . GLY A 1 170 ? 11.860  -18.413 2.877   1.00 30.47  ? 184 GLY A O   1 
ATOM   1284 N N   . VAL A 1 171 ? 10.574  -17.171 4.264   1.00 30.78  ? 185 VAL A N   1 
ATOM   1285 C CA  . VAL A 1 171 ? 9.399   -17.260 3.405   1.00 31.79  ? 185 VAL A CA  1 
ATOM   1286 C C   . VAL A 1 171 ? 9.544   -16.296 2.233   1.00 34.05  ? 185 VAL A C   1 
ATOM   1287 O O   . VAL A 1 171 ? 9.893   -15.128 2.434   1.00 30.50  ? 185 VAL A O   1 
ATOM   1288 C CB  . VAL A 1 171 ? 8.105   -16.951 4.189   1.00 33.65  ? 185 VAL A CB  1 
ATOM   1289 C CG1 . VAL A 1 171 ? 6.904   -16.897 3.250   1.00 34.56  ? 185 VAL A CG1 1 
ATOM   1290 C CG2 . VAL A 1 171 ? 7.900   -18.023 5.267   1.00 34.62  ? 185 VAL A CG2 1 
ATOM   1291 N N   . THR A 1 172 ? 9.270   -16.786 1.029   1.00 33.84  ? 186 THR A N   1 
ATOM   1292 C CA  . THR A 1 172 ? 9.316   -15.952 -0.181  1.00 34.61  ? 186 THR A CA  1 
ATOM   1293 C C   . THR A 1 172 ? 7.907   -15.529 -0.608  1.00 35.13  ? 186 THR A C   1 
ATOM   1294 O O   . THR A 1 172 ? 7.001   -16.350 -0.678  1.00 34.85  ? 186 THR A O   1 
ATOM   1295 C CB  . THR A 1 172 ? 10.035  -16.677 -1.328  1.00 35.36  ? 186 THR A CB  1 
ATOM   1296 O OG1 . THR A 1 172 ? 11.359  -17.002 -0.897  1.00 34.89  ? 186 THR A OG1 1 
ATOM   1297 C CG2 . THR A 1 172 ? 10.109  -15.789 -2.596  1.00 37.04  ? 186 THR A CG2 1 
ATOM   1298 N N   . TYR A 1 173 ? 7.737   -14.234 -0.879  1.00 32.35  ? 187 TYR A N   1 
ATOM   1299 C CA  . TYR A 1 173 ? 6.477   -13.685 -1.377  1.00 31.68  ? 187 TYR A CA  1 
ATOM   1300 C C   . TYR A 1 173 ? 6.689   -13.171 -2.792  1.00 32.87  ? 187 TYR A C   1 
ATOM   1301 O O   . TYR A 1 173 ? 7.744   -12.607 -3.085  1.00 32.53  ? 187 TYR A O   1 
ATOM   1302 C CB  . TYR A 1 173 ? 6.050   -12.515 -0.504  1.00 31.65  ? 187 TYR A CB  1 
ATOM   1303 C CG  . TYR A 1 173 ? 5.797   -12.880 0.942   1.00 32.15  ? 187 TYR A CG  1 
ATOM   1304 C CD1 . TYR A 1 173 ? 4.523   -13.253 1.360   1.00 32.78  ? 187 TYR A CD1 1 
ATOM   1305 C CD2 . TYR A 1 173 ? 6.826   -12.854 1.891   1.00 33.43  ? 187 TYR A CD2 1 
ATOM   1306 C CE1 . TYR A 1 173 ? 4.270   -13.592 2.678   1.00 32.31  ? 187 TYR A CE1 1 
ATOM   1307 C CE2 . TYR A 1 173 ? 6.585   -13.183 3.225   1.00 33.16  ? 187 TYR A CE2 1 
ATOM   1308 C CZ  . TYR A 1 173 ? 5.310   -13.565 3.616   1.00 33.60  ? 187 TYR A CZ  1 
ATOM   1309 O OH  . TYR A 1 173 ? 5.065   -13.893 4.939   1.00 32.96  ? 187 TYR A OH  1 
ATOM   1310 N N   . GLN A 1 174 ? 5.687   -13.357 -3.651  1.00 31.14  ? 188 GLN A N   1 
ATOM   1311 C CA  . GLN A 1 174 ? 5.685   -12.800 -5.003  1.00 32.96  ? 188 GLN A CA  1 
ATOM   1312 C C   . GLN A 1 174 ? 4.863   -11.528 -5.012  1.00 30.31  ? 188 GLN A C   1 
ATOM   1313 O O   . GLN A 1 174 ? 3.716   -11.519 -4.565  1.00 29.26  ? 188 GLN A O   1 
ATOM   1314 C CB  . GLN A 1 174 ? 5.091   -13.786 -6.015  1.00 36.78  ? 188 GLN A CB  1 
ATOM   1315 C CG  . GLN A 1 174 ? 5.908   -15.052 -6.167  1.00 41.95  ? 188 GLN A CG  1 
ATOM   1316 C CD  . GLN A 1 174 ? 5.490   -15.869 -7.378  1.00 45.62  ? 188 GLN A CD  1 
ATOM   1317 O OE1 . GLN A 1 174 ? 4.320   -15.869 -7.786  1.00 52.90  ? 188 GLN A OE1 1 
ATOM   1318 N NE2 . GLN A 1 174 ? 6.448   -16.555 -7.969  1.00 48.58  ? 188 GLN A NE2 1 
ATOM   1319 N N   . ILE A 1 175 ? 5.454   -10.456 -5.525  1.00 27.96  ? 189 ILE A N   1 
ATOM   1320 C CA  . ILE A 1 175 ? 4.777   -9.165  -5.583  1.00 28.73  ? 189 ILE A CA  1 
ATOM   1321 C C   . ILE A 1 175 ? 4.750   -8.725  -7.041  1.00 28.17  ? 189 ILE A C   1 
ATOM   1322 O O   . ILE A 1 175 ? 5.791   -8.695  -7.698  1.00 30.02  ? 189 ILE A O   1 
ATOM   1323 C CB  . ILE A 1 175 ? 5.496   -8.115  -4.715  1.00 29.00  ? 189 ILE A CB  1 
ATOM   1324 C CG1 . ILE A 1 175 ? 5.776   -8.725  -3.331  1.00 29.48  ? 189 ILE A CG1 1 
ATOM   1325 C CG2 . ILE A 1 175 ? 4.631   -6.861  -4.577  1.00 29.12  ? 189 ILE A CG2 1 
ATOM   1326 C CD1 . ILE A 1 175 ? 6.551   -7.811  -2.399  1.00 30.94  ? 189 ILE A CD1 1 
ATOM   1327 N N   . LYS A 1 176 ? 3.563   -8.402  -7.532  1.00 30.82  ? 190 LYS A N   1 
ATOM   1328 C CA  . LYS A 1 176 ? 3.425   -8.082  -8.952  1.00 32.19  ? 190 LYS A CA  1 
ATOM   1329 C C   . LYS A 1 176 ? 2.353   -7.057  -9.221  1.00 31.27  ? 190 LYS A C   1 
ATOM   1330 O O   . LYS A 1 176 ? 1.653   -6.605  -8.304  1.00 28.86  ? 190 LYS A O   1 
ATOM   1331 C CB  . LYS A 1 176 ? 3.162   -9.373  -9.734  1.00 36.24  ? 190 LYS A CB  1 
ATOM   1332 C CG  . LYS A 1 176 ? 1.831   -10.027 -9.473  1.00 39.68  ? 190 LYS A CG  1 
ATOM   1333 C CD  . LYS A 1 176 ? 1.820   -11.493 -9.927  1.00 42.82  ? 190 LYS A CD  1 
ATOM   1334 C CE  . LYS A 1 176 ? 0.408   -12.055 -9.868  1.00 46.85  ? 190 LYS A CE  1 
ATOM   1335 N NZ  . LYS A 1 176 ? 0.273   -13.415 -10.468 1.00 51.51  ? 190 LYS A NZ  1 
ATOM   1336 N N   . GLY A 1 177 ? 2.246   -6.660  -10.493 1.00 29.84  ? 191 GLY A N   1 
ATOM   1337 C CA  . GLY A 1 177 ? 1.152   -5.811  -10.937 1.00 28.67  ? 191 GLY A CA  1 
ATOM   1338 C C   . GLY A 1 177 ? 1.147   -4.428  -10.319 1.00 27.09  ? 191 GLY A C   1 
ATOM   1339 O O   . GLY A 1 177 ? 2.208   -3.860  -10.054 1.00 26.92  ? 191 GLY A O   1 
ATOM   1340 N N   . MET A 1 178 ? -0.059  -3.902  -10.091 1.00 26.67  ? 192 MET A N   1 
ATOM   1341 C CA  . MET A 1 178 ? -0.242  -2.553  -9.546  1.00 27.09  ? 192 MET A CA  1 
ATOM   1342 C C   . MET A 1 178 ? 0.451   -2.434  -8.193  1.00 24.84  ? 192 MET A C   1 
ATOM   1343 O O   . MET A 1 178 ? 1.017   -1.400  -7.874  1.00 23.50  ? 192 MET A O   1 
ATOM   1344 C CB  . MET A 1 178 ? -1.725  -2.250  -9.376  1.00 29.29  ? 192 MET A CB  1 
ATOM   1345 C CG  . MET A 1 178 ? -2.030  -0.872  -8.823  1.00 30.21  ? 192 MET A CG  1 
ATOM   1346 S SD  . MET A 1 178 ? -3.773  -0.568  -8.419  1.00 35.72  ? 192 MET A SD  1 
ATOM   1347 C CE  . MET A 1 178 ? -4.439  -2.184  -8.110  1.00 43.47  ? 192 MET A CE  1 
ATOM   1348 N N   . THR A 1 179 ? 0.378   -3.500  -7.409  1.00 24.41  ? 193 THR A N   1 
ATOM   1349 C CA  . THR A 1 179 ? 0.989   -3.517  -6.068  1.00 23.93  ? 193 THR A CA  1 
ATOM   1350 C C   . THR A 1 179 ? 2.492   -3.294  -6.161  1.00 24.23  ? 193 THR A C   1 
ATOM   1351 O O   . THR A 1 179 ? 3.036   -2.418  -5.480  1.00 22.76  ? 193 THR A O   1 
ATOM   1352 C CB  . THR A 1 179 ? 0.664   -4.845  -5.373  1.00 25.09  ? 193 THR A CB  1 
ATOM   1353 O OG1 . THR A 1 179 ? -0.761  -4.912  -5.201  1.00 24.86  ? 193 THR A OG1 1 
ATOM   1354 C CG2 . THR A 1 179 ? 1.337   -4.921  -4.001  1.00 25.94  ? 193 THR A CG2 1 
ATOM   1355 N N   . ALA A 1 180 ? 3.151   -4.055  -7.035  1.00 22.81  ? 194 ALA A N   1 
ATOM   1356 C CA  . ALA A 1 180 ? 4.598   -3.865  -7.275  1.00 23.15  ? 194 ALA A CA  1 
ATOM   1357 C C   . ALA A 1 180 ? 4.914   -2.493  -7.827  1.00 22.97  ? 194 ALA A C   1 
ATOM   1358 O O   . ALA A 1 180 ? 5.886   -1.846  -7.415  1.00 22.36  ? 194 ALA A O   1 
ATOM   1359 C CB  . ALA A 1 180 ? 5.153   -4.936  -8.201  1.00 23.68  ? 194 ALA A CB  1 
ATOM   1360 N N   . ASN A 1 181 ? 4.100   -2.023  -8.771  1.00 23.19  ? 195 ASN A N   1 
ATOM   1361 C CA  . ASN A 1 181 ? 4.340   -0.710  -9.336  1.00 24.04  ? 195 ASN A CA  1 
ATOM   1362 C C   . ASN A 1 181 ? 4.248   0.411   -8.310  1.00 22.21  ? 195 ASN A C   1 
ATOM   1363 O O   . ASN A 1 181 ? 5.070   1.329   -8.336  1.00 21.65  ? 195 ASN A O   1 
ATOM   1364 C CB  . ASN A 1 181 ? 3.424   -0.439  -10.542 1.00 26.62  ? 195 ASN A CB  1 
ATOM   1365 C CG  . ASN A 1 181 ? 3.905   -1.174  -11.789 1.00 31.99  ? 195 ASN A CG  1 
ATOM   1366 O OD1 . ASN A 1 181 ? 4.560   -0.579  -12.665 1.00 43.21  ? 195 ASN A OD1 1 
ATOM   1367 N ND2 . ASN A 1 181 ? 3.638   -2.452  -11.861 1.00 35.07  ? 195 ASN A ND2 1 
ATOM   1368 N N   . LEU A 1 182 ? 3.234   0.367   -7.438  1.00 21.03  ? 196 LEU A N   1 
ATOM   1369 C CA  . LEU A 1 182 ? 3.078   1.400   -6.418  1.00 22.79  ? 196 LEU A CA  1 
ATOM   1370 C C   . LEU A 1 182 ? 4.219   1.378   -5.398  1.00 21.13  ? 196 LEU A C   1 
ATOM   1371 O O   . LEU A 1 182 ? 4.658   2.440   -4.920  1.00 20.55  ? 196 LEU A O   1 
ATOM   1372 C CB  . LEU A 1 182 ? 1.724   1.293   -5.723  1.00 23.41  ? 196 LEU A CB  1 
ATOM   1373 C CG  . LEU A 1 182 ? 0.517   1.711   -6.581  1.00 23.93  ? 196 LEU A CG  1 
ATOM   1374 C CD1 . LEU A 1 182 ? -0.790  1.309   -5.896  1.00 25.42  ? 196 LEU A CD1 1 
ATOM   1375 C CD2 . LEU A 1 182 ? 0.535   3.193   -6.887  1.00 24.90  ? 196 LEU A CD2 1 
ATOM   1376 N N   . ALA A 1 183 ? 4.692   0.184   -5.073  1.00 22.79  ? 197 ALA A N   1 
ATOM   1377 C CA  . ALA A 1 183 ? 5.795   0.036   -4.114  1.00 22.10  ? 197 ALA A CA  1 
ATOM   1378 C C   . ALA A 1 183 ? 7.062   0.715   -4.643  1.00 21.54  ? 197 ALA A C   1 
ATOM   1379 O O   . ALA A 1 183 ? 7.723   1.457   -3.919  1.00 21.15  ? 197 ALA A O   1 
ATOM   1380 C CB  . ALA A 1 183 ? 6.055   -1.429  -3.801  1.00 22.76  ? 197 ALA A CB  1 
ATOM   1381 N N   . VAL A 1 184 ? 7.341   0.523   -5.934  1.00 21.68  ? 198 VAL A N   1 
ATOM   1382 C CA  . VAL A 1 184 ? 8.494   1.168   -6.565  1.00 22.57  ? 198 VAL A CA  1 
ATOM   1383 C C   . VAL A 1 184 ? 8.342   2.682   -6.546  1.00 21.10  ? 198 VAL A C   1 
ATOM   1384 O O   . VAL A 1 184 ? 9.270   3.405   -6.222  1.00 21.65  ? 198 VAL A O   1 
ATOM   1385 C CB  . VAL A 1 184 ? 8.716   0.646   -8.000  1.00 22.93  ? 198 VAL A CB  1 
ATOM   1386 C CG1 . VAL A 1 184 ? 9.737   1.511   -8.747  1.00 24.43  ? 198 VAL A CG1 1 
ATOM   1387 C CG2 . VAL A 1 184 ? 9.142   -0.806  -7.958  1.00 25.45  ? 198 VAL A CG2 1 
ATOM   1388 N N   . LEU A 1 185 ? 7.160   3.175   -6.907  1.00 21.67  ? 199 LEU A N   1 
ATOM   1389 C CA  . LEU A 1 185 ? 6.898   4.600   -6.898  1.00 21.62  ? 199 LEU A CA  1 
ATOM   1390 C C   . LEU A 1 185 ? 7.194   5.236   -5.527  1.00 22.57  ? 199 LEU A C   1 
ATOM   1391 O O   . LEU A 1 185 ? 7.879   6.252   -5.426  1.00 20.99  ? 199 LEU A O   1 
ATOM   1392 C CB  . LEU A 1 185 ? 5.434   4.872   -7.295  1.00 22.91  ? 199 LEU A CB  1 
ATOM   1393 C CG  . LEU A 1 185 ? 4.980   6.330   -7.199  1.00 23.73  ? 199 LEU A CG  1 
ATOM   1394 C CD1 . LEU A 1 185 ? 5.830   7.242   -8.066  1.00 25.92  ? 199 LEU A CD1 1 
ATOM   1395 C CD2 . LEU A 1 185 ? 3.508   6.469   -7.550  1.00 25.96  ? 199 LEU A CD2 1 
ATOM   1396 N N   . VAL A 1 186 ? 6.667   4.628   -4.466  1.00 20.81  ? 200 VAL A N   1 
ATOM   1397 C CA  . VAL A 1 186 ? 6.871   5.154   -3.127  1.00 21.34  ? 200 VAL A CA  1 
ATOM   1398 C C   . VAL A 1 186 ? 8.367   5.155   -2.766  1.00 20.95  ? 200 VAL A C   1 
ATOM   1399 O O   . VAL A 1 186 ? 8.869   6.145   -2.219  1.00 21.38  ? 200 VAL A O   1 
ATOM   1400 C CB  . VAL A 1 186 ? 6.058   4.348   -2.085  1.00 22.25  ? 200 VAL A CB  1 
ATOM   1401 C CG1 . VAL A 1 186 ? 6.428   4.757   -0.665  1.00 24.09  ? 200 VAL A CG1 1 
ATOM   1402 C CG2 . VAL A 1 186 ? 4.588   4.610   -2.296  1.00 23.48  ? 200 VAL A CG2 1 
ATOM   1403 N N   . ALA A 1 187 ? 9.064   4.064   -3.091  1.00 21.49  ? 201 ALA A N   1 
ATOM   1404 C CA  . ALA A 1 187 ? 10.516  3.970   -2.839  1.00 22.39  ? 201 ALA A CA  1 
ATOM   1405 C C   . ALA A 1 187 ? 11.290  5.079   -3.567  1.00 22.60  ? 201 ALA A C   1 
ATOM   1406 O O   . ALA A 1 187 ? 12.146  5.735   -2.965  1.00 23.55  ? 201 ALA A O   1 
ATOM   1407 C CB  . ALA A 1 187 ? 11.041  2.616   -3.223  1.00 23.21  ? 201 ALA A CB  1 
ATOM   1408 N N   . PHE A 1 188 ? 11.000  5.289   -4.856  1.00 21.97  ? 202 PHE A N   1 
ATOM   1409 C CA  . PHE A 1 188 ? 11.631  6.410   -5.576  1.00 22.27  ? 202 PHE A CA  1 
ATOM   1410 C C   . PHE A 1 188 ? 11.380  7.760   -4.900  1.00 21.35  ? 202 PHE A C   1 
ATOM   1411 O O   . PHE A 1 188 ? 12.294  8.539   -4.724  1.00 22.86  ? 202 PHE A O   1 
ATOM   1412 C CB  . PHE A 1 188 ? 11.160  6.510   -7.036  1.00 22.40  ? 202 PHE A CB  1 
ATOM   1413 C CG  . PHE A 1 188 ? 11.661  5.441   -7.971  1.00 24.39  ? 202 PHE A CG  1 
ATOM   1414 C CD1 . PHE A 1 188 ? 12.649  4.513   -7.641  1.00 24.69  ? 202 PHE A CD1 1 
ATOM   1415 C CD2 . PHE A 1 188 ? 11.138  5.399   -9.278  1.00 26.31  ? 202 PHE A CD2 1 
ATOM   1416 C CE1 . PHE A 1 188 ? 13.065  3.551   -8.552  1.00 25.93  ? 202 PHE A CE1 1 
ATOM   1417 C CE2 . PHE A 1 188 ? 11.576  4.450   -10.194 1.00 27.42  ? 202 PHE A CE2 1 
ATOM   1418 C CZ  . PHE A 1 188 ? 12.548  3.534   -9.838  1.00 27.05  ? 202 PHE A CZ  1 
ATOM   1419 N N   . ILE A 1 189 ? 10.116  8.061   -4.555  1.00 20.47  ? 203 ILE A N   1 
ATOM   1420 C CA  . ILE A 1 189 ? 9.768   9.329   -4.004  1.00 20.74  ? 203 ILE A CA  1 
ATOM   1421 C C   . ILE A 1 189 ? 10.542  9.595   -2.723  1.00 21.00  ? 203 ILE A C   1 
ATOM   1422 O O   . ILE A 1 189 ? 11.082  10.675  -2.540  1.00 22.57  ? 203 ILE A O   1 
ATOM   1423 C CB  . ILE A 1 189 ? 8.244   9.442   -3.708  1.00 20.47  ? 203 ILE A CB  1 
ATOM   1424 C CG1 . ILE A 1 189 ? 7.472   9.556   -5.029  1.00 23.29  ? 203 ILE A CG1 1 
ATOM   1425 C CG2 . ILE A 1 189 ? 7.930   10.640  -2.812  1.00 20.85  ? 203 ILE A CG2 1 
ATOM   1426 C CD1 . ILE A 1 189 ? 5.963   9.336   -4.888  1.00 24.22  ? 203 ILE A CD1 1 
ATOM   1427 N N   . ILE A 1 190 ? 10.602  8.584   -1.864  1.00 21.32  ? 204 ILE A N   1 
ATOM   1428 C CA  . ILE A 1 190 ? 11.144  8.791   -0.519  1.00 22.32  ? 204 ILE A CA  1 
ATOM   1429 C C   . ILE A 1 190 ? 12.664  8.653   -0.479  1.00 22.09  ? 204 ILE A C   1 
ATOM   1430 O O   . ILE A 1 190 ? 13.302  9.387   0.264   1.00 24.74  ? 204 ILE A O   1 
ATOM   1431 C CB  . ILE A 1 190 ? 10.483  7.831   0.492   1.00 22.70  ? 204 ILE A CB  1 
ATOM   1432 C CG1 . ILE A 1 190 ? 8.985   8.167   0.601   1.00 23.95  ? 204 ILE A CG1 1 
ATOM   1433 C CG2 . ILE A 1 190 ? 11.174  7.905   1.844   1.00 24.00  ? 204 ILE A CG2 1 
ATOM   1434 C CD1 . ILE A 1 190 ? 8.199   7.260   1.523   1.00 25.50  ? 204 ILE A CD1 1 
ATOM   1435 N N   . LEU A 1 191 ? 13.220  7.750   -1.271  1.00 22.69  ? 205 LEU A N   1 
ATOM   1436 C CA  . LEU A 1 191 ? 14.651  7.387   -1.132  1.00 23.37  ? 205 LEU A CA  1 
ATOM   1437 C C   . LEU A 1 191 ? 15.591  7.987   -2.177  1.00 26.40  ? 205 LEU A C   1 
ATOM   1438 O O   . LEU A 1 191 ? 16.823  7.929   -1.998  1.00 25.55  ? 205 LEU A O   1 
ATOM   1439 C CB  . LEU A 1 191 ? 14.813  5.881   -1.119  1.00 23.80  ? 205 LEU A CB  1 
ATOM   1440 C CG  . LEU A 1 191 ? 14.048  5.132   -0.012  1.00 24.46  ? 205 LEU A CG  1 
ATOM   1441 C CD1 . LEU A 1 191 ? 14.193  3.647   -0.210  1.00 23.78  ? 205 LEU A CD1 1 
ATOM   1442 C CD2 . LEU A 1 191 ? 14.524  5.542   1.372   1.00 26.62  ? 205 LEU A CD2 1 
ATOM   1443 N N   . GLU A 1 192 ? 15.063  8.537   -3.266  1.00 26.31  ? 206 GLU A N   1 
ATOM   1444 C CA  . GLU A 1 192 ? 15.980  9.128   -4.272  1.00 28.74  ? 206 GLU A CA  1 
ATOM   1445 C C   . GLU A 1 192 ? 16.796  10.294  -3.706  1.00 28.91  ? 206 GLU A C   1 
ATOM   1446 O O   . GLU A 1 192 ? 16.321  11.069  -2.858  1.00 29.19  ? 206 GLU A O   1 
ATOM   1447 C CB  . GLU A 1 192 ? 15.240  9.585   -5.521  1.00 29.47  ? 206 GLU A CB  1 
ATOM   1448 C CG  . GLU A 1 192 ? 14.388  10.813  -5.307  1.00 31.25  ? 206 GLU A CG  1 
ATOM   1449 C CD  . GLU A 1 192 ? 13.861  11.413  -6.599  1.00 36.95  ? 206 GLU A CD  1 
ATOM   1450 O OE1 . GLU A 1 192 ? 14.368  11.054  -7.692  1.00 38.04  ? 206 GLU A OE1 1 
ATOM   1451 O OE2 . GLU A 1 192 ? 12.958  12.269  -6.492  1.00 39.84  ? 206 GLU A OE2 1 
ATOM   1452 N N   . LYS A 1 193 ? 18.036  10.414  -4.178  1.00 33.20  ? 207 LYS A N   1 
ATOM   1453 C CA  . LYS A 1 193 ? 18.871  11.587  -3.894  1.00 36.72  ? 207 LYS A CA  1 
ATOM   1454 C C   . LYS A 1 193 ? 18.961  11.891  -2.413  1.00 38.07  ? 207 LYS A C   1 
ATOM   1455 O O   . LYS A 1 193 ? 18.490  12.931  -1.956  1.00 39.49  ? 207 LYS A O   1 
ATOM   1456 C CB  . LYS A 1 193 ? 18.358  12.819  -4.643  1.00 42.80  ? 207 LYS A CB  1 
ATOM   1457 C CG  . LYS A 1 193 ? 18.271  12.681  -6.151  1.00 47.07  ? 207 LYS A CG  1 
ATOM   1458 C CD  . LYS A 1 193 ? 17.762  14.004  -6.737  1.00 52.26  ? 207 LYS A CD  1 
ATOM   1459 C CE  . LYS A 1 193 ? 16.865  13.817  -7.955  1.00 55.05  ? 207 LYS A CE  1 
ATOM   1460 N NZ  . LYS A 1 193 ? 15.873  14.929  -8.066  1.00 57.86  ? 207 LYS A NZ  1 
ATOM   1461 N N   . LYS A 1 194 ? 19.544  10.960  -1.664  1.00 39.96  ? 208 LYS A N   1 
ATOM   1462 C CA  . LYS A 1 194 ? 19.722  11.110  -0.219  1.00 46.62  ? 208 LYS A CA  1 
ATOM   1463 C C   . LYS A 1 194 ? 21.193  10.973  0.137   1.00 48.06  ? 208 LYS A C   1 
ATOM   1464 O O   . LYS A 1 194 ? 21.826  10.008  -0.298  1.00 43.62  ? 208 LYS A O   1 
ATOM   1465 C CB  . LYS A 1 194 ? 18.943  10.026  0.513   1.00 48.93  ? 208 LYS A CB  1 
ATOM   1466 C CG  . LYS A 1 194 ? 17.440  10.144  0.343   1.00 54.20  ? 208 LYS A CG  1 
ATOM   1467 C CD  . LYS A 1 194 ? 16.785  10.822  1.524   1.00 56.86  ? 208 LYS A CD  1 
ATOM   1468 C CE  . LYS A 1 194 ? 16.591  9.825   2.648   1.00 57.85  ? 208 LYS A CE  1 
ATOM   1469 N NZ  . LYS A 1 194 ? 16.039  10.522  3.824   1.00 58.18  ? 208 LYS A NZ  1 
ATOM   1470 N N   . PRO A 1 195 ? 21.740  11.920  0.938   1.00 53.25  ? 209 PRO A N   1 
ATOM   1471 C CA  . PRO A 1 195 ? 23.091  11.693  1.474   1.00 56.29  ? 209 PRO A CA  1 
ATOM   1472 C C   . PRO A 1 195 ? 23.110  10.516  2.460   1.00 60.60  ? 209 PRO A C   1 
ATOM   1473 O O   . PRO A 1 195 ? 22.133  10.317  3.192   1.00 63.65  ? 209 PRO A O   1 
ATOM   1474 C CB  . PRO A 1 195 ? 23.440  13.013  2.187   1.00 56.85  ? 209 PRO A CB  1 
ATOM   1475 C CG  . PRO A 1 195 ? 22.296  13.951  1.976   1.00 56.89  ? 209 PRO A CG  1 
ATOM   1476 C CD  . PRO A 1 195 ? 21.137  13.177  1.430   1.00 56.68  ? 209 PRO A CD  1 
ATOM   1477 N N   . THR A 1 196 ? 24.193  9.741   2.461   1.00 64.18  ? 210 THR A N   1 
ATOM   1478 C CA  . THR A 1 196 ? 24.370  8.646   3.424   1.00 68.25  ? 210 THR A CA  1 
ATOM   1479 C C   . THR A 1 196 ? 24.958  9.184   4.734   1.00 70.88  ? 210 THR A C   1 
ATOM   1480 O O   . THR A 1 196 ? 24.530  8.801   5.827   1.00 72.99  ? 210 THR A O   1 
ATOM   1481 C CB  . THR A 1 196 ? 25.280  7.531   2.861   1.00 68.48  ? 210 THR A CB  1 
ATOM   1482 O OG1 . THR A 1 196 ? 26.596  8.046   2.634   1.00 71.42  ? 210 THR A OG1 1 
ATOM   1483 C CG2 . THR A 1 196 ? 24.720  6.993   1.550   1.00 68.43  ? 210 THR A CG2 1 
HETATM 1484 C C   . ACT B 2 .   ? 2.399   -15.011 -2.660  1.00 54.69  ? 301 ACT A C   1 
HETATM 1485 O O   . ACT B 2 .   ? 1.896   -14.791 -1.532  1.00 55.97  ? 301 ACT A O   1 
HETATM 1486 O OXT . ACT B 2 .   ? 3.635   -15.079 -2.824  1.00 47.36  ? 301 ACT A OXT 1 
HETATM 1487 C CH3 . ACT B 2 .   ? 1.502   -15.203 -3.848  1.00 54.21  ? 301 ACT A CH3 1 
HETATM 1488 C C   . ACT C 2 .   ? -3.320  10.981  12.865  1.00 61.43  ? 302 ACT A C   1 
HETATM 1489 O O   . ACT C 2 .   ? -4.459  10.475  12.849  1.00 66.11  ? 302 ACT A O   1 
HETATM 1490 O OXT . ACT C 2 .   ? -2.354  10.386  13.378  1.00 66.11  ? 302 ACT A OXT 1 
HETATM 1491 C CH3 . ACT C 2 .   ? -3.107  12.332  12.258  1.00 63.30  ? 302 ACT A CH3 1 
HETATM 1492 S S   . DMS D 3 .   ? -3.780  -2.984  17.239  1.00 57.89  ? 303 DMS A S   1 
HETATM 1493 O O   . DMS D 3 .   ? -2.429  -2.362  17.129  1.00 41.82  ? 303 DMS A O   1 
HETATM 1494 C C1  . DMS D 3 .   ? -4.965  -1.818  17.652  1.00 55.63  ? 303 DMS A C1  1 
HETATM 1495 C C2  . DMS D 3 .   ? -4.446  -3.422  15.725  1.00 51.88  ? 303 DMS A C2  1 
HETATM 1496 S S   . DMS E 3 .   ? 4.453   7.360   16.064  1.00 56.44  ? 304 DMS A S   1 
HETATM 1497 O O   . DMS E 3 .   ? 4.938   6.017   15.649  1.00 39.68  ? 304 DMS A O   1 
HETATM 1498 C C1  . DMS E 3 .   ? 5.438   8.051   17.279  1.00 53.72  ? 304 DMS A C1  1 
HETATM 1499 C C2  . DMS E 3 .   ? 4.772   8.455   14.789  1.00 57.89  ? 304 DMS A C2  1 
HETATM 1500 N N1  . H0G F 4 .   ? -6.948  -5.231  -0.517  0.49 38.02  ? 305 H0G A N1  1 
HETATM 1501 C C4  . H0G F 4 .   ? -7.122  -4.454  -5.846  0.49 50.68  ? 305 H0G A C4  1 
HETATM 1502 C C5  . H0G F 4 .   ? -7.741  -4.277  -4.623  0.49 51.05  ? 305 H0G A C5  1 
HETATM 1503 C C6  . H0G F 4 .   ? -7.014  -3.811  -3.536  0.49 47.91  ? 305 H0G A C6  1 
HETATM 1504 C C7  . H0G F 4 .   ? -7.654  -3.617  -2.185  0.49 44.78  ? 305 H0G A C7  1 
HETATM 1505 C C8  . H0G F 4 .   ? -7.844  -4.950  -1.496  0.49 43.78  ? 305 H0G A C8  1 
HETATM 1506 C C10 . H0G F 4 .   ? -8.077  -7.228  0.447   0.49 37.12  ? 305 H0G A C10 1 
HETATM 1507 C C1  . H0G F 4 .   ? -3.557  -3.410  -5.034  0.49 52.42  ? 305 H0G A C1  1 
HETATM 1508 C C2  . H0G F 4 .   ? -5.028  -3.713  -4.907  0.49 48.32  ? 305 H0G A C2  1 
HETATM 1509 C C3  . H0G F 4 .   ? -5.775  -4.182  -5.976  0.49 50.90  ? 305 H0G A C3  1 
HETATM 1510 C C9  . H0G F 4 .   ? -6.970  -6.403  0.241   0.49 38.00  ? 305 H0G A C9  1 
HETATM 1511 C C11 . H0G F 4 .   ? -7.677  -8.243  1.222   0.49 36.75  ? 305 H0G A C11 1 
HETATM 1512 O O1  . H0G F 4 .   ? -6.373  -8.055  1.498   0.49 37.26  ? 305 H0G A O1  1 
HETATM 1513 N N2  . H0G F 4 .   ? -5.929  -6.865  0.873   0.49 34.23  ? 305 H0G A N2  1 
HETATM 1514 O O2  . H0G F 4 .   ? -8.761  -5.709  -1.799  0.49 45.47  ? 305 H0G A O2  1 
HETATM 1515 C C12 . H0G F 4 .   ? -5.664  -3.541  -3.705  0.49 48.86  ? 305 H0G A C12 1 
HETATM 1516 O O   . HOH G 5 .   ? -12.321 14.973  -9.827  1.00 36.31  ? 401 HOH A O   1 
HETATM 1517 O O   . HOH G 5 .   ? 15.906  11.100  6.136   1.00 49.89  ? 402 HOH A O   1 
HETATM 1518 O O   . HOH G 5 .   ? -8.548  -7.897  12.730  1.00 53.74  ? 403 HOH A O   1 
HETATM 1519 O O   . HOH G 5 .   ? 1.676   7.890   18.533  1.00 45.25  ? 404 HOH A O   1 
HETATM 1520 O O   . HOH G 5 .   ? 5.827   -6.663  -15.788 1.00 63.04  ? 405 HOH A O   1 
HETATM 1521 O O   . HOH G 5 .   ? 6.202   1.368   -13.090 1.00 33.41  ? 406 HOH A O   1 
HETATM 1522 O O   . HOH G 5 .   ? -16.360 -1.616  0.862   1.00 40.82  ? 407 HOH A O   1 
HETATM 1523 O O   . HOH G 5 .   ? 4.049   -7.289  -12.723 1.00 41.34  ? 408 HOH A O   1 
HETATM 1524 O O   . HOH G 5 .   ? 16.302  9.900   -9.055  1.00 42.60  ? 409 HOH A O   1 
HETATM 1525 O O   . HOH G 5 .   ? 1.568   4.921   20.037  1.00 35.98  ? 410 HOH A O   1 
HETATM 1526 O O   . HOH G 5 .   ? -13.067 16.057  -7.360  1.00 48.23  ? 411 HOH A O   1 
HETATM 1527 O O   . HOH G 5 .   ? 18.262  -1.284  -1.903  1.00 44.66  ? 412 HOH A O   1 
HETATM 1528 O O   . HOH G 5 .   ? 7.057   -14.089 6.680   1.00 39.35  ? 413 HOH A O   1 
HETATM 1529 O O   . HOH G 5 .   ? 10.414  12.474  13.534  1.00 40.21  ? 414 HOH A O   1 
HETATM 1530 O O   . HOH G 5 .   ? 7.627   16.969  7.151   1.00 43.02  ? 415 HOH A O   1 
HETATM 1531 O O   . HOH G 5 .   ? -19.623 0.346   5.995   1.00 32.45  ? 416 HOH A O   1 
HETATM 1532 O O   . HOH G 5 .   ? 11.326  12.767  -4.451  1.00 29.25  ? 417 HOH A O   1 
HETATM 1533 O O   . HOH G 5 .   ? 17.328  -5.616  -2.485  1.00 49.69  ? 418 HOH A O   1 
HETATM 1534 O O   . HOH G 5 .   ? -11.027 5.466   -17.583 1.00 29.19  ? 419 HOH A O   1 
HETATM 1535 O O   . HOH G 5 .   ? -19.711 1.680   -8.244  1.00 43.15  ? 420 HOH A O   1 
HETATM 1536 O O   . HOH G 5 .   ? 17.365  -5.304  -9.099  1.00 54.03  ? 421 HOH A O   1 
HETATM 1537 O O   . HOH G 5 .   ? 6.867   19.250  0.936   1.00 40.84  ? 422 HOH A O   1 
HETATM 1538 O O   . HOH G 5 .   ? -7.326  -16.602 5.406   1.00 45.44  ? 423 HOH A O   1 
HETATM 1539 O O   . HOH G 5 .   ? 13.047  9.384   5.076   1.00 34.99  ? 424 HOH A O   1 
HETATM 1540 O O   . HOH G 5 .   ? -19.183 2.268   -4.456  1.00 47.64  ? 425 HOH A O   1 
HETATM 1541 O O   . HOH G 5 .   ? -16.889 13.339  -4.987  1.00 84.67  ? 426 HOH A O   1 
HETATM 1542 O O   . HOH G 5 .   ? 19.590  -3.975  -8.718  1.00 50.05  ? 427 HOH A O   1 
HETATM 1543 O O   . HOH G 5 .   ? -15.559 5.553   6.370   1.00 31.53  ? 428 HOH A O   1 
HETATM 1544 O O   . HOH G 5 .   ? -11.167 -5.482  -0.565  1.00 53.46  ? 429 HOH A O   1 
HETATM 1545 O O   . HOH G 5 .   ? -5.238  -14.818 8.611   1.00 37.59  ? 430 HOH A O   1 
HETATM 1546 O O   . HOH G 5 .   ? -8.240  -3.185  15.866  1.00 47.88  ? 431 HOH A O   1 
HETATM 1547 O O   . HOH G 5 .   ? -1.550  -5.850  -7.625  1.00 31.91  ? 432 HOH A O   1 
HETATM 1548 O O   . HOH G 5 .   ? 15.876  10.334  11.480  1.00 46.01  ? 433 HOH A O   1 
HETATM 1549 O O   . HOH G 5 .   ? -7.696  2.549   9.529   1.00 36.56  ? 434 HOH A O   1 
HETATM 1550 O O   . HOH G 5 .   ? -13.109 -13.167 10.466  1.00 53.84  ? 435 HOH A O   1 
HETATM 1551 O O   . HOH G 5 .   ? 24.042  9.675   -1.847  1.00 31.69  ? 436 HOH A O   1 
HETATM 1552 O O   . HOH G 5 .   ? -17.552 4.521   7.711   1.00 38.14  ? 437 HOH A O   1 
HETATM 1553 O O   . HOH G 5 .   ? -18.648 7.311   -8.826  1.00 35.64  ? 438 HOH A O   1 
HETATM 1554 O O   . HOH G 5 .   ? -12.100 5.290   -3.743  1.00 28.22  ? 439 HOH A O   1 
HETATM 1555 O O   . HOH G 5 .   ? 3.893   -4.651  -13.461 1.00 44.68  ? 440 HOH A O   1 
HETATM 1556 O O   . HOH G 5 .   ? 7.253   -17.673 10.116  1.00 36.17  ? 441 HOH A O   1 
HETATM 1557 O O   . HOH G 5 .   ? -10.310 18.493  -10.702 1.00 40.46  ? 442 HOH A O   1 
HETATM 1558 O O   . HOH G 5 .   ? -5.038  -13.110 12.975  1.00 41.57  ? 443 HOH A O   1 
HETATM 1559 O O   . HOH G 5 .   ? 6.276   3.324   12.302  1.00 35.12  ? 444 HOH A O   1 
HETATM 1560 O O   . HOH G 5 .   ? 1.129   -11.784 -5.456  1.00 35.55  ? 445 HOH A O   1 
HETATM 1561 O O   . HOH G 5 .   ? -19.047 7.680   -0.096  1.00 30.17  ? 446 HOH A O   1 
HETATM 1562 O O   . HOH G 5 .   ? 2.268   10.088  12.489  1.00 39.19  ? 447 HOH A O   1 
HETATM 1563 O O   . HOH G 5 .   ? 13.841  -13.482 -2.940  1.00 51.83  ? 448 HOH A O   1 
HETATM 1564 O O   . HOH G 5 .   ? 15.156  -7.652  3.929   1.00 38.97  ? 449 HOH A O   1 
HETATM 1565 O O   . HOH G 5 .   ? 16.649  -9.429  -10.477 1.00 44.56  ? 450 HOH A O   1 
HETATM 1566 O O   . HOH G 5 .   ? -7.915  12.583  -6.595  1.00 39.41  ? 451 HOH A O   1 
HETATM 1567 O O   . HOH G 5 .   ? -15.135 -13.115 -2.955  1.00 64.22  ? 452 HOH A O   1 
HETATM 1568 O O   . HOH G 5 .   ? 1.795   -16.500 3.546   1.00 55.64  ? 453 HOH A O   1 
HETATM 1569 O O   . HOH G 5 .   ? 5.486   -17.193 -2.993  1.00 58.31  ? 454 HOH A O   1 
HETATM 1570 O O   . HOH G 5 .   ? 13.662  -0.288  -9.049  1.00 36.29  ? 455 HOH A O   1 
HETATM 1571 O O   . HOH G 5 .   ? 0.146   16.009  4.558   1.00 47.26  ? 456 HOH A O   1 
HETATM 1572 O O   . HOH G 5 .   ? -6.385  8.938   10.493  1.00 40.40  ? 457 HOH A O   1 
HETATM 1573 O O   . HOH G 5 .   ? -11.690 15.249  1.328   1.00 57.12  ? 458 HOH A O   1 
HETATM 1574 O O   . HOH G 5 .   ? 4.889   19.679  -6.144  1.00 46.02  ? 459 HOH A O   1 
HETATM 1575 O O   . HOH G 5 .   ? 12.970  10.919  2.627   1.00 33.90  ? 460 HOH A O   1 
HETATM 1576 O O   . HOH G 5 .   ? 8.450   -10.086 5.499   1.00 52.61  ? 461 HOH A O   1 
HETATM 1577 O O   . HOH G 5 .   ? -3.672  4.388   -14.745 1.00 35.10  ? 462 HOH A O   1 
HETATM 1578 O O   . HOH G 5 .   ? 2.114   -5.690  12.380  1.00 49.83  ? 463 HOH A O   1 
HETATM 1579 O O   . HOH G 5 .   ? -12.941 5.611   7.434   1.00 31.17  ? 464 HOH A O   1 
HETATM 1580 O O   . HOH G 5 .   ? -11.177 6.073   -6.225  1.00 23.72  ? 465 HOH A O   1 
HETATM 1581 O O   . HOH G 5 .   ? -4.643  13.914  -0.509  1.00 55.23  ? 466 HOH A O   1 
HETATM 1582 O O   . HOH G 5 .   ? -11.194 11.002  5.724   1.00 43.23  ? 467 HOH A O   1 
HETATM 1583 O O   . HOH G 5 .   ? 11.810  10.552  12.185  1.00 36.99  ? 468 HOH A O   1 
HETATM 1584 O O   . HOH G 5 .   ? -19.561 -0.513  -1.568  1.00 38.68  ? 469 HOH A O   1 
HETATM 1585 O O   . HOH G 5 .   ? -14.183 -4.010  -1.276  1.00 39.38  ? 470 HOH A O   1 
HETATM 1586 O O   . HOH G 5 .   ? -13.222 9.242   -9.144  1.00 26.42  ? 471 HOH A O   1 
HETATM 1587 O O   . HOH G 5 .   ? -20.191 6.944   -15.185 1.00 47.02  ? 472 HOH A O   1 
HETATM 1588 O O   . HOH G 5 .   ? -9.334  10.225  -6.041  1.00 43.20  ? 473 HOH A O   1 
HETATM 1589 O O   . HOH G 5 .   ? 3.858   -1.049  13.592  1.00 47.99  ? 474 HOH A O   1 
HETATM 1590 O O   . HOH G 5 .   ? -4.837  10.858  8.827   1.00 37.57  ? 475 HOH A O   1 
HETATM 1591 O O   . HOH G 5 .   ? 1.109   7.574   12.660  1.00 35.82  ? 476 HOH A O   1 
HETATM 1592 O O   . HOH G 5 .   ? -6.717  -18.080 3.048   1.00 46.77  ? 477 HOH A O   1 
HETATM 1593 O O   . HOH G 5 .   ? 13.774  -5.397  7.731   1.00 56.03  ? 478 HOH A O   1 
HETATM 1594 O O   . HOH G 5 .   ? 12.495  15.805  2.566   1.00 47.39  ? 479 HOH A O   1 
HETATM 1595 O O   . HOH G 5 .   ? 16.231  -1.120  4.126   1.00 43.62  ? 480 HOH A O   1 
HETATM 1596 O O   . HOH G 5 .   ? -1.109  2.530   18.638  1.00 40.20  ? 481 HOH A O   1 
HETATM 1597 O O   . HOH G 5 .   ? 14.336  4.032   4.962   1.00 33.00  ? 482 HOH A O   1 
HETATM 1598 O O   . HOH G 5 .   ? 1.843   -2.794  20.738  1.00 60.35  ? 483 HOH A O   1 
HETATM 1599 O O   . HOH G 5 .   ? -16.904 1.112   -19.855 1.00 51.24  ? 484 HOH A O   1 
HETATM 1600 O O   . HOH G 5 .   ? 6.912   -9.196  8.185   1.00 34.17  ? 485 HOH A O   1 
HETATM 1601 O O   . HOH G 5 .   ? -13.798 -0.730  9.465   1.00 36.82  ? 486 HOH A O   1 
HETATM 1602 O O   . HOH G 5 .   ? -12.995 3.512   13.636  1.00 59.63  ? 487 HOH A O   1 
HETATM 1603 O O   . HOH G 5 .   ? 14.250  0.667   3.603   1.00 28.98  ? 488 HOH A O   1 
HETATM 1604 O O   . HOH G 5 .   ? -12.118 11.919  -2.139  1.00 37.37  ? 489 HOH A O   1 
HETATM 1605 O O   . HOH G 5 .   ? -10.753 3.325   17.226  1.00 61.64  ? 490 HOH A O   1 
HETATM 1606 O O   . HOH G 5 .   ? -14.971 12.097  -3.845  1.00 56.54  ? 491 HOH A O   1 
HETATM 1607 O O   . HOH G 5 .   ? 18.084  6.790   0.422   1.00 31.68  ? 492 HOH A O   1 
HETATM 1608 O O   . HOH G 5 .   ? -3.427  -7.562  -5.207  1.00 68.98  ? 493 HOH A O   1 
HETATM 1609 O O   . HOH G 5 .   ? -12.530 3.970   9.564   1.00 52.57  ? 494 HOH A O   1 
HETATM 1610 O O   . HOH G 5 .   ? 8.518   -19.649 0.660   1.00 40.10  ? 495 HOH A O   1 
HETATM 1611 O O   . HOH G 5 .   ? -18.057 3.466   -6.672  1.00 31.69  ? 496 HOH A O   1 
HETATM 1612 O O   . HOH G 5 .   ? 1.005   -8.868  -12.959 1.00 67.19  ? 497 HOH A O   1 
HETATM 1613 O O   . HOH G 5 .   ? -10.429 -6.242  12.101  1.00 48.81  ? 498 HOH A O   1 
HETATM 1614 O O   . HOH G 5 .   ? 8.447   -12.100 10.261  1.00 41.75  ? 499 HOH A O   1 
HETATM 1615 O O   . HOH G 5 .   ? 14.766  -10.988 -0.927  1.00 40.56  ? 500 HOH A O   1 
HETATM 1616 O O   . HOH G 5 .   ? -13.574 -2.819  11.068  1.00 51.95  ? 501 HOH A O   1 
HETATM 1617 O O   . HOH G 5 .   ? -16.787 -2.419  -9.337  1.00 57.45  ? 502 HOH A O   1 
HETATM 1618 O O   . HOH G 5 .   ? -9.614  11.837  0.455   1.00 33.14  ? 503 HOH A O   1 
HETATM 1619 O O   . HOH G 5 .   ? -0.292  7.502   14.753  1.00 53.32  ? 504 HOH A O   1 
HETATM 1620 O O   . HOH G 5 .   ? -17.829 9.979   -7.954  1.00 48.70  ? 505 HOH A O   1 
HETATM 1621 O O   . HOH G 5 .   ? -13.106 -10.788 -4.089  1.00 59.95  ? 506 HOH A O   1 
HETATM 1622 O O   . HOH G 5 .   ? -4.901  2.201   -17.848 1.00 43.12  ? 507 HOH A O   1 
HETATM 1623 O O   . HOH G 5 .   ? -17.188 -11.883 -4.328  1.00 64.85  ? 508 HOH A O   1 
HETATM 1624 O O   . HOH G 5 .   ? -16.690 3.431   -18.584 1.00 37.15  ? 509 HOH A O   1 
HETATM 1625 O O   . HOH G 5 .   ? 20.789  7.166   0.527   1.00 40.26  ? 510 HOH A O   1 
HETATM 1626 O O   . HOH G 5 .   ? 7.111   0.822   22.200  1.00 52.47  ? 511 HOH A O   1 
HETATM 1627 O O   . HOH G 5 .   ? -7.155  -2.101  -17.837 1.00 46.27  ? 512 HOH A O   1 
HETATM 1628 O O   . HOH G 5 .   ? -17.353 -1.847  6.013   1.00 47.80  ? 513 HOH A O   1 
HETATM 1629 O O   . HOH G 5 .   ? -15.749 13.033  -1.401  1.00 50.63  ? 514 HOH A O   1 
HETATM 1630 O O   . HOH G 5 .   ? -9.308  5.319   16.052  1.00 56.41  ? 515 HOH A O   1 
HETATM 1631 O O   . HOH G 5 .   ? -17.838 4.380   -15.218 1.00 47.23  ? 516 HOH A O   1 
HETATM 1632 O O   . HOH G 5 .   ? 7.538   0.160   19.178  1.00 52.52  ? 517 HOH A O   1 
HETATM 1633 O O   . HOH G 5 .   ? 9.456   16.564  -6.237  1.00 47.15  ? 518 HOH A O   1 
HETATM 1634 O O   . HOH G 5 .   ? -10.874 -7.985  1.717   1.00 66.28  ? 519 HOH A O   1 
HETATM 1635 O O   . HOH G 5 .   ? 15.790  1.337   -9.440  1.00 48.64  ? 520 HOH A O   1 
HETATM 1636 O O   . HOH G 5 .   ? 6.092   19.635  3.517   1.00 54.68  ? 521 HOH A O   1 
HETATM 1637 O O   . HOH G 5 .   ? 14.316  13.423  2.226   1.00 55.05  ? 522 HOH A O   1 
HETATM 1638 O O   . HOH G 5 .   ? 26.081  10.716  -0.252  1.00 49.28  ? 523 HOH A O   1 
HETATM 1639 O O   . HOH G 5 .   ? 0.693   -13.975 -7.078  1.00 61.40  ? 524 HOH A O   1 
HETATM 1640 O O   . HOH G 5 .   ? -14.263 2.361   10.417  1.00 56.37  ? 525 HOH A O   1 
HETATM 1641 O O   . HOH G 5 .   ? 15.876  -6.305  6.491   1.00 50.76  ? 526 HOH A O   1 
HETATM 1642 O O   . HOH G 5 .   ? -8.919  12.463  -2.452  1.00 47.66  ? 527 HOH A O   1 
HETATM 1643 O O   . HOH G 5 .   ? 28.274  9.283   -0.170  1.00 45.27  ? 528 HOH A O   1 
HETATM 1644 O O   . HOH G 5 .   ? -21.131 3.966   -2.774  1.00 49.92  ? 529 HOH A O   1 
HETATM 1645 O O   . HOH G 5 .   ? -2.877  -14.729 9.878   1.00 38.63  ? 530 HOH A O   1 
HETATM 1646 O O   . HOH G 5 .   ? -14.021 15.076  4.679   1.00 62.39  ? 531 HOH A O   1 
HETATM 1647 O O   . HOH G 5 .   ? 15.858  -18.396 6.863   1.00 53.65  ? 532 HOH A O   1 
HETATM 1648 O O   . HOH G 5 .   ? 21.290  -1.926  -10.258 1.00 58.30  ? 533 HOH A O   1 
HETATM 1649 O O   . HOH G 5 .   ? -17.567 10.298  -5.480  1.00 58.88  ? 534 HOH A O   1 
HETATM 1650 O O   . HOH G 5 .   ? -18.933 6.023   -6.559  1.00 49.11  ? 535 HOH A O   1 
HETATM 1651 O O   . HOH G 5 .   ? 18.181  0.362   14.811  1.00 62.92  ? 536 HOH A O   1 
HETATM 1652 O O   . HOH G 5 .   ? 11.395  17.438  0.526   1.00 47.46  ? 537 HOH A O   1 
HETATM 1653 O O   . HOH G 5 .   ? -4.124  8.861   19.736  1.00 47.97  ? 538 HOH A O   1 
HETATM 1654 O O   . HOH G 5 .   ? -16.350 -1.192  8.664   1.00 47.81  ? 539 HOH A O   1 
HETATM 1655 O O   . HOH G 5 .   ? 14.554  7.015   4.826   1.00 44.64  ? 540 HOH A O   1 
HETATM 1656 O O   . HOH G 5 .   ? 4.804   20.303  -0.462  1.00 54.97  ? 541 HOH A O   1 
HETATM 1657 O O   . HOH G 5 .   ? 16.815  -3.591  2.201   1.00 47.60  ? 542 HOH A O   1 
HETATM 1658 O O   . HOH G 5 .   ? -4.365  13.212  1.999   1.00 52.57  ? 543 HOH A O   1 
HETATM 1659 O O   . HOH G 5 .   ? 15.738  -5.729  1.644   1.00 42.51  ? 544 HOH A O   1 
HETATM 1660 O O   . HOH G 5 .   ? 16.239  2.847   3.331   1.00 40.73  ? 545 HOH A O   1 
HETATM 1661 O O   . HOH G 5 .   ? 18.458  0.228   3.717   1.00 56.20  ? 546 HOH A O   1 
HETATM 1662 O O   . HOH G 5 .   ? -7.217  12.945  2.013   1.00 59.90  ? 547 HOH A O   1 
HETATM 1663 O O   . HOH G 5 .   ? -2.462  0.997   -17.848 1.00 72.46  ? 548 HOH A O   1 
HETATM 1664 O O   . HOH G 5 .   ? -20.599 0.905   8.332   1.00 49.15  ? 549 HOH A O   1 
HETATM 1665 O O   . HOH G 5 .   ? -0.263  -6.430  -14.461 1.00 67.07  ? 550 HOH A O   1 
HETATM 1666 O O   . HOH G 5 .   ? 17.213  -6.841  -0.318  1.00 49.61  ? 551 HOH A O   1 
HETATM 1667 O O   . HOH G 5 .   ? 17.818  3.701   0.692   1.00 39.31  ? 552 HOH A O   1 
HETATM 1668 O O   . HOH G 5 .   ? -7.751  10.917  6.446   1.00 51.36  ? 553 HOH A O   1 
HETATM 1669 O O   . HOH G 5 .   ? 19.840  0.034   1.549   1.00 39.30  ? 554 HOH A O   1 
# 
loop_
_pdbx_poly_seq_scheme.asym_id 
_pdbx_poly_seq_scheme.entity_id 
_pdbx_poly_seq_scheme.seq_id 
_pdbx_poly_seq_scheme.mon_id 
_pdbx_poly_seq_scheme.ndb_seq_num 
_pdbx_poly_seq_scheme.pdb_seq_num 
_pdbx_poly_seq_scheme.auth_seq_num 
_pdbx_poly_seq_scheme.pdb_mon_id 
_pdbx_poly_seq_scheme.auth_mon_id 
_pdbx_poly_seq_scheme.pdb_strand_id 
_pdbx_poly_seq_scheme.pdb_ins_code 
_pdbx_poly_seq_scheme.hetero 
A 1 1   SER 1   15  15  SER SER A . n 
A 1 2   MET 2   16  16  MET MET A . n 
A 1 3   LEU 3   17  17  LEU LEU A . n 
A 1 4   ASP 4   18  18  ASP ASP A . n 
A 1 5   ASP 5   19  19  ASP ASP A . n 
A 1 6   ALA 6   20  20  ALA ALA A . n 
A 1 7   LYS 7   21  21  LYS LYS A . n 
A 1 8   ALA 8   22  22  ALA ALA A . n 
A 1 9   ARG 9   23  23  ARG ARG A . n 
A 1 10  LEU 10  24  24  LEU LEU A . n 
A 1 11  ARG 11  25  25  ARG ARG A . n 
A 1 12  LYS 12  26  26  LYS LYS A . n 
A 1 13  TYR 13  27  27  TYR TYR A . n 
A 1 14  ASP 14  28  28  ASP ASP A . n 
A 1 15  ILE 15  29  29  ILE ILE A . n 
A 1 16  GLY 16  30  30  GLY GLY A . n 
A 1 17  GLY 17  31  31  GLY GLY A . n 
A 1 18  LYS 18  32  32  LYS LYS A . n 
A 1 19  TYR 19  33  33  TYR TYR A . n 
A 1 20  SER 20  34  34  SER SER A . n 
A 1 21  HIS 21  35  35  HIS HIS A . n 
A 1 22  LEU 22  36  36  LEU LEU A . n 
A 1 23  PRO 23  37  37  PRO PRO A . n 
A 1 24  TYR 24  38  38  TYR TYR A . n 
A 1 25  ASN 25  39  39  ASN ASN A . n 
A 1 26  LYS 26  40  40  LYS LYS A . n 
A 1 27  TYR 27  41  41  TYR TYR A . n 
A 1 28  SER 28  42  42  SER SER A . n 
A 1 29  VAL 29  43  43  VAL VAL A . n 
A 1 30  LEU 30  44  44  LEU LEU A . n 
A 1 31  LEU 31  45  45  LEU LEU A . n 
A 1 32  PRO 32  46  46  PRO PRO A . n 
A 1 33  LEU 33  47  47  LEU LEU A . n 
A 1 34  VAL 34  48  48  VAL VAL A . n 
A 1 35  ALA 35  49  49  ALA ALA A . n 
A 1 36  LYS 36  50  50  LYS LYS A . n 
A 1 37  GLU 37  51  51  GLU GLU A . n 
A 1 38  GLY 38  52  52  GLY GLY A . n 
A 1 39  LYS 39  53  53  LYS LYS A . n 
A 1 40  LEU 40  54  54  LEU LEU A . n 
A 1 41  HIS 41  55  55  HIS HIS A . n 
A 1 42  LEU 42  56  56  LEU LEU A . n 
A 1 43  LEU 43  57  57  LEU LEU A . n 
A 1 44  PHE 44  58  58  PHE PHE A . n 
A 1 45  THR 45  59  59  THR THR A . n 
A 1 46  VAL 46  60  60  VAL VAL A . n 
A 1 47  ARG 47  61  61  ARG ARG A . n 
A 1 48  SER 48  62  62  SER SER A . n 
A 1 49  GLU 49  63  63  GLU GLU A . n 
A 1 50  LYS 50  64  64  LYS LYS A . n 
A 1 51  LEU 51  65  65  LEU LEU A . n 
A 1 52  ARG 52  66  66  ARG ARG A . n 
A 1 53  ARG 53  67  67  ARG ARG A . n 
A 1 54  ALA 54  68  68  ALA ALA A . n 
A 1 55  PRO 55  69  69  PRO PRO A . n 
A 1 56  GLY 56  70  70  GLY GLY A . n 
A 1 57  GLU 57  71  71  GLU GLU A . n 
A 1 58  VAL 58  72  72  VAL VAL A . n 
A 1 59  CYS 59  73  73  CYS CYS A . n 
A 1 60  PHE 60  74  74  PHE PHE A . n 
A 1 61  PRO 61  75  75  PRO PRO A . n 
A 1 62  GLY 62  76  76  GLY GLY A . n 
A 1 63  GLY 63  77  77  GLY GLY A . n 
A 1 64  LYS 64  78  78  LYS LYS A . n 
A 1 65  ARG 65  79  79  ARG ARG A . n 
A 1 66  ASP 66  80  80  ASP ASP A . n 
A 1 67  PRO 67  81  81  PRO PRO A . n 
A 1 68  THR 68  82  82  THR THR A . n 
A 1 69  ASP 69  83  83  ASP ASP A . n 
A 1 70  MET 70  84  84  MET MET A . n 
A 1 71  ASP 71  85  85  ASP ASP A . n 
A 1 72  ASP 72  86  86  ASP ASP A . n 
A 1 73  ALA 73  87  87  ALA ALA A . n 
A 1 74  ALA 74  88  88  ALA ALA A . n 
A 1 75  THR 75  89  89  THR THR A . n 
A 1 76  ALA 76  90  90  ALA ALA A . n 
A 1 77  LEU 77  91  91  LEU LEU A . n 
A 1 78  ARG 78  92  92  ARG ARG A . n 
A 1 79  GLU 79  93  93  GLU GLU A . n 
A 1 80  ALA 80  94  94  ALA ALA A . n 
A 1 81  GLN 81  95  95  GLN GLN A . n 
A 1 82  GLU 82  96  96  GLU GLU A . n 
A 1 83  GLU 83  97  97  GLU GLU A . n 
A 1 84  VAL 84  98  98  VAL VAL A . n 
A 1 85  GLY 85  99  99  GLY GLY A . n 
A 1 86  LEU 86  100 100 LEU LEU A . n 
A 1 87  ARG 87  101 101 ARG ARG A . n 
A 1 88  HYP 88  102 102 HYP HYP A . n 
A 1 89  HIS 89  103 103 HIS HIS A . n 
A 1 90  GLN 90  104 104 GLN GLN A . n 
A 1 91  VAL 91  105 105 VAL VAL A . n 
A 1 92  GLU 92  106 106 GLU GLU A . n 
A 1 93  VAL 93  107 107 VAL VAL A . n 
A 1 94  VAL 94  108 108 VAL VAL A . n 
A 1 95  CSO 95  109 109 CSO CSO A . n 
A 1 96  CYS 96  110 110 CYS CYS A . n 
A 1 97  LEU 97  111 111 LEU LEU A . n 
A 1 98  VAL 98  112 112 VAL VAL A . n 
A 1 99  PRO 99  113 113 PRO PRO A . n 
A 1 100 CYS 100 114 114 CYS CYS A . n 
A 1 101 LEU 101 115 115 LEU LEU A . n 
A 1 102 ILE 102 116 116 ILE ILE A . n 
A 1 103 ASP 103 117 117 ASP ASP A . n 
A 1 104 THR 104 118 118 THR THR A . n 
A 1 105 ASP 105 119 119 ASP ASP A . n 
A 1 106 THR 106 120 120 THR THR A . n 
A 1 107 LEU 107 121 121 LEU LEU A . n 
A 1 108 ILE 108 122 122 ILE ILE A . n 
A 1 109 THR 109 123 123 THR THR A . n 
A 1 110 PRO 110 124 124 PRO PRO A . n 
A 1 111 PHE 111 125 125 PHE PHE A . n 
A 1 112 VAL 112 126 126 VAL VAL A . n 
A 1 113 GLY 113 127 127 GLY GLY A . n 
A 1 114 LEU 114 128 128 LEU LEU A . n 
A 1 115 ILE 115 129 129 ILE ILE A . n 
A 1 116 ASP 116 130 130 ASP ASP A . n 
A 1 117 HIS 117 131 131 HIS HIS A . n 
A 1 118 ASN 118 132 132 ASN ASN A . n 
A 1 119 PHE 119 133 133 PHE PHE A . n 
A 1 120 GLN 120 134 134 GLN GLN A . n 
A 1 121 ALA 121 135 135 ALA ALA A . n 
A 1 122 GLN 122 136 136 GLN GLN A . n 
A 1 123 PRO 123 137 137 PRO PRO A . n 
A 1 124 ASN 124 138 138 ASN ASN A . n 
A 1 125 PRO 125 139 139 PRO PRO A . n 
A 1 126 ALA 126 140 140 ALA ALA A . n 
A 1 127 GLU 127 141 141 GLU GLU A . n 
A 1 128 VAL 128 142 142 VAL VAL A . n 
A 1 129 LYS 129 143 143 LYS LYS A . n 
A 1 130 ASP 130 144 144 ASP ASP A . n 
A 1 131 VAL 131 145 145 VAL VAL A . n 
A 1 132 PHE 132 146 146 PHE PHE A . n 
A 1 133 LEU 133 147 147 LEU LEU A . n 
A 1 134 VAL 134 148 148 VAL VAL A . n 
A 1 135 PRO 135 149 149 PRO PRO A . n 
A 1 136 LEU 136 150 150 LEU LEU A . n 
A 1 137 ALA 137 151 151 ALA ALA A . n 
A 1 138 TYR 138 152 152 TYR TYR A . n 
A 1 139 PHE 139 153 153 PHE PHE A . n 
A 1 140 LEU 140 154 154 LEU LEU A . n 
A 1 141 HIS 141 155 155 HIS HIS A . n 
A 1 142 PRO 142 156 156 PRO PRO A . n 
A 1 143 GLN 143 157 157 GLN GLN A . n 
A 1 144 VAL 144 158 158 VAL VAL A . n 
A 1 145 HIS 145 159 159 HIS HIS A . n 
A 1 146 ASP 146 160 160 ASP ASP A . n 
A 1 147 GLN 147 161 161 GLN GLN A . n 
A 1 148 HIS 148 162 ?   ?   ?   A . n 
A 1 149 TYR 149 163 ?   ?   ?   A . n 
A 1 150 VAL 150 164 ?   ?   ?   A . n 
A 1 151 THR 151 165 ?   ?   ?   A . n 
A 1 152 ARG 152 166 ?   ?   ?   A . n 
A 1 153 LEU 153 167 ?   ?   ?   A . n 
A 1 154 GLY 154 168 ?   ?   ?   A . n 
A 1 155 HIS 155 169 ?   ?   ?   A . n 
A 1 156 ARG 156 170 ?   ?   ?   A . n 
A 1 157 PHE 157 171 ?   ?   ?   A . n 
A 1 158 ILE 158 172 172 ILE ILE A . n 
A 1 159 ASN 159 173 173 ASN ASN A . n 
A 1 160 HIS 160 174 174 HIS HIS A . n 
A 1 161 ILE 161 175 175 ILE ILE A . n 
A 1 162 PHE 162 176 176 PHE PHE A . n 
A 1 163 GLU 163 177 177 GLU GLU A . n 
A 1 164 TYR 164 178 178 TYR TYR A . n 
A 1 165 THR 165 179 179 THR THR A . n 
A 1 166 ASN 166 180 180 ASN ASN A . n 
A 1 167 PRO 167 181 181 PRO PRO A . n 
A 1 168 GLU 168 182 182 GLU GLU A . n 
A 1 169 ASP 169 183 183 ASP ASP A . n 
A 1 170 GLY 170 184 184 GLY GLY A . n 
A 1 171 VAL 171 185 185 VAL VAL A . n 
A 1 172 THR 172 186 186 THR THR A . n 
A 1 173 TYR 173 187 187 TYR TYR A . n 
A 1 174 GLN 174 188 188 GLN GLN A . n 
A 1 175 ILE 175 189 189 ILE ILE A . n 
A 1 176 LYS 176 190 190 LYS LYS A . n 
A 1 177 GLY 177 191 191 GLY GLY A . n 
A 1 178 MET 178 192 192 MET MET A . n 
A 1 179 THR 179 193 193 THR THR A . n 
A 1 180 ALA 180 194 194 ALA ALA A . n 
A 1 181 ASN 181 195 195 ASN ASN A . n 
A 1 182 LEU 182 196 196 LEU LEU A . n 
A 1 183 ALA 183 197 197 ALA ALA A . n 
A 1 184 VAL 184 198 198 VAL VAL A . n 
A 1 185 LEU 185 199 199 LEU LEU A . n 
A 1 186 VAL 186 200 200 VAL VAL A . n 
A 1 187 ALA 187 201 201 ALA ALA A . n 
A 1 188 PHE 188 202 202 PHE PHE A . n 
A 1 189 ILE 189 203 203 ILE ILE A . n 
A 1 190 ILE 190 204 204 ILE ILE A . n 
A 1 191 LEU 191 205 205 LEU LEU A . n 
A 1 192 GLU 192 206 206 GLU GLU A . n 
A 1 193 LYS 193 207 207 LYS LYS A . n 
A 1 194 LYS 194 208 208 LYS LYS A . n 
A 1 195 PRO 195 209 209 PRO PRO A . n 
A 1 196 THR 196 210 210 THR THR A . n 
# 
loop_
_pdbx_nonpoly_scheme.asym_id 
_pdbx_nonpoly_scheme.entity_id 
_pdbx_nonpoly_scheme.mon_id 
_pdbx_nonpoly_scheme.ndb_seq_num 
_pdbx_nonpoly_scheme.pdb_seq_num 
_pdbx_nonpoly_scheme.auth_seq_num 
_pdbx_nonpoly_scheme.pdb_mon_id 
_pdbx_nonpoly_scheme.auth_mon_id 
_pdbx_nonpoly_scheme.pdb_strand_id 
_pdbx_nonpoly_scheme.pdb_ins_code 
B 2 ACT 1   301 1   ACT ACT A . 
C 2 ACT 1   302 2   ACT ACT A . 
D 3 DMS 1   303 1   DMS DMS A . 
E 3 DMS 1   304 2   DMS DMS A . 
F 4 H0G 1   305 1   H0G LIG A . 
G 5 HOH 1   401 9   HOH HOH A . 
G 5 HOH 2   402 166 HOH HOH A . 
G 5 HOH 3   403 69  HOH HOH A . 
G 5 HOH 4   404 143 HOH HOH A . 
G 5 HOH 5   405 162 HOH HOH A . 
G 5 HOH 6   406 64  HOH HOH A . 
G 5 HOH 7   407 79  HOH HOH A . 
G 5 HOH 8   408 124 HOH HOH A . 
G 5 HOH 9   409 94  HOH HOH A . 
G 5 HOH 10  410 13  HOH HOH A . 
G 5 HOH 11  411 202 HOH HOH A . 
G 5 HOH 12  412 197 HOH HOH A . 
G 5 HOH 13  413 134 HOH HOH A . 
G 5 HOH 14  414 199 HOH HOH A . 
G 5 HOH 15  415 113 HOH HOH A . 
G 5 HOH 16  416 26  HOH HOH A . 
G 5 HOH 17  417 105 HOH HOH A . 
G 5 HOH 18  418 117 HOH HOH A . 
G 5 HOH 19  419 53  HOH HOH A . 
G 5 HOH 20  420 140 HOH HOH A . 
G 5 HOH 21  421 118 HOH HOH A . 
G 5 HOH 22  422 109 HOH HOH A . 
G 5 HOH 23  423 48  HOH HOH A . 
G 5 HOH 24  424 101 HOH HOH A . 
G 5 HOH 25  425 157 HOH HOH A . 
G 5 HOH 26  426 203 HOH HOH A . 
G 5 HOH 27  427 167 HOH HOH A . 
G 5 HOH 28  428 6   HOH HOH A . 
G 5 HOH 29  429 51  HOH HOH A . 
G 5 HOH 30  430 15  HOH HOH A . 
G 5 HOH 31  431 35  HOH HOH A . 
G 5 HOH 32  432 20  HOH HOH A . 
G 5 HOH 33  433 137 HOH HOH A . 
G 5 HOH 34  434 39  HOH HOH A . 
G 5 HOH 35  435 61  HOH HOH A . 
G 5 HOH 36  436 12  HOH HOH A . 
G 5 HOH 37  437 19  HOH HOH A . 
G 5 HOH 38  438 36  HOH HOH A . 
G 5 HOH 39  439 14  HOH HOH A . 
G 5 HOH 40  440 125 HOH HOH A . 
G 5 HOH 41  441 116 HOH HOH A . 
G 5 HOH 42  442 25  HOH HOH A . 
G 5 HOH 43  443 110 HOH HOH A . 
G 5 HOH 44  444 108 HOH HOH A . 
G 5 HOH 45  445 102 HOH HOH A . 
G 5 HOH 46  446 10  HOH HOH A . 
G 5 HOH 47  447 85  HOH HOH A . 
G 5 HOH 48  448 158 HOH HOH A . 
G 5 HOH 49  449 103 HOH HOH A . 
G 5 HOH 50  450 139 HOH HOH A . 
G 5 HOH 51  451 38  HOH HOH A . 
G 5 HOH 52  452 201 HOH HOH A . 
G 5 HOH 53  453 80  HOH HOH A . 
G 5 HOH 54  454 186 HOH HOH A . 
G 5 HOH 55  455 104 HOH HOH A . 
G 5 HOH 56  456 49  HOH HOH A . 
G 5 HOH 57  457 22  HOH HOH A . 
G 5 HOH 58  458 78  HOH HOH A . 
G 5 HOH 59  459 146 HOH HOH A . 
G 5 HOH 60  460 99  HOH HOH A . 
G 5 HOH 61  461 179 HOH HOH A . 
G 5 HOH 62  462 7   HOH HOH A . 
G 5 HOH 63  463 159 HOH HOH A . 
G 5 HOH 64  464 1   HOH HOH A . 
G 5 HOH 65  465 8   HOH HOH A . 
G 5 HOH 66  466 62  HOH HOH A . 
G 5 HOH 67  467 34  HOH HOH A . 
G 5 HOH 68  468 193 HOH HOH A . 
G 5 HOH 69  469 42  HOH HOH A . 
G 5 HOH 70  470 56  HOH HOH A . 
G 5 HOH 71  471 2   HOH HOH A . 
G 5 HOH 72  472 152 HOH HOH A . 
G 5 HOH 73  473 59  HOH HOH A . 
G 5 HOH 74  474 58  HOH HOH A . 
G 5 HOH 75  475 37  HOH HOH A . 
G 5 HOH 76  476 28  HOH HOH A . 
G 5 HOH 77  477 46  HOH HOH A . 
G 5 HOH 78  478 176 HOH HOH A . 
G 5 HOH 79  479 153 HOH HOH A . 
G 5 HOH 80  480 106 HOH HOH A . 
G 5 HOH 81  481 27  HOH HOH A . 
G 5 HOH 82  482 170 HOH HOH A . 
G 5 HOH 83  483 71  HOH HOH A . 
G 5 HOH 84  484 72  HOH HOH A . 
G 5 HOH 85  485 96  HOH HOH A . 
G 5 HOH 86  486 55  HOH HOH A . 
G 5 HOH 87  487 182 HOH HOH A . 
G 5 HOH 88  488 98  HOH HOH A . 
G 5 HOH 89  489 31  HOH HOH A . 
G 5 HOH 90  490 88  HOH HOH A . 
G 5 HOH 91  491 75  HOH HOH A . 
G 5 HOH 92  492 45  HOH HOH A . 
G 5 HOH 93  493 208 HOH HOH A . 
G 5 HOH 94  494 191 HOH HOH A . 
G 5 HOH 95  495 154 HOH HOH A . 
G 5 HOH 96  496 17  HOH HOH A . 
G 5 HOH 97  497 178 HOH HOH A . 
G 5 HOH 98  498 5   HOH HOH A . 
G 5 HOH 99  499 200 HOH HOH A . 
G 5 HOH 100 500 121 HOH HOH A . 
G 5 HOH 101 501 66  HOH HOH A . 
G 5 HOH 102 502 141 HOH HOH A . 
G 5 HOH 103 503 21  HOH HOH A . 
G 5 HOH 104 504 145 HOH HOH A . 
G 5 HOH 105 505 149 HOH HOH A . 
G 5 HOH 106 506 206 HOH HOH A . 
G 5 HOH 107 507 23  HOH HOH A . 
G 5 HOH 108 508 207 HOH HOH A . 
G 5 HOH 109 509 138 HOH HOH A . 
G 5 HOH 110 510 24  HOH HOH A . 
G 5 HOH 111 511 155 HOH HOH A . 
G 5 HOH 112 512 43  HOH HOH A . 
G 5 HOH 113 513 50  HOH HOH A . 
G 5 HOH 114 514 63  HOH HOH A . 
G 5 HOH 115 515 111 HOH HOH A . 
G 5 HOH 116 516 194 HOH HOH A . 
G 5 HOH 117 517 122 HOH HOH A . 
G 5 HOH 118 518 119 HOH HOH A . 
G 5 HOH 119 519 196 HOH HOH A . 
G 5 HOH 120 520 147 HOH HOH A . 
G 5 HOH 121 521 126 HOH HOH A . 
G 5 HOH 122 522 161 HOH HOH A . 
G 5 HOH 123 523 57  HOH HOH A . 
G 5 HOH 124 524 150 HOH HOH A . 
G 5 HOH 125 525 169 HOH HOH A . 
G 5 HOH 126 526 184 HOH HOH A . 
G 5 HOH 127 527 44  HOH HOH A . 
G 5 HOH 128 528 174 HOH HOH A . 
G 5 HOH 129 529 129 HOH HOH A . 
G 5 HOH 130 530 16  HOH HOH A . 
G 5 HOH 131 531 205 HOH HOH A . 
G 5 HOH 132 532 172 HOH HOH A . 
G 5 HOH 133 533 177 HOH HOH A . 
G 5 HOH 134 534 173 HOH HOH A . 
G 5 HOH 135 535 144 HOH HOH A . 
G 5 HOH 136 536 204 HOH HOH A . 
G 5 HOH 137 537 123 HOH HOH A . 
G 5 HOH 138 538 29  HOH HOH A . 
G 5 HOH 139 539 131 HOH HOH A . 
G 5 HOH 140 540 127 HOH HOH A . 
G 5 HOH 141 541 168 HOH HOH A . 
G 5 HOH 142 542 192 HOH HOH A . 
G 5 HOH 143 543 190 HOH HOH A . 
G 5 HOH 144 544 188 HOH HOH A . 
G 5 HOH 145 545 171 HOH HOH A . 
G 5 HOH 146 546 148 HOH HOH A . 
G 5 HOH 147 547 132 HOH HOH A . 
G 5 HOH 148 548 195 HOH HOH A . 
G 5 HOH 149 549 165 HOH HOH A . 
G 5 HOH 150 550 185 HOH HOH A . 
G 5 HOH 151 551 130 HOH HOH A . 
G 5 HOH 152 552 68  HOH HOH A . 
G 5 HOH 153 553 164 HOH HOH A . 
G 5 HOH 154 554 115 HOH HOH A . 
# 
loop_
_pdbx_struct_mod_residue.id 
_pdbx_struct_mod_residue.label_asym_id 
_pdbx_struct_mod_residue.label_comp_id 
_pdbx_struct_mod_residue.label_seq_id 
_pdbx_struct_mod_residue.auth_asym_id 
_pdbx_struct_mod_residue.auth_comp_id 
_pdbx_struct_mod_residue.auth_seq_id 
_pdbx_struct_mod_residue.PDB_ins_code 
_pdbx_struct_mod_residue.parent_comp_id 
_pdbx_struct_mod_residue.details 
1 A HYP 88 A HYP 102 ? PRO 'modified residue' 
2 A CSO 95 A CSO 109 ? CYS 'modified residue' 
# 
_pdbx_struct_assembly.id                   1 
_pdbx_struct_assembly.details              author_and_software_defined_assembly 
_pdbx_struct_assembly.method_details       PISA 
_pdbx_struct_assembly.oligomeric_details   monomeric 
_pdbx_struct_assembly.oligomeric_count     1 
# 
_pdbx_struct_assembly_gen.assembly_id       1 
_pdbx_struct_assembly_gen.oper_expression   1 
_pdbx_struct_assembly_gen.asym_id_list      A,B,C,D,E,F,G 
# 
loop_
_pdbx_struct_assembly_prop.biol_id 
_pdbx_struct_assembly_prop.type 
_pdbx_struct_assembly_prop.value 
_pdbx_struct_assembly_prop.details 
1 'ABSA (A^2)' 760   ? 
1 MORE         4     ? 
1 'SSA (A^2)'  10280 ? 
# 
_pdbx_struct_oper_list.id                   1 
_pdbx_struct_oper_list.type                 'identity operation' 
_pdbx_struct_oper_list.name                 1_555 
_pdbx_struct_oper_list.symmetry_operation   x,y,z 
_pdbx_struct_oper_list.matrix[1][1]         1.0000000000 
_pdbx_struct_oper_list.matrix[1][2]         0.0000000000 
_pdbx_struct_oper_list.matrix[1][3]         0.0000000000 
_pdbx_struct_oper_list.vector[1]            0.0000000000 
_pdbx_struct_oper_list.matrix[2][1]         0.0000000000 
_pdbx_struct_oper_list.matrix[2][2]         1.0000000000 
_pdbx_struct_oper_list.matrix[2][3]         0.0000000000 
_pdbx_struct_oper_list.vector[2]            0.0000000000 
_pdbx_struct_oper_list.matrix[3][1]         0.0000000000 
_pdbx_struct_oper_list.matrix[3][2]         0.0000000000 
_pdbx_struct_oper_list.matrix[3][3]         1.0000000000 
_pdbx_struct_oper_list.vector[3]            0.0000000000 
# 
loop_
_pdbx_audit_revision_history.ordinal 
_pdbx_audit_revision_history.data_content_type 
_pdbx_audit_revision_history.major_revision 
_pdbx_audit_revision_history.minor_revision 
_pdbx_audit_revision_history.revision_date 
1 'Structure model' 1 0 2019-03-27 
2 'Structure model' 1 1 2023-11-15 
# 
_pdbx_audit_revision_details.ordinal             1 
_pdbx_audit_revision_details.revision_ordinal    1 
_pdbx_audit_revision_details.data_content_type   'Structure model' 
_pdbx_audit_revision_details.provider            repository 
_pdbx_audit_revision_details.type                'Initial release' 
_pdbx_audit_revision_details.description         ? 
_pdbx_audit_revision_details.details             ? 
# 
loop_
_pdbx_audit_revision_group.ordinal 
_pdbx_audit_revision_group.revision_ordinal 
_pdbx_audit_revision_group.data_content_type 
_pdbx_audit_revision_group.group 
1 2 'Structure model' 'Data collection'     
2 2 'Structure model' 'Database references' 
# 
loop_
_pdbx_audit_revision_category.ordinal 
_pdbx_audit_revision_category.revision_ordinal 
_pdbx_audit_revision_category.data_content_type 
_pdbx_audit_revision_category.category 
1 2 'Structure model' chem_comp_atom 
2 2 'Structure model' chem_comp_bond 
3 2 'Structure model' database_2     
# 
loop_
_pdbx_audit_revision_item.ordinal 
_pdbx_audit_revision_item.revision_ordinal 
_pdbx_audit_revision_item.data_content_type 
_pdbx_audit_revision_item.item 
1 2 'Structure model' '_database_2.pdbx_DOI'                
2 2 'Structure model' '_database_2.pdbx_database_accession' 
# 
_phasing.method   MR 
# 
loop_
_software.pdbx_ordinal 
_software.name 
_software.version 
_software.date 
_software.type 
_software.contact_author 
_software.contact_author_email 
_software.classification 
_software.location 
_software.language 
_software.citation_id 
1 REFMAC      5.8.0189 ?               program 'Garib N. Murshudov' garib@ysbl.york.ac.uk    refinement        
http://www.ccp4.ac.uk/dist/html/refmac5.html        Fortran_77 ? 
2 Aimless     0.5.32   29/03/17        program 'Phil Evans'         ?                        'data scaling'    
http://www.mrc-lmb.cam.ac.uk/harry/pre/aimless.html ?          ? 
3 PDB_EXTRACT 3.23     'SEP. 23, 2016' package PDB                  deposit@deposit.rcsb.org 'data extraction' 
http://sw-tools.pdb.org/apps/PDB_EXTRACT/           C++        ? 
4 XDS         .        ?               program ?                    ?                        'data reduction'  ? ?          ? 
5 REFMAC      .        ?               program ?                    ?                        phasing           ? ?          ? 
# 
_pdbx_validate_torsion.id              1 
_pdbx_validate_torsion.PDB_model_num   1 
_pdbx_validate_torsion.auth_comp_id    THR 
_pdbx_validate_torsion.auth_asym_id    A 
_pdbx_validate_torsion.auth_seq_id     118 
_pdbx_validate_torsion.PDB_ins_code    ? 
_pdbx_validate_torsion.label_alt_id    ? 
_pdbx_validate_torsion.phi             72.70 
_pdbx_validate_torsion.psi             -20.46 
# 
loop_
_pdbx_unobs_or_zero_occ_atoms.id 
_pdbx_unobs_or_zero_occ_atoms.PDB_model_num 
_pdbx_unobs_or_zero_occ_atoms.polymer_flag 
_pdbx_unobs_or_zero_occ_atoms.occupancy_flag 
_pdbx_unobs_or_zero_occ_atoms.auth_asym_id 
_pdbx_unobs_or_zero_occ_atoms.auth_comp_id 
_pdbx_unobs_or_zero_occ_atoms.auth_seq_id 
_pdbx_unobs_or_zero_occ_atoms.PDB_ins_code 
_pdbx_unobs_or_zero_occ_atoms.auth_atom_id 
_pdbx_unobs_or_zero_occ_atoms.label_alt_id 
_pdbx_unobs_or_zero_occ_atoms.label_asym_id 
_pdbx_unobs_or_zero_occ_atoms.label_comp_id 
_pdbx_unobs_or_zero_occ_atoms.label_seq_id 
_pdbx_unobs_or_zero_occ_atoms.label_atom_id 
1 1 Y 1 A GLN 161 ? CG  ? A GLN 147 CG  
2 1 Y 1 A GLN 161 ? CD  ? A GLN 147 CD  
3 1 Y 1 A GLN 161 ? OE1 ? A GLN 147 OE1 
4 1 Y 1 A GLN 161 ? NE2 ? A GLN 147 NE2 
# 
loop_
_pdbx_unobs_or_zero_occ_residues.id 
_pdbx_unobs_or_zero_occ_residues.PDB_model_num 
_pdbx_unobs_or_zero_occ_residues.polymer_flag 
_pdbx_unobs_or_zero_occ_residues.occupancy_flag 
_pdbx_unobs_or_zero_occ_residues.auth_asym_id 
_pdbx_unobs_or_zero_occ_residues.auth_comp_id 
_pdbx_unobs_or_zero_occ_residues.auth_seq_id 
_pdbx_unobs_or_zero_occ_residues.PDB_ins_code 
_pdbx_unobs_or_zero_occ_residues.label_asym_id 
_pdbx_unobs_or_zero_occ_residues.label_comp_id 
_pdbx_unobs_or_zero_occ_residues.label_seq_id 
1  1 Y 1 A HIS 162 ? A HIS 148 
2  1 Y 1 A TYR 163 ? A TYR 149 
3  1 Y 1 A VAL 164 ? A VAL 150 
4  1 Y 1 A THR 165 ? A THR 151 
5  1 Y 1 A ARG 166 ? A ARG 152 
6  1 Y 1 A LEU 167 ? A LEU 153 
7  1 Y 1 A GLY 168 ? A GLY 154 
8  1 Y 1 A HIS 169 ? A HIS 155 
9  1 Y 1 A ARG 170 ? A ARG 156 
10 1 Y 1 A PHE 171 ? A PHE 157 
# 
loop_
_chem_comp_atom.comp_id 
_chem_comp_atom.atom_id 
_chem_comp_atom.type_symbol 
_chem_comp_atom.pdbx_aromatic_flag 
_chem_comp_atom.pdbx_stereo_config 
_chem_comp_atom.pdbx_ordinal 
ACT C    C N N 1   
ACT O    O N N 2   
ACT OXT  O N N 3   
ACT CH3  C N N 4   
ACT H1   H N N 5   
ACT H2   H N N 6   
ACT H3   H N N 7   
ALA N    N N N 8   
ALA CA   C N S 9   
ALA C    C N N 10  
ALA O    O N N 11  
ALA CB   C N N 12  
ALA OXT  O N N 13  
ALA H    H N N 14  
ALA H2   H N N 15  
ALA HA   H N N 16  
ALA HB1  H N N 17  
ALA HB2  H N N 18  
ALA HB3  H N N 19  
ALA HXT  H N N 20  
ARG N    N N N 21  
ARG CA   C N S 22  
ARG C    C N N 23  
ARG O    O N N 24  
ARG CB   C N N 25  
ARG CG   C N N 26  
ARG CD   C N N 27  
ARG NE   N N N 28  
ARG CZ   C N N 29  
ARG NH1  N N N 30  
ARG NH2  N N N 31  
ARG OXT  O N N 32  
ARG H    H N N 33  
ARG H2   H N N 34  
ARG HA   H N N 35  
ARG HB2  H N N 36  
ARG HB3  H N N 37  
ARG HG2  H N N 38  
ARG HG3  H N N 39  
ARG HD2  H N N 40  
ARG HD3  H N N 41  
ARG HE   H N N 42  
ARG HH11 H N N 43  
ARG HH12 H N N 44  
ARG HH21 H N N 45  
ARG HH22 H N N 46  
ARG HXT  H N N 47  
ASN N    N N N 48  
ASN CA   C N S 49  
ASN C    C N N 50  
ASN O    O N N 51  
ASN CB   C N N 52  
ASN CG   C N N 53  
ASN OD1  O N N 54  
ASN ND2  N N N 55  
ASN OXT  O N N 56  
ASN H    H N N 57  
ASN H2   H N N 58  
ASN HA   H N N 59  
ASN HB2  H N N 60  
ASN HB3  H N N 61  
ASN HD21 H N N 62  
ASN HD22 H N N 63  
ASN HXT  H N N 64  
ASP N    N N N 65  
ASP CA   C N S 66  
ASP C    C N N 67  
ASP O    O N N 68  
ASP CB   C N N 69  
ASP CG   C N N 70  
ASP OD1  O N N 71  
ASP OD2  O N N 72  
ASP OXT  O N N 73  
ASP H    H N N 74  
ASP H2   H N N 75  
ASP HA   H N N 76  
ASP HB2  H N N 77  
ASP HB3  H N N 78  
ASP HD2  H N N 79  
ASP HXT  H N N 80  
CSO N    N N N 81  
CSO CA   C N R 82  
CSO CB   C N N 83  
CSO SG   S N N 84  
CSO C    C N N 85  
CSO O    O N N 86  
CSO OXT  O N N 87  
CSO OD   O N N 88  
CSO H    H N N 89  
CSO H2   H N N 90  
CSO HA   H N N 91  
CSO HB2  H N N 92  
CSO HB3  H N N 93  
CSO HXT  H N N 94  
CSO HD   H N N 95  
CYS N    N N N 96  
CYS CA   C N R 97  
CYS C    C N N 98  
CYS O    O N N 99  
CYS CB   C N N 100 
CYS SG   S N N 101 
CYS OXT  O N N 102 
CYS H    H N N 103 
CYS H2   H N N 104 
CYS HA   H N N 105 
CYS HB2  H N N 106 
CYS HB3  H N N 107 
CYS HG   H N N 108 
CYS HXT  H N N 109 
DMS S    S N N 110 
DMS O    O N N 111 
DMS C1   C N N 112 
DMS C2   C N N 113 
DMS H11  H N N 114 
DMS H12  H N N 115 
DMS H13  H N N 116 
DMS H21  H N N 117 
DMS H22  H N N 118 
DMS H23  H N N 119 
GLN N    N N N 120 
GLN CA   C N S 121 
GLN C    C N N 122 
GLN O    O N N 123 
GLN CB   C N N 124 
GLN CG   C N N 125 
GLN CD   C N N 126 
GLN OE1  O N N 127 
GLN NE2  N N N 128 
GLN OXT  O N N 129 
GLN H    H N N 130 
GLN H2   H N N 131 
GLN HA   H N N 132 
GLN HB2  H N N 133 
GLN HB3  H N N 134 
GLN HG2  H N N 135 
GLN HG3  H N N 136 
GLN HE21 H N N 137 
GLN HE22 H N N 138 
GLN HXT  H N N 139 
GLU N    N N N 140 
GLU CA   C N S 141 
GLU C    C N N 142 
GLU O    O N N 143 
GLU CB   C N N 144 
GLU CG   C N N 145 
GLU CD   C N N 146 
GLU OE1  O N N 147 
GLU OE2  O N N 148 
GLU OXT  O N N 149 
GLU H    H N N 150 
GLU H2   H N N 151 
GLU HA   H N N 152 
GLU HB2  H N N 153 
GLU HB3  H N N 154 
GLU HG2  H N N 155 
GLU HG3  H N N 156 
GLU HE2  H N N 157 
GLU HXT  H N N 158 
GLY N    N N N 159 
GLY CA   C N N 160 
GLY C    C N N 161 
GLY O    O N N 162 
GLY OXT  O N N 163 
GLY H    H N N 164 
GLY H2   H N N 165 
GLY HA2  H N N 166 
GLY HA3  H N N 167 
GLY HXT  H N N 168 
H0G N1   N N N 169 
H0G C4   C Y N 170 
H0G C5   C Y N 171 
H0G C6   C Y N 172 
H0G C7   C N N 173 
H0G C8   C N N 174 
H0G C10  C Y N 175 
H0G C1   C N N 176 
H0G C2   C Y N 177 
H0G C3   C Y N 178 
H0G C9   C Y N 179 
H0G C11  C Y N 180 
H0G O1   O Y N 181 
H0G N2   N Y N 182 
H0G O2   O N N 183 
H0G C12  C Y N 184 
H0G H1   H N N 185 
H0G H2   H N N 186 
H0G H3   H N N 187 
H0G H4   H N N 188 
H0G H5   H N N 189 
H0G H6   H N N 190 
H0G H7   H N N 191 
H0G H8   H N N 192 
H0G H9   H N N 193 
H0G H10  H N N 194 
H0G H11  H N N 195 
H0G H12  H N N 196 
HIS N    N N N 197 
HIS CA   C N S 198 
HIS C    C N N 199 
HIS O    O N N 200 
HIS CB   C N N 201 
HIS CG   C Y N 202 
HIS ND1  N Y N 203 
HIS CD2  C Y N 204 
HIS CE1  C Y N 205 
HIS NE2  N Y N 206 
HIS OXT  O N N 207 
HIS H    H N N 208 
HIS H2   H N N 209 
HIS HA   H N N 210 
HIS HB2  H N N 211 
HIS HB3  H N N 212 
HIS HD1  H N N 213 
HIS HD2  H N N 214 
HIS HE1  H N N 215 
HIS HE2  H N N 216 
HIS HXT  H N N 217 
HOH O    O N N 218 
HOH H1   H N N 219 
HOH H2   H N N 220 
HYP N    N N N 221 
HYP CA   C N S 222 
HYP C    C N N 223 
HYP O    O N N 224 
HYP CB   C N N 225 
HYP CG   C N R 226 
HYP CD   C N N 227 
HYP OD1  O N N 228 
HYP OXT  O N N 229 
HYP H    H N N 230 
HYP HA   H N N 231 
HYP HB2  H N N 232 
HYP HB3  H N N 233 
HYP HG   H N N 234 
HYP HD22 H N N 235 
HYP HD23 H N N 236 
HYP HD1  H N N 237 
HYP HXT  H N N 238 
ILE N    N N N 239 
ILE CA   C N S 240 
ILE C    C N N 241 
ILE O    O N N 242 
ILE CB   C N S 243 
ILE CG1  C N N 244 
ILE CG2  C N N 245 
ILE CD1  C N N 246 
ILE OXT  O N N 247 
ILE H    H N N 248 
ILE H2   H N N 249 
ILE HA   H N N 250 
ILE HB   H N N 251 
ILE HG12 H N N 252 
ILE HG13 H N N 253 
ILE HG21 H N N 254 
ILE HG22 H N N 255 
ILE HG23 H N N 256 
ILE HD11 H N N 257 
ILE HD12 H N N 258 
ILE HD13 H N N 259 
ILE HXT  H N N 260 
LEU N    N N N 261 
LEU CA   C N S 262 
LEU C    C N N 263 
LEU O    O N N 264 
LEU CB   C N N 265 
LEU CG   C N N 266 
LEU CD1  C N N 267 
LEU CD2  C N N 268 
LEU OXT  O N N 269 
LEU H    H N N 270 
LEU H2   H N N 271 
LEU HA   H N N 272 
LEU HB2  H N N 273 
LEU HB3  H N N 274 
LEU HG   H N N 275 
LEU HD11 H N N 276 
LEU HD12 H N N 277 
LEU HD13 H N N 278 
LEU HD21 H N N 279 
LEU HD22 H N N 280 
LEU HD23 H N N 281 
LEU HXT  H N N 282 
LYS N    N N N 283 
LYS CA   C N S 284 
LYS C    C N N 285 
LYS O    O N N 286 
LYS CB   C N N 287 
LYS CG   C N N 288 
LYS CD   C N N 289 
LYS CE   C N N 290 
LYS NZ   N N N 291 
LYS OXT  O N N 292 
LYS H    H N N 293 
LYS H2   H N N 294 
LYS HA   H N N 295 
LYS HB2  H N N 296 
LYS HB3  H N N 297 
LYS HG2  H N N 298 
LYS HG3  H N N 299 
LYS HD2  H N N 300 
LYS HD3  H N N 301 
LYS HE2  H N N 302 
LYS HE3  H N N 303 
LYS HZ1  H N N 304 
LYS HZ2  H N N 305 
LYS HZ3  H N N 306 
LYS HXT  H N N 307 
MET N    N N N 308 
MET CA   C N S 309 
MET C    C N N 310 
MET O    O N N 311 
MET CB   C N N 312 
MET CG   C N N 313 
MET SD   S N N 314 
MET CE   C N N 315 
MET OXT  O N N 316 
MET H    H N N 317 
MET H2   H N N 318 
MET HA   H N N 319 
MET HB2  H N N 320 
MET HB3  H N N 321 
MET HG2  H N N 322 
MET HG3  H N N 323 
MET HE1  H N N 324 
MET HE2  H N N 325 
MET HE3  H N N 326 
MET HXT  H N N 327 
PHE N    N N N 328 
PHE CA   C N S 329 
PHE C    C N N 330 
PHE O    O N N 331 
PHE CB   C N N 332 
PHE CG   C Y N 333 
PHE CD1  C Y N 334 
PHE CD2  C Y N 335 
PHE CE1  C Y N 336 
PHE CE2  C Y N 337 
PHE CZ   C Y N 338 
PHE OXT  O N N 339 
PHE H    H N N 340 
PHE H2   H N N 341 
PHE HA   H N N 342 
PHE HB2  H N N 343 
PHE HB3  H N N 344 
PHE HD1  H N N 345 
PHE HD2  H N N 346 
PHE HE1  H N N 347 
PHE HE2  H N N 348 
PHE HZ   H N N 349 
PHE HXT  H N N 350 
PRO N    N N N 351 
PRO CA   C N S 352 
PRO C    C N N 353 
PRO O    O N N 354 
PRO CB   C N N 355 
PRO CG   C N N 356 
PRO CD   C N N 357 
PRO OXT  O N N 358 
PRO H    H N N 359 
PRO HA   H N N 360 
PRO HB2  H N N 361 
PRO HB3  H N N 362 
PRO HG2  H N N 363 
PRO HG3  H N N 364 
PRO HD2  H N N 365 
PRO HD3  H N N 366 
PRO HXT  H N N 367 
SER N    N N N 368 
SER CA   C N S 369 
SER C    C N N 370 
SER O    O N N 371 
SER CB   C N N 372 
SER OG   O N N 373 
SER OXT  O N N 374 
SER H    H N N 375 
SER H2   H N N 376 
SER HA   H N N 377 
SER HB2  H N N 378 
SER HB3  H N N 379 
SER HG   H N N 380 
SER HXT  H N N 381 
THR N    N N N 382 
THR CA   C N S 383 
THR C    C N N 384 
THR O    O N N 385 
THR CB   C N R 386 
THR OG1  O N N 387 
THR CG2  C N N 388 
THR OXT  O N N 389 
THR H    H N N 390 
THR H2   H N N 391 
THR HA   H N N 392 
THR HB   H N N 393 
THR HG1  H N N 394 
THR HG21 H N N 395 
THR HG22 H N N 396 
THR HG23 H N N 397 
THR HXT  H N N 398 
TYR N    N N N 399 
TYR CA   C N S 400 
TYR C    C N N 401 
TYR O    O N N 402 
TYR CB   C N N 403 
TYR CG   C Y N 404 
TYR CD1  C Y N 405 
TYR CD2  C Y N 406 
TYR CE1  C Y N 407 
TYR CE2  C Y N 408 
TYR CZ   C Y N 409 
TYR OH   O N N 410 
TYR OXT  O N N 411 
TYR H    H N N 412 
TYR H2   H N N 413 
TYR HA   H N N 414 
TYR HB2  H N N 415 
TYR HB3  H N N 416 
TYR HD1  H N N 417 
TYR HD2  H N N 418 
TYR HE1  H N N 419 
TYR HE2  H N N 420 
TYR HH   H N N 421 
TYR HXT  H N N 422 
VAL N    N N N 423 
VAL CA   C N S 424 
VAL C    C N N 425 
VAL O    O N N 426 
VAL CB   C N N 427 
VAL CG1  C N N 428 
VAL CG2  C N N 429 
VAL OXT  O N N 430 
VAL H    H N N 431 
VAL H2   H N N 432 
VAL HA   H N N 433 
VAL HB   H N N 434 
VAL HG11 H N N 435 
VAL HG12 H N N 436 
VAL HG13 H N N 437 
VAL HG21 H N N 438 
VAL HG22 H N N 439 
VAL HG23 H N N 440 
VAL HXT  H N N 441 
# 
loop_
_chem_comp_bond.comp_id 
_chem_comp_bond.atom_id_1 
_chem_comp_bond.atom_id_2 
_chem_comp_bond.value_order 
_chem_comp_bond.pdbx_aromatic_flag 
_chem_comp_bond.pdbx_stereo_config 
_chem_comp_bond.pdbx_ordinal 
ACT C   O    doub N N 1   
ACT C   OXT  sing N N 2   
ACT C   CH3  sing N N 3   
ACT CH3 H1   sing N N 4   
ACT CH3 H2   sing N N 5   
ACT CH3 H3   sing N N 6   
ALA N   CA   sing N N 7   
ALA N   H    sing N N 8   
ALA N   H2   sing N N 9   
ALA CA  C    sing N N 10  
ALA CA  CB   sing N N 11  
ALA CA  HA   sing N N 12  
ALA C   O    doub N N 13  
ALA C   OXT  sing N N 14  
ALA CB  HB1  sing N N 15  
ALA CB  HB2  sing N N 16  
ALA CB  HB3  sing N N 17  
ALA OXT HXT  sing N N 18  
ARG N   CA   sing N N 19  
ARG N   H    sing N N 20  
ARG N   H2   sing N N 21  
ARG CA  C    sing N N 22  
ARG CA  CB   sing N N 23  
ARG CA  HA   sing N N 24  
ARG C   O    doub N N 25  
ARG C   OXT  sing N N 26  
ARG CB  CG   sing N N 27  
ARG CB  HB2  sing N N 28  
ARG CB  HB3  sing N N 29  
ARG CG  CD   sing N N 30  
ARG CG  HG2  sing N N 31  
ARG CG  HG3  sing N N 32  
ARG CD  NE   sing N N 33  
ARG CD  HD2  sing N N 34  
ARG CD  HD3  sing N N 35  
ARG NE  CZ   sing N N 36  
ARG NE  HE   sing N N 37  
ARG CZ  NH1  sing N N 38  
ARG CZ  NH2  doub N N 39  
ARG NH1 HH11 sing N N 40  
ARG NH1 HH12 sing N N 41  
ARG NH2 HH21 sing N N 42  
ARG NH2 HH22 sing N N 43  
ARG OXT HXT  sing N N 44  
ASN N   CA   sing N N 45  
ASN N   H    sing N N 46  
ASN N   H2   sing N N 47  
ASN CA  C    sing N N 48  
ASN CA  CB   sing N N 49  
ASN CA  HA   sing N N 50  
ASN C   O    doub N N 51  
ASN C   OXT  sing N N 52  
ASN CB  CG   sing N N 53  
ASN CB  HB2  sing N N 54  
ASN CB  HB3  sing N N 55  
ASN CG  OD1  doub N N 56  
ASN CG  ND2  sing N N 57  
ASN ND2 HD21 sing N N 58  
ASN ND2 HD22 sing N N 59  
ASN OXT HXT  sing N N 60  
ASP N   CA   sing N N 61  
ASP N   H    sing N N 62  
ASP N   H2   sing N N 63  
ASP CA  C    sing N N 64  
ASP CA  CB   sing N N 65  
ASP CA  HA   sing N N 66  
ASP C   O    doub N N 67  
ASP C   OXT  sing N N 68  
ASP CB  CG   sing N N 69  
ASP CB  HB2  sing N N 70  
ASP CB  HB3  sing N N 71  
ASP CG  OD1  doub N N 72  
ASP CG  OD2  sing N N 73  
ASP OD2 HD2  sing N N 74  
ASP OXT HXT  sing N N 75  
CSO N   CA   sing N N 76  
CSO N   H    sing N N 77  
CSO N   H2   sing N N 78  
CSO CA  CB   sing N N 79  
CSO CA  C    sing N N 80  
CSO CA  HA   sing N N 81  
CSO CB  SG   sing N N 82  
CSO CB  HB2  sing N N 83  
CSO CB  HB3  sing N N 84  
CSO SG  OD   sing N N 85  
CSO C   O    doub N N 86  
CSO C   OXT  sing N N 87  
CSO OXT HXT  sing N N 88  
CSO OD  HD   sing N N 89  
CYS N   CA   sing N N 90  
CYS N   H    sing N N 91  
CYS N   H2   sing N N 92  
CYS CA  C    sing N N 93  
CYS CA  CB   sing N N 94  
CYS CA  HA   sing N N 95  
CYS C   O    doub N N 96  
CYS C   OXT  sing N N 97  
CYS CB  SG   sing N N 98  
CYS CB  HB2  sing N N 99  
CYS CB  HB3  sing N N 100 
CYS SG  HG   sing N N 101 
CYS OXT HXT  sing N N 102 
DMS S   O    doub N N 103 
DMS S   C1   sing N N 104 
DMS S   C2   sing N N 105 
DMS C1  H11  sing N N 106 
DMS C1  H12  sing N N 107 
DMS C1  H13  sing N N 108 
DMS C2  H21  sing N N 109 
DMS C2  H22  sing N N 110 
DMS C2  H23  sing N N 111 
GLN N   CA   sing N N 112 
GLN N   H    sing N N 113 
GLN N   H2   sing N N 114 
GLN CA  C    sing N N 115 
GLN CA  CB   sing N N 116 
GLN CA  HA   sing N N 117 
GLN C   O    doub N N 118 
GLN C   OXT  sing N N 119 
GLN CB  CG   sing N N 120 
GLN CB  HB2  sing N N 121 
GLN CB  HB3  sing N N 122 
GLN CG  CD   sing N N 123 
GLN CG  HG2  sing N N 124 
GLN CG  HG3  sing N N 125 
GLN CD  OE1  doub N N 126 
GLN CD  NE2  sing N N 127 
GLN NE2 HE21 sing N N 128 
GLN NE2 HE22 sing N N 129 
GLN OXT HXT  sing N N 130 
GLU N   CA   sing N N 131 
GLU N   H    sing N N 132 
GLU N   H2   sing N N 133 
GLU CA  C    sing N N 134 
GLU CA  CB   sing N N 135 
GLU CA  HA   sing N N 136 
GLU C   O    doub N N 137 
GLU C   OXT  sing N N 138 
GLU CB  CG   sing N N 139 
GLU CB  HB2  sing N N 140 
GLU CB  HB3  sing N N 141 
GLU CG  CD   sing N N 142 
GLU CG  HG2  sing N N 143 
GLU CG  HG3  sing N N 144 
GLU CD  OE1  doub N N 145 
GLU CD  OE2  sing N N 146 
GLU OE2 HE2  sing N N 147 
GLU OXT HXT  sing N N 148 
GLY N   CA   sing N N 149 
GLY N   H    sing N N 150 
GLY N   H2   sing N N 151 
GLY CA  C    sing N N 152 
GLY CA  HA2  sing N N 153 
GLY CA  HA3  sing N N 154 
GLY C   O    doub N N 155 
GLY C   OXT  sing N N 156 
GLY OXT HXT  sing N N 157 
H0G O2  C8   doub N N 158 
H0G C10 C11  doub Y N 159 
H0G C10 C9   sing Y N 160 
H0G C11 O1   sing Y N 161 
H0G C8  C7   sing N N 162 
H0G C8  N1   sing N N 163 
H0G C7  C6   sing N N 164 
H0G C9  N1   sing N N 165 
H0G C9  N2   doub Y N 166 
H0G O1  N2   sing Y N 167 
H0G C5  C6   doub Y N 168 
H0G C5  C4   sing Y N 169 
H0G C6  C12  sing Y N 170 
H0G C4  C3   doub Y N 171 
H0G C12 C2   doub Y N 172 
H0G C3  C2   sing Y N 173 
H0G C2  C1   sing N N 174 
H0G N1  H1   sing N N 175 
H0G C4  H2   sing N N 176 
H0G C5  H3   sing N N 177 
H0G C7  H4   sing N N 178 
H0G C7  H5   sing N N 179 
H0G C10 H6   sing N N 180 
H0G C1  H7   sing N N 181 
H0G C1  H8   sing N N 182 
H0G C1  H9   sing N N 183 
H0G C3  H10  sing N N 184 
H0G C11 H11  sing N N 185 
H0G C12 H12  sing N N 186 
HIS N   CA   sing N N 187 
HIS N   H    sing N N 188 
HIS N   H2   sing N N 189 
HIS CA  C    sing N N 190 
HIS CA  CB   sing N N 191 
HIS CA  HA   sing N N 192 
HIS C   O    doub N N 193 
HIS C   OXT  sing N N 194 
HIS CB  CG   sing N N 195 
HIS CB  HB2  sing N N 196 
HIS CB  HB3  sing N N 197 
HIS CG  ND1  sing Y N 198 
HIS CG  CD2  doub Y N 199 
HIS ND1 CE1  doub Y N 200 
HIS ND1 HD1  sing N N 201 
HIS CD2 NE2  sing Y N 202 
HIS CD2 HD2  sing N N 203 
HIS CE1 NE2  sing Y N 204 
HIS CE1 HE1  sing N N 205 
HIS NE2 HE2  sing N N 206 
HIS OXT HXT  sing N N 207 
HOH O   H1   sing N N 208 
HOH O   H2   sing N N 209 
HYP N   CA   sing N N 210 
HYP N   CD   sing N N 211 
HYP N   H    sing N N 212 
HYP CA  C    sing N N 213 
HYP CA  CB   sing N N 214 
HYP CA  HA   sing N N 215 
HYP C   O    doub N N 216 
HYP C   OXT  sing N N 217 
HYP CB  CG   sing N N 218 
HYP CB  HB2  sing N N 219 
HYP CB  HB3  sing N N 220 
HYP CG  CD   sing N N 221 
HYP CG  OD1  sing N N 222 
HYP CG  HG   sing N N 223 
HYP CD  HD22 sing N N 224 
HYP CD  HD23 sing N N 225 
HYP OD1 HD1  sing N N 226 
HYP OXT HXT  sing N N 227 
ILE N   CA   sing N N 228 
ILE N   H    sing N N 229 
ILE N   H2   sing N N 230 
ILE CA  C    sing N N 231 
ILE CA  CB   sing N N 232 
ILE CA  HA   sing N N 233 
ILE C   O    doub N N 234 
ILE C   OXT  sing N N 235 
ILE CB  CG1  sing N N 236 
ILE CB  CG2  sing N N 237 
ILE CB  HB   sing N N 238 
ILE CG1 CD1  sing N N 239 
ILE CG1 HG12 sing N N 240 
ILE CG1 HG13 sing N N 241 
ILE CG2 HG21 sing N N 242 
ILE CG2 HG22 sing N N 243 
ILE CG2 HG23 sing N N 244 
ILE CD1 HD11 sing N N 245 
ILE CD1 HD12 sing N N 246 
ILE CD1 HD13 sing N N 247 
ILE OXT HXT  sing N N 248 
LEU N   CA   sing N N 249 
LEU N   H    sing N N 250 
LEU N   H2   sing N N 251 
LEU CA  C    sing N N 252 
LEU CA  CB   sing N N 253 
LEU CA  HA   sing N N 254 
LEU C   O    doub N N 255 
LEU C   OXT  sing N N 256 
LEU CB  CG   sing N N 257 
LEU CB  HB2  sing N N 258 
LEU CB  HB3  sing N N 259 
LEU CG  CD1  sing N N 260 
LEU CG  CD2  sing N N 261 
LEU CG  HG   sing N N 262 
LEU CD1 HD11 sing N N 263 
LEU CD1 HD12 sing N N 264 
LEU CD1 HD13 sing N N 265 
LEU CD2 HD21 sing N N 266 
LEU CD2 HD22 sing N N 267 
LEU CD2 HD23 sing N N 268 
LEU OXT HXT  sing N N 269 
LYS N   CA   sing N N 270 
LYS N   H    sing N N 271 
LYS N   H2   sing N N 272 
LYS CA  C    sing N N 273 
LYS CA  CB   sing N N 274 
LYS CA  HA   sing N N 275 
LYS C   O    doub N N 276 
LYS C   OXT  sing N N 277 
LYS CB  CG   sing N N 278 
LYS CB  HB2  sing N N 279 
LYS CB  HB3  sing N N 280 
LYS CG  CD   sing N N 281 
LYS CG  HG2  sing N N 282 
LYS CG  HG3  sing N N 283 
LYS CD  CE   sing N N 284 
LYS CD  HD2  sing N N 285 
LYS CD  HD3  sing N N 286 
LYS CE  NZ   sing N N 287 
LYS CE  HE2  sing N N 288 
LYS CE  HE3  sing N N 289 
LYS NZ  HZ1  sing N N 290 
LYS NZ  HZ2  sing N N 291 
LYS NZ  HZ3  sing N N 292 
LYS OXT HXT  sing N N 293 
MET N   CA   sing N N 294 
MET N   H    sing N N 295 
MET N   H2   sing N N 296 
MET CA  C    sing N N 297 
MET CA  CB   sing N N 298 
MET CA  HA   sing N N 299 
MET C   O    doub N N 300 
MET C   OXT  sing N N 301 
MET CB  CG   sing N N 302 
MET CB  HB2  sing N N 303 
MET CB  HB3  sing N N 304 
MET CG  SD   sing N N 305 
MET CG  HG2  sing N N 306 
MET CG  HG3  sing N N 307 
MET SD  CE   sing N N 308 
MET CE  HE1  sing N N 309 
MET CE  HE2  sing N N 310 
MET CE  HE3  sing N N 311 
MET OXT HXT  sing N N 312 
PHE N   CA   sing N N 313 
PHE N   H    sing N N 314 
PHE N   H2   sing N N 315 
PHE CA  C    sing N N 316 
PHE CA  CB   sing N N 317 
PHE CA  HA   sing N N 318 
PHE C   O    doub N N 319 
PHE C   OXT  sing N N 320 
PHE CB  CG   sing N N 321 
PHE CB  HB2  sing N N 322 
PHE CB  HB3  sing N N 323 
PHE CG  CD1  doub Y N 324 
PHE CG  CD2  sing Y N 325 
PHE CD1 CE1  sing Y N 326 
PHE CD1 HD1  sing N N 327 
PHE CD2 CE2  doub Y N 328 
PHE CD2 HD2  sing N N 329 
PHE CE1 CZ   doub Y N 330 
PHE CE1 HE1  sing N N 331 
PHE CE2 CZ   sing Y N 332 
PHE CE2 HE2  sing N N 333 
PHE CZ  HZ   sing N N 334 
PHE OXT HXT  sing N N 335 
PRO N   CA   sing N N 336 
PRO N   CD   sing N N 337 
PRO N   H    sing N N 338 
PRO CA  C    sing N N 339 
PRO CA  CB   sing N N 340 
PRO CA  HA   sing N N 341 
PRO C   O    doub N N 342 
PRO C   OXT  sing N N 343 
PRO CB  CG   sing N N 344 
PRO CB  HB2  sing N N 345 
PRO CB  HB3  sing N N 346 
PRO CG  CD   sing N N 347 
PRO CG  HG2  sing N N 348 
PRO CG  HG3  sing N N 349 
PRO CD  HD2  sing N N 350 
PRO CD  HD3  sing N N 351 
PRO OXT HXT  sing N N 352 
SER N   CA   sing N N 353 
SER N   H    sing N N 354 
SER N   H2   sing N N 355 
SER CA  C    sing N N 356 
SER CA  CB   sing N N 357 
SER CA  HA   sing N N 358 
SER C   O    doub N N 359 
SER C   OXT  sing N N 360 
SER CB  OG   sing N N 361 
SER CB  HB2  sing N N 362 
SER CB  HB3  sing N N 363 
SER OG  HG   sing N N 364 
SER OXT HXT  sing N N 365 
THR N   CA   sing N N 366 
THR N   H    sing N N 367 
THR N   H2   sing N N 368 
THR CA  C    sing N N 369 
THR CA  CB   sing N N 370 
THR CA  HA   sing N N 371 
THR C   O    doub N N 372 
THR C   OXT  sing N N 373 
THR CB  OG1  sing N N 374 
THR CB  CG2  sing N N 375 
THR CB  HB   sing N N 376 
THR OG1 HG1  sing N N 377 
THR CG2 HG21 sing N N 378 
THR CG2 HG22 sing N N 379 
THR CG2 HG23 sing N N 380 
THR OXT HXT  sing N N 381 
TYR N   CA   sing N N 382 
TYR N   H    sing N N 383 
TYR N   H2   sing N N 384 
TYR CA  C    sing N N 385 
TYR CA  CB   sing N N 386 
TYR CA  HA   sing N N 387 
TYR C   O    doub N N 388 
TYR C   OXT  sing N N 389 
TYR CB  CG   sing N N 390 
TYR CB  HB2  sing N N 391 
TYR CB  HB3  sing N N 392 
TYR CG  CD1  doub Y N 393 
TYR CG  CD2  sing Y N 394 
TYR CD1 CE1  sing Y N 395 
TYR CD1 HD1  sing N N 396 
TYR CD2 CE2  doub Y N 397 
TYR CD2 HD2  sing N N 398 
TYR CE1 CZ   doub Y N 399 
TYR CE1 HE1  sing N N 400 
TYR CE2 CZ   sing Y N 401 
TYR CE2 HE2  sing N N 402 
TYR CZ  OH   sing N N 403 
TYR OH  HH   sing N N 404 
TYR OXT HXT  sing N N 405 
VAL N   CA   sing N N 406 
VAL N   H    sing N N 407 
VAL N   H2   sing N N 408 
VAL CA  C    sing N N 409 
VAL CA  CB   sing N N 410 
VAL CA  HA   sing N N 411 
VAL C   O    doub N N 412 
VAL C   OXT  sing N N 413 
VAL CB  CG1  sing N N 414 
VAL CB  CG2  sing N N 415 
VAL CB  HB   sing N N 416 
VAL CG1 HG11 sing N N 417 
VAL CG1 HG12 sing N N 418 
VAL CG1 HG13 sing N N 419 
VAL CG2 HG21 sing N N 420 
VAL CG2 HG22 sing N N 421 
VAL CG2 HG23 sing N N 422 
VAL OXT HXT  sing N N 423 
# 
_pdbx_deposit_group.group_id            G_1002045 
_pdbx_deposit_group.group_description   
;human NUDT7 screened against the 3D-Fragment Consortium Library by X-ray Crystallography at the XChem facility of Diamond Light Source beamline I04-1
;
_pdbx_deposit_group.group_title         'PanDDA analysis group deposition of models with modelled events (e.g. bound ligands)' 
_pdbx_deposit_group.group_type          'changed state' 
# 
loop_
_pdbx_entity_nonpoly.entity_id 
_pdbx_entity_nonpoly.name 
_pdbx_entity_nonpoly.comp_id 
2 'ACETATE ION'                                     ACT 
3 'DIMETHYL SULFOXIDE'                              DMS 
4 '2-(3-methylphenyl)-N-(1,2-oxazol-3-yl)acetamide' H0G 
5 water                                             HOH 
# 
_pdbx_related_exp_data_set.ordinal              1 
_pdbx_related_exp_data_set.data_reference       10.5281/zenodo.1244111 
_pdbx_related_exp_data_set.metadata_reference   10.5281/zenodo.1244111 
_pdbx_related_exp_data_set.data_set_type        'other data' 
_pdbx_related_exp_data_set.details              'Complete PanDDA analysis' 
# 
